data_5XZD
#
_entry.id   5XZD
#
_cell.length_a   127.810
_cell.length_b   119.453
_cell.length_c   120.276
_cell.angle_alpha   90.00
_cell.angle_beta   102.77
_cell.angle_gamma   90.00
#
_symmetry.space_group_name_H-M   'C 1 2 1'
#
loop_
_entity.id
_entity.type
_entity.pdbx_description
1 polymer 'Enoyl-CoA hydratase'
2 non-polymer 'ACETIC ACID'
3 water water
#
_entity_poly.entity_id   1
_entity_poly.type   'polypeptide(L)'
_entity_poly.pdbx_seq_one_letter_code
;MAYETIIVEVEDHVALITLNRPDALNALNDQLLSELVKALEDAQNNDKVRCIVITGSEKAFAAGADIKMMSEKSFVDVFA
GDLFGPEAEGIMRIRKPIIAAVSGYALGGGCELAMMCDFIICSDTAKFGQPEINLGVIAGMGGSQRLTRFIGKSKSMDMN
LTGRFMDAEEAERSGLVSRVVPAKKLMEETMTAAQKIAEKSMIAVMAVKEAVNRSYEVPLREGLLFERRVFQSLFATEDQ
KEGMSAFAEKREAQFRDK
;
_entity_poly.pdbx_strand_id   A,B,C,D,E,F
#
# COMPACT_ATOMS: atom_id res chain seq x y z
N TYR A 3 -22.72 -9.41 -34.08
CA TYR A 3 -22.80 -8.24 -33.19
C TYR A 3 -23.36 -7.04 -33.93
N GLU A 4 -24.08 -6.18 -33.20
CA GLU A 4 -24.68 -5.02 -33.83
C GLU A 4 -23.75 -3.82 -33.87
N THR A 5 -22.92 -3.63 -32.84
CA THR A 5 -22.13 -2.41 -32.74
C THR A 5 -20.63 -2.64 -32.86
N ILE A 6 -20.18 -3.89 -32.95
CA ILE A 6 -18.77 -4.19 -33.13
C ILE A 6 -18.63 -5.25 -34.20
N ILE A 7 -17.42 -5.38 -34.72
CA ILE A 7 -17.03 -6.42 -35.67
C ILE A 7 -15.87 -7.19 -35.06
N VAL A 8 -15.90 -8.51 -35.16
CA VAL A 8 -14.84 -9.36 -34.63
C VAL A 8 -14.28 -10.21 -35.77
N GLU A 9 -12.97 -10.14 -35.99
CA GLU A 9 -12.30 -10.95 -37.00
C GLU A 9 -11.04 -11.57 -36.40
N VAL A 10 -10.94 -12.89 -36.45
CA VAL A 10 -9.75 -13.60 -36.00
C VAL A 10 -8.90 -13.97 -37.23
N GLU A 11 -7.64 -13.56 -37.22
CA GLU A 11 -6.67 -13.93 -38.24
C GLU A 11 -5.34 -14.19 -37.58
N ASP A 12 -4.72 -15.33 -37.87
CA ASP A 12 -3.35 -15.63 -37.44
C ASP A 12 -3.19 -15.46 -35.93
N HIS A 13 -4.16 -15.99 -35.18
CA HIS A 13 -4.18 -15.99 -33.72
C HIS A 13 -4.40 -14.61 -33.11
N VAL A 14 -4.84 -13.62 -33.90
CA VAL A 14 -5.13 -12.27 -33.41
C VAL A 14 -6.61 -12.00 -33.62
N ALA A 15 -7.34 -11.73 -32.53
CA ALA A 15 -8.72 -11.27 -32.61
C ALA A 15 -8.72 -9.74 -32.74
N LEU A 16 -9.16 -9.25 -33.90
CA LEU A 16 -9.35 -7.82 -34.11
C LEU A 16 -10.79 -7.46 -33.81
N ILE A 17 -11.00 -6.59 -32.83
CA ILE A 17 -12.33 -6.11 -32.46
C ILE A 17 -12.43 -4.67 -32.92
N THR A 18 -13.36 -4.39 -33.83
CA THR A 18 -13.52 -3.05 -34.39
C THR A 18 -14.84 -2.45 -33.90
N LEU A 19 -14.76 -1.31 -33.21
CA LEU A 19 -15.98 -0.61 -32.79
C LEU A 19 -16.67 -0.06 -34.04
N ASN A 20 -17.99 -0.30 -34.15
CA ASN A 20 -18.72 -0.01 -35.38
C ASN A 20 -20.02 0.74 -35.08
N ARG A 21 -19.87 1.94 -34.52
CA ARG A 21 -20.95 2.93 -34.42
C ARG A 21 -20.50 4.20 -35.13
N PRO A 22 -20.21 4.13 -36.43
CA PRO A 22 -19.56 5.26 -37.11
C PRO A 22 -20.38 6.54 -37.09
N ASP A 23 -21.71 6.44 -37.16
CA ASP A 23 -22.55 7.63 -37.07
C ASP A 23 -22.34 8.38 -35.76
N ALA A 24 -21.97 7.68 -34.70
CA ALA A 24 -21.78 8.26 -33.38
C ALA A 24 -20.32 8.41 -33.00
N LEU A 25 -19.42 8.37 -33.99
CA LEU A 25 -17.98 8.41 -33.77
C LEU A 25 -17.56 7.38 -32.71
N ASN A 26 -18.21 6.22 -32.75
CA ASN A 26 -17.90 5.07 -31.91
C ASN A 26 -18.04 5.38 -30.42
N ALA A 27 -18.93 6.32 -30.10
CA ALA A 27 -19.22 6.60 -28.71
C ALA A 27 -19.65 5.31 -28.00
N LEU A 28 -19.16 5.13 -26.79
CA LEU A 28 -19.58 3.96 -26.03
C LEU A 28 -21.05 4.13 -25.65
N ASN A 29 -21.78 3.02 -25.67
CA ASN A 29 -23.12 3.01 -25.11
C ASN A 29 -23.33 1.66 -24.45
N ASP A 30 -24.53 1.45 -23.91
CA ASP A 30 -24.80 0.23 -23.17
C ASP A 30 -24.63 -1.00 -24.05
N GLN A 31 -25.16 -0.95 -25.28
CA GLN A 31 -25.08 -2.10 -26.16
C GLN A 31 -23.63 -2.39 -26.54
N LEU A 32 -22.90 -1.35 -26.96
CA LEU A 32 -21.51 -1.55 -27.39
C LEU A 32 -20.67 -2.13 -26.24
N LEU A 33 -20.82 -1.61 -25.02
CA LEU A 33 -20.02 -2.12 -23.91
C LEU A 33 -20.36 -3.58 -23.62
N SER A 34 -21.63 -3.94 -23.73
CA SER A 34 -22.04 -5.31 -23.48
C SER A 34 -21.46 -6.26 -24.53
N GLU A 35 -21.58 -5.88 -25.81
CA GLU A 35 -21.02 -6.72 -26.86
C GLU A 35 -19.50 -6.78 -26.77
N LEU A 36 -18.86 -5.65 -26.44
CA LEU A 36 -17.40 -5.64 -26.35
C LEU A 36 -16.92 -6.64 -25.29
N VAL A 37 -17.52 -6.60 -24.10
CA VAL A 37 -17.08 -7.50 -23.03
C VAL A 37 -17.36 -8.95 -23.42
N LYS A 38 -18.52 -9.21 -24.02
CA LYS A 38 -18.78 -10.56 -24.52
C LYS A 38 -17.72 -10.99 -25.52
N ALA A 39 -17.34 -10.10 -26.43
CA ALA A 39 -16.36 -10.47 -27.45
C ALA A 39 -15.00 -10.74 -26.84
N LEU A 40 -14.60 -9.95 -25.84
CA LEU A 40 -13.33 -10.19 -25.15
C LEU A 40 -13.35 -11.52 -24.41
N GLU A 41 -14.46 -11.84 -23.74
CA GLU A 41 -14.54 -13.11 -23.02
C GLU A 41 -14.49 -14.29 -23.98
N ASP A 42 -15.17 -14.18 -25.14
CA ASP A 42 -15.04 -15.19 -26.17
C ASP A 42 -13.60 -15.36 -26.62
N ALA A 43 -12.92 -14.24 -26.87
CA ALA A 43 -11.52 -14.30 -27.31
C ALA A 43 -10.64 -14.93 -26.24
N GLN A 44 -10.90 -14.61 -24.97
CA GLN A 44 -10.18 -15.25 -23.86
C GLN A 44 -10.33 -16.76 -23.88
N ASN A 45 -11.56 -17.25 -24.11
CA ASN A 45 -11.83 -18.69 -24.14
C ASN A 45 -11.49 -19.34 -25.47
N ASN A 46 -11.01 -18.59 -26.46
CA ASN A 46 -10.74 -19.12 -27.79
C ASN A 46 -9.25 -19.46 -27.86
N ASP A 47 -8.93 -20.76 -27.80
CA ASP A 47 -7.54 -21.21 -27.78
C ASP A 47 -6.80 -20.83 -29.06
N LYS A 48 -7.52 -20.50 -30.13
CA LYS A 48 -6.86 -19.96 -31.32
C LYS A 48 -6.29 -18.58 -31.08
N VAL A 49 -6.89 -17.80 -30.18
CA VAL A 49 -6.53 -16.40 -29.99
C VAL A 49 -5.39 -16.29 -28.99
N ARG A 50 -4.31 -15.62 -29.39
CA ARG A 50 -3.19 -15.35 -28.51
C ARG A 50 -2.98 -13.87 -28.21
N CYS A 51 -3.63 -12.98 -28.96
CA CYS A 51 -3.53 -11.54 -28.72
C CYS A 51 -4.80 -10.88 -29.26
N ILE A 52 -5.20 -9.79 -28.62
CA ILE A 52 -6.42 -9.06 -28.97
C ILE A 52 -6.02 -7.65 -29.38
N VAL A 53 -6.73 -7.10 -30.37
CA VAL A 53 -6.55 -5.71 -30.80
C VAL A 53 -7.93 -5.07 -30.81
N ILE A 54 -8.05 -3.89 -30.22
CA ILE A 54 -9.27 -3.09 -30.29
C ILE A 54 -8.99 -1.86 -31.12
N THR A 55 -9.90 -1.54 -32.05
CA THR A 55 -9.75 -0.31 -32.81
C THR A 55 -11.13 0.24 -33.14
N GLY A 56 -11.16 1.50 -33.59
CA GLY A 56 -12.38 2.14 -34.05
C GLY A 56 -12.30 2.43 -35.54
N SER A 57 -12.72 3.62 -35.94
CA SER A 57 -12.61 4.08 -37.31
C SER A 57 -11.40 4.99 -37.47
N GLU A 58 -11.13 5.38 -38.72
CA GLU A 58 -10.06 6.36 -38.95
C GLU A 58 -10.39 7.69 -38.28
N LYS A 59 -11.67 8.04 -38.19
CA LYS A 59 -12.04 9.32 -37.57
C LYS A 59 -12.06 9.26 -36.05
N ALA A 60 -12.40 8.12 -35.46
CA ALA A 60 -12.55 8.05 -34.00
C ALA A 60 -12.37 6.62 -33.50
N PHE A 61 -11.40 6.43 -32.60
CA PHE A 61 -11.36 5.22 -31.79
C PHE A 61 -12.67 5.06 -31.01
N ALA A 62 -13.02 6.10 -30.24
CA ALA A 62 -14.25 6.17 -29.46
C ALA A 62 -14.34 7.58 -28.91
N ALA A 63 -15.30 8.37 -29.40
CA ALA A 63 -15.32 9.81 -29.15
C ALA A 63 -15.94 10.19 -27.82
N GLY A 64 -16.25 9.23 -26.98
CA GLY A 64 -16.87 9.52 -25.71
C GLY A 64 -17.77 8.39 -25.31
N ALA A 65 -18.62 8.68 -24.34
CA ALA A 65 -19.64 7.77 -23.87
C ALA A 65 -20.99 8.45 -24.06
N ASP A 66 -21.99 7.68 -24.48
CA ASP A 66 -23.29 8.25 -24.77
C ASP A 66 -23.90 8.80 -23.49
N ILE A 67 -24.42 10.03 -23.58
CA ILE A 67 -24.98 10.69 -22.40
C ILE A 67 -26.16 9.89 -21.84
N LYS A 68 -26.85 9.12 -22.69
CA LYS A 68 -27.97 8.32 -22.24
C LYS A 68 -27.55 7.19 -21.30
N MET A 69 -26.27 6.83 -21.28
CA MET A 69 -25.79 5.85 -20.31
C MET A 69 -25.89 6.36 -18.88
N MET A 70 -25.92 7.68 -18.69
CA MET A 70 -25.96 8.28 -17.37
C MET A 70 -27.23 9.07 -17.09
N SER A 71 -27.88 9.60 -18.12
CA SER A 71 -29.09 10.40 -17.89
C SER A 71 -30.22 9.52 -17.35
N GLU A 72 -31.18 10.17 -16.70
CA GLU A 72 -32.37 9.51 -16.17
C GLU A 72 -32.05 8.53 -15.06
N LYS A 73 -31.03 8.82 -14.25
CA LYS A 73 -30.62 7.93 -13.17
C LYS A 73 -30.41 8.70 -11.89
N SER A 74 -30.88 8.13 -10.78
CA SER A 74 -30.65 8.68 -9.45
C SER A 74 -29.40 8.06 -8.84
N PHE A 75 -29.00 8.58 -7.67
CA PHE A 75 -27.87 7.98 -6.97
C PHE A 75 -28.15 6.51 -6.63
N VAL A 76 -29.35 6.21 -6.16
CA VAL A 76 -29.66 4.82 -5.83
C VAL A 76 -29.50 3.94 -7.05
N ASP A 77 -30.01 4.38 -8.21
CA ASP A 77 -29.82 3.64 -9.46
C ASP A 77 -28.35 3.33 -9.71
N VAL A 78 -27.50 4.37 -9.70
CA VAL A 78 -26.12 4.15 -10.12
C VAL A 78 -25.31 3.42 -9.04
N PHE A 79 -25.67 3.59 -7.76
CA PHE A 79 -24.95 2.88 -6.70
C PHE A 79 -25.39 1.43 -6.61
N ALA A 80 -26.71 1.21 -6.51
CA ALA A 80 -27.23 -0.16 -6.45
C ALA A 80 -26.91 -0.94 -7.72
N GLY A 81 -26.93 -0.28 -8.88
CA GLY A 81 -26.55 -0.95 -10.10
C GLY A 81 -25.05 -0.97 -10.38
N ASP A 82 -24.29 -0.23 -9.58
CA ASP A 82 -22.83 -0.07 -9.73
C ASP A 82 -22.46 0.36 -11.15
N LEU A 83 -22.97 1.52 -11.54
CA LEU A 83 -22.80 2.01 -12.91
C LEU A 83 -21.32 2.04 -13.28
N PHE A 84 -20.99 1.35 -14.38
CA PHE A 84 -19.67 1.22 -15.02
C PHE A 84 -18.74 0.26 -14.28
N GLY A 85 -19.17 -0.36 -13.20
CA GLY A 85 -18.35 -1.32 -12.48
C GLY A 85 -18.15 -2.62 -13.24
N PRO A 86 -19.25 -3.35 -13.51
CA PRO A 86 -19.11 -4.65 -14.21
C PRO A 86 -18.38 -4.55 -15.54
N GLU A 87 -18.60 -3.48 -16.31
CA GLU A 87 -17.97 -3.35 -17.62
C GLU A 87 -16.46 -3.20 -17.50
N ALA A 88 -16.01 -2.37 -16.55
CA ALA A 88 -14.58 -2.22 -16.32
C ALA A 88 -13.97 -3.54 -15.85
N GLU A 89 -14.64 -4.22 -14.91
CA GLU A 89 -14.11 -5.49 -14.40
C GLU A 89 -14.02 -6.54 -15.51
N GLY A 90 -14.98 -6.53 -16.44
CA GLY A 90 -14.95 -7.50 -17.53
C GLY A 90 -13.75 -7.32 -18.45
N ILE A 91 -13.32 -6.09 -18.65
CA ILE A 91 -12.12 -5.84 -19.46
C ILE A 91 -10.87 -6.19 -18.69
N MET A 92 -10.81 -5.82 -17.40
CA MET A 92 -9.61 -6.01 -16.59
C MET A 92 -9.34 -7.48 -16.30
N ARG A 93 -10.36 -8.33 -16.32
CA ARG A 93 -10.14 -9.74 -16.01
C ARG A 93 -9.53 -10.52 -17.16
N ILE A 94 -9.46 -9.95 -18.37
CA ILE A 94 -8.93 -10.69 -19.51
C ILE A 94 -7.44 -10.92 -19.31
N ARG A 95 -7.00 -12.17 -19.44
CA ARG A 95 -5.60 -12.49 -19.16
C ARG A 95 -4.70 -12.39 -20.39
N LYS A 96 -5.27 -12.55 -21.59
CA LYS A 96 -4.51 -12.36 -22.83
C LYS A 96 -4.28 -10.87 -23.10
N PRO A 97 -3.22 -10.52 -23.83
CA PRO A 97 -2.94 -9.10 -24.06
C PRO A 97 -3.94 -8.47 -25.00
N ILE A 98 -4.14 -7.16 -24.81
CA ILE A 98 -5.04 -6.35 -25.63
C ILE A 98 -4.27 -5.09 -26.05
N ILE A 99 -4.14 -4.88 -27.36
CA ILE A 99 -3.54 -3.66 -27.90
C ILE A 99 -4.66 -2.75 -28.39
N ALA A 100 -4.60 -1.47 -28.01
CA ALA A 100 -5.46 -0.44 -28.56
C ALA A 100 -4.77 0.23 -29.74
N ALA A 101 -5.38 0.13 -30.93
CA ALA A 101 -4.94 0.88 -32.11
C ALA A 101 -5.85 2.09 -32.25
N VAL A 102 -5.33 3.27 -31.91
CA VAL A 102 -6.12 4.49 -31.73
C VAL A 102 -5.89 5.41 -32.91
N SER A 103 -6.95 5.74 -33.63
CA SER A 103 -6.90 6.80 -34.63
C SER A 103 -7.94 7.85 -34.30
N GLY A 104 -7.60 9.12 -34.55
CA GLY A 104 -8.58 10.18 -34.31
C GLY A 104 -8.95 10.30 -32.84
N TYR A 105 -10.24 10.55 -32.57
CA TYR A 105 -10.69 10.84 -31.21
C TYR A 105 -10.73 9.60 -30.32
N ALA A 106 -10.12 9.71 -29.14
CA ALA A 106 -10.27 8.76 -28.03
C ALA A 106 -10.50 9.63 -26.81
N LEU A 107 -11.78 9.89 -26.51
CA LEU A 107 -12.17 10.90 -25.54
C LEU A 107 -13.06 10.29 -24.48
N GLY A 108 -12.88 10.72 -23.24
CA GLY A 108 -13.81 10.32 -22.20
C GLY A 108 -13.70 8.82 -21.96
N GLY A 109 -14.85 8.15 -21.97
CA GLY A 109 -14.85 6.70 -21.91
C GLY A 109 -13.95 6.06 -22.95
N GLY A 110 -13.77 6.71 -24.10
CA GLY A 110 -12.92 6.14 -25.14
C GLY A 110 -11.45 6.24 -24.81
N CYS A 111 -11.04 7.34 -24.18
CA CYS A 111 -9.69 7.42 -23.62
C CYS A 111 -9.48 6.38 -22.53
N GLU A 112 -10.48 6.20 -21.67
CA GLU A 112 -10.38 5.23 -20.58
C GLU A 112 -10.29 3.80 -21.11
N LEU A 113 -11.03 3.50 -22.18
CA LEU A 113 -10.91 2.19 -22.80
C LEU A 113 -9.48 1.97 -23.31
N ALA A 114 -8.94 2.95 -24.03
CA ALA A 114 -7.56 2.79 -24.53
C ALA A 114 -6.58 2.54 -23.39
N MET A 115 -6.78 3.21 -22.25
CA MET A 115 -5.86 3.05 -21.11
C MET A 115 -6.06 1.72 -20.39
N MET A 116 -7.25 1.12 -20.48
CA MET A 116 -7.45 -0.21 -19.91
C MET A 116 -6.75 -1.29 -20.73
N CYS A 117 -6.53 -1.04 -22.03
CA CYS A 117 -5.75 -1.96 -22.84
C CYS A 117 -4.31 -1.99 -22.35
N ASP A 118 -3.59 -3.03 -22.76
CA ASP A 118 -2.25 -3.23 -22.20
C ASP A 118 -1.25 -2.23 -22.76
N PHE A 119 -1.35 -1.85 -24.04
CA PHE A 119 -0.63 -0.67 -24.50
C PHE A 119 -1.33 -0.09 -25.73
N ILE A 120 -0.96 1.13 -26.07
CA ILE A 120 -1.56 1.87 -27.18
C ILE A 120 -0.52 2.06 -28.28
N ILE A 121 -0.94 1.82 -29.52
CA ILE A 121 -0.28 2.34 -30.71
C ILE A 121 -1.27 3.28 -31.38
N CYS A 122 -0.85 4.52 -31.65
CA CYS A 122 -1.79 5.50 -32.20
C CYS A 122 -1.26 6.09 -33.50
N SER A 123 -2.18 6.63 -34.30
CA SER A 123 -1.81 7.39 -35.47
C SER A 123 -1.46 8.84 -35.08
N ASP A 124 -0.77 9.53 -35.98
CA ASP A 124 -0.44 10.92 -35.70
C ASP A 124 -1.66 11.84 -35.70
N THR A 125 -2.85 11.33 -35.99
CA THR A 125 -4.08 12.11 -35.86
C THR A 125 -4.78 11.91 -34.52
N ALA A 126 -4.30 11.01 -33.67
CA ALA A 126 -4.98 10.70 -32.41
C ALA A 126 -5.10 11.93 -31.53
N LYS A 127 -6.26 12.07 -30.89
CA LYS A 127 -6.49 13.13 -29.92
C LYS A 127 -7.11 12.49 -28.69
N PHE A 128 -6.46 12.64 -27.54
CA PHE A 128 -6.94 12.10 -26.27
C PHE A 128 -7.50 13.20 -25.38
N GLY A 129 -8.39 12.83 -24.47
CA GLY A 129 -8.96 13.79 -23.54
C GLY A 129 -9.92 13.13 -22.57
N GLN A 130 -10.17 13.84 -21.47
CA GLN A 130 -11.11 13.42 -20.43
C GLN A 130 -12.05 14.60 -20.17
N PRO A 131 -13.05 14.79 -21.02
CA PRO A 131 -13.89 16.00 -20.89
C PRO A 131 -15.12 15.78 -20.03
N GLU A 132 -15.14 14.70 -19.24
CA GLU A 132 -16.28 14.43 -18.36
C GLU A 132 -16.67 15.64 -17.52
N ILE A 133 -15.67 16.43 -17.09
CA ILE A 133 -15.97 17.58 -16.23
C ILE A 133 -16.90 18.57 -16.93
N ASN A 134 -16.91 18.57 -18.25
CA ASN A 134 -17.83 19.45 -18.99
C ASN A 134 -19.29 19.13 -18.70
N LEU A 135 -19.60 17.92 -18.23
CA LEU A 135 -20.96 17.48 -17.99
C LEU A 135 -21.35 17.53 -16.53
N GLY A 136 -20.49 18.05 -15.66
CA GLY A 136 -20.80 18.02 -14.23
C GLY A 136 -20.49 16.70 -13.56
N VAL A 137 -19.86 15.77 -14.26
CA VAL A 137 -19.42 14.54 -13.60
C VAL A 137 -17.91 14.44 -13.76
N ILE A 138 -17.36 13.26 -13.48
CA ILE A 138 -15.92 13.01 -13.55
C ILE A 138 -15.70 11.68 -14.25
N ALA A 139 -14.44 11.41 -14.57
CA ALA A 139 -14.04 10.08 -15.03
C ALA A 139 -14.62 9.01 -14.12
N GLY A 140 -15.23 7.98 -14.72
CA GLY A 140 -15.80 6.88 -13.96
C GLY A 140 -15.28 5.50 -14.33
N MET A 141 -14.33 5.45 -15.28
CA MET A 141 -13.69 4.20 -15.66
C MET A 141 -12.18 4.35 -15.71
N GLY A 142 -11.60 5.05 -14.74
CA GLY A 142 -10.16 5.07 -14.58
C GLY A 142 -9.43 6.29 -15.08
N GLY A 143 -10.15 7.28 -15.65
CA GLY A 143 -9.48 8.48 -16.17
C GLY A 143 -8.74 9.30 -15.11
N SER A 144 -9.17 9.25 -13.85
CA SER A 144 -8.45 9.97 -12.80
C SER A 144 -7.28 9.16 -12.25
N GLN A 145 -7.26 7.85 -12.51
CA GLN A 145 -6.29 6.91 -11.91
C GLN A 145 -5.19 6.52 -12.90
N ARG A 146 -5.57 5.95 -14.05
CA ARG A 146 -4.58 5.46 -15.01
C ARG A 146 -3.82 6.61 -15.65
N LEU A 147 -4.52 7.68 -16.02
CA LEU A 147 -3.83 8.81 -16.64
C LEU A 147 -2.75 9.35 -15.72
N THR A 148 -3.12 9.59 -14.45
CA THR A 148 -2.18 10.12 -13.47
C THR A 148 -0.98 9.20 -13.29
N ARG A 149 -1.21 7.93 -13.11
CA ARG A 149 -0.14 7.02 -12.88
C ARG A 149 0.76 6.83 -14.09
N PHE A 150 0.22 6.98 -15.27
CA PHE A 150 1.00 6.73 -16.48
C PHE A 150 1.77 7.96 -16.96
N ILE A 151 1.20 9.16 -16.82
CA ILE A 151 1.81 10.35 -17.41
C ILE A 151 2.19 11.42 -16.39
N GLY A 152 1.87 11.24 -15.10
CA GLY A 152 2.27 12.21 -14.10
C GLY A 152 1.12 13.13 -13.68
N LYS A 153 1.30 13.78 -12.52
CA LYS A 153 0.20 14.54 -11.92
C LYS A 153 -0.17 15.78 -12.74
N SER A 154 0.81 16.58 -13.17
CA SER A 154 0.48 17.85 -13.85
C SER A 154 -0.43 17.64 -15.04
N LYS A 155 -0.05 16.75 -15.96
CA LYS A 155 -0.83 16.61 -17.18
C LYS A 155 -2.18 15.94 -16.91
N SER A 156 -2.24 14.99 -15.97
CA SER A 156 -3.53 14.36 -15.66
C SER A 156 -4.47 15.34 -14.98
N MET A 157 -3.98 16.07 -13.98
CA MET A 157 -4.81 17.09 -13.33
C MET A 157 -5.33 18.08 -14.35
N ASP A 158 -4.45 18.58 -15.21
CA ASP A 158 -4.82 19.55 -16.24
C ASP A 158 -5.91 18.99 -17.15
N MET A 159 -5.70 17.78 -17.67
CA MET A 159 -6.70 17.19 -18.58
C MET A 159 -8.03 16.94 -17.88
N ASN A 160 -8.00 16.41 -16.65
CA ASN A 160 -9.25 16.08 -15.96
C ASN A 160 -9.99 17.34 -15.50
N LEU A 161 -9.27 18.43 -15.17
CA LEU A 161 -9.88 19.66 -14.68
C LEU A 161 -10.33 20.58 -15.83
N THR A 162 -9.52 20.72 -16.87
CA THR A 162 -9.85 21.64 -17.96
C THR A 162 -10.53 20.97 -19.13
N GLY A 163 -10.45 19.64 -19.22
CA GLY A 163 -10.95 18.96 -20.41
C GLY A 163 -10.11 19.13 -21.66
N ARG A 164 -8.88 19.60 -21.55
CA ARG A 164 -8.09 19.90 -22.73
C ARG A 164 -7.69 18.62 -23.44
N PHE A 165 -7.46 18.73 -24.75
CA PHE A 165 -7.06 17.55 -25.50
C PHE A 165 -5.54 17.40 -25.45
N MET A 166 -5.09 16.19 -25.74
CA MET A 166 -3.68 15.86 -25.86
C MET A 166 -3.45 15.23 -27.23
N ASP A 167 -2.57 15.82 -28.05
CA ASP A 167 -2.38 15.28 -29.39
C ASP A 167 -1.44 14.08 -29.35
N ALA A 168 -1.27 13.43 -30.51
CA ALA A 168 -0.52 12.18 -30.55
C ALA A 168 0.93 12.38 -30.14
N GLU A 169 1.53 13.50 -30.53
CA GLU A 169 2.93 13.72 -30.18
C GLU A 169 3.10 13.88 -28.67
N GLU A 170 2.20 14.64 -28.02
CA GLU A 170 2.27 14.77 -26.56
C GLU A 170 1.96 13.45 -25.88
N ALA A 171 1.02 12.68 -26.41
CA ALA A 171 0.71 11.39 -25.81
C ALA A 171 1.94 10.47 -25.77
N GLU A 172 2.71 10.44 -26.85
CA GLU A 172 3.92 9.61 -26.86
C GLU A 172 4.99 10.17 -25.93
N ARG A 173 5.17 11.49 -25.95
CA ARG A 173 6.18 12.16 -25.14
C ARG A 173 5.89 11.99 -23.65
N SER A 174 4.62 11.90 -23.26
CA SER A 174 4.26 11.79 -21.86
C SER A 174 4.11 10.35 -21.38
N GLY A 175 4.16 9.37 -22.28
CA GLY A 175 4.06 7.97 -21.90
C GLY A 175 2.66 7.39 -21.96
N LEU A 176 1.68 8.16 -22.45
CA LEU A 176 0.32 7.64 -22.58
C LEU A 176 0.24 6.53 -23.64
N VAL A 177 1.01 6.67 -24.71
CA VAL A 177 1.03 5.66 -25.78
C VAL A 177 2.47 5.17 -25.95
N SER A 178 2.59 3.98 -26.50
CA SER A 178 3.92 3.43 -26.76
C SER A 178 4.47 3.90 -28.10
N ARG A 179 3.67 3.88 -29.17
CA ARG A 179 4.18 4.19 -30.50
C ARG A 179 3.21 5.09 -31.24
N VAL A 180 3.75 6.03 -32.03
CA VAL A 180 2.99 6.88 -32.94
C VAL A 180 3.47 6.63 -34.36
N VAL A 181 2.54 6.31 -35.27
CA VAL A 181 2.89 6.08 -36.66
C VAL A 181 1.95 6.89 -37.54
N PRO A 182 2.32 7.09 -38.81
CA PRO A 182 1.37 7.71 -39.75
C PRO A 182 0.08 6.91 -39.85
N ALA A 183 -1.01 7.64 -40.09
CA ALA A 183 -2.34 7.04 -40.21
C ALA A 183 -2.35 5.83 -41.16
N LYS A 184 -1.61 5.93 -42.27
CA LYS A 184 -1.61 4.86 -43.26
C LYS A 184 -0.98 3.58 -42.74
N LYS A 185 -0.13 3.64 -41.73
CA LYS A 185 0.55 2.46 -41.23
C LYS A 185 0.03 1.98 -39.88
N LEU A 186 -1.04 2.59 -39.36
CA LEU A 186 -1.48 2.28 -37.99
C LEU A 186 -1.81 0.79 -37.84
N MET A 187 -2.64 0.25 -38.72
CA MET A 187 -3.06 -1.12 -38.55
C MET A 187 -1.93 -2.10 -38.89
N GLU A 188 -1.05 -1.74 -39.82
CA GLU A 188 0.06 -2.62 -40.13
C GLU A 188 1.02 -2.71 -38.95
N GLU A 189 1.38 -1.55 -38.37
CA GLU A 189 2.23 -1.55 -37.18
C GLU A 189 1.61 -2.37 -36.06
N THR A 190 0.30 -2.20 -35.82
CA THR A 190 -0.36 -2.86 -34.69
C THR A 190 -0.50 -4.37 -34.93
N MET A 191 -0.98 -4.77 -36.11
CA MET A 191 -1.15 -6.20 -36.35
C MET A 191 0.19 -6.93 -36.36
N THR A 192 1.26 -6.25 -36.77
CA THR A 192 2.58 -6.87 -36.72
C THR A 192 3.06 -7.06 -35.29
N ALA A 193 2.83 -6.07 -34.41
CA ALA A 193 3.17 -6.26 -33.01
C ALA A 193 2.35 -7.40 -32.41
N ALA A 194 1.06 -7.46 -32.75
CA ALA A 194 0.20 -8.51 -32.22
C ALA A 194 0.64 -9.89 -32.71
N GLN A 195 1.05 -9.99 -33.98
CA GLN A 195 1.55 -11.28 -34.46
C GLN A 195 2.85 -11.66 -33.75
N LYS A 196 3.74 -10.70 -33.49
CA LYS A 196 4.94 -10.97 -32.71
C LYS A 196 4.59 -11.55 -31.35
N ILE A 197 3.58 -10.97 -30.68
CA ILE A 197 3.13 -11.51 -29.39
C ILE A 197 2.55 -12.91 -29.56
N ALA A 198 1.78 -13.11 -30.64
CA ALA A 198 1.21 -14.42 -30.90
C ALA A 198 2.27 -15.48 -31.18
N GLU A 199 3.50 -15.08 -31.52
CA GLU A 199 4.58 -16.04 -31.72
C GLU A 199 5.16 -16.59 -30.42
N LYS A 200 4.87 -15.96 -29.28
CA LYS A 200 5.51 -16.34 -28.03
C LYS A 200 4.71 -17.39 -27.29
N SER A 201 5.33 -17.95 -26.26
CA SER A 201 4.63 -18.83 -25.31
C SER A 201 3.43 -18.11 -24.69
N MET A 202 2.26 -18.75 -24.77
CA MET A 202 1.05 -18.14 -24.21
C MET A 202 1.11 -18.05 -22.70
N ILE A 203 1.72 -19.04 -22.03
CA ILE A 203 1.91 -18.96 -20.59
C ILE A 203 2.80 -17.78 -20.22
N ALA A 204 3.93 -17.62 -20.91
CA ALA A 204 4.83 -16.53 -20.58
C ALA A 204 4.21 -15.18 -20.87
N VAL A 205 3.40 -15.09 -21.93
CA VAL A 205 2.73 -13.85 -22.29
C VAL A 205 1.72 -13.43 -21.20
N MET A 206 0.90 -14.38 -20.74
CA MET A 206 -0.04 -14.05 -19.66
C MET A 206 0.72 -13.66 -18.40
N ALA A 207 1.86 -14.32 -18.15
CA ALA A 207 2.66 -14.02 -16.96
C ALA A 207 3.30 -12.64 -17.05
N VAL A 208 3.80 -12.26 -18.24
CA VAL A 208 4.36 -10.92 -18.43
C VAL A 208 3.31 -9.86 -18.11
N LYS A 209 2.11 -10.02 -18.70
CA LYS A 209 1.06 -9.02 -18.50
C LYS A 209 0.69 -8.92 -17.03
N GLU A 210 0.53 -10.04 -16.35
CA GLU A 210 0.17 -10.01 -14.94
C GLU A 210 1.28 -9.39 -14.09
N ALA A 211 2.55 -9.73 -14.39
CA ALA A 211 3.64 -9.16 -13.62
C ALA A 211 3.73 -7.65 -13.79
N VAL A 212 3.69 -7.17 -15.05
CA VAL A 212 3.69 -5.73 -15.31
C VAL A 212 2.56 -5.03 -14.54
N ASN A 213 1.36 -5.60 -14.56
CA ASN A 213 0.22 -4.95 -13.90
C ASN A 213 0.38 -4.90 -12.38
N ARG A 214 1.17 -5.79 -11.76
CA ARG A 214 1.49 -5.65 -10.33
C ARG A 214 2.14 -4.31 -10.00
N SER A 215 2.77 -3.67 -10.98
CA SER A 215 3.48 -2.41 -10.71
C SER A 215 2.60 -1.34 -10.11
N TYR A 216 1.28 -1.42 -10.33
CA TYR A 216 0.36 -0.41 -9.81
C TYR A 216 -0.40 -0.86 -8.57
N GLU A 217 -0.09 -2.04 -8.03
CA GLU A 217 -0.85 -2.59 -6.91
C GLU A 217 -0.02 -2.88 -5.65
N VAL A 218 1.30 -3.03 -5.76
CA VAL A 218 2.10 -3.46 -4.61
C VAL A 218 3.34 -2.57 -4.51
N PRO A 219 3.97 -2.54 -3.34
CA PRO A 219 5.30 -1.90 -3.23
C PRO A 219 6.29 -2.59 -4.16
N LEU A 220 7.27 -1.81 -4.65
CA LEU A 220 8.26 -2.36 -5.60
C LEU A 220 8.91 -3.61 -5.04
N ARG A 221 9.34 -3.58 -3.78
CA ARG A 221 9.96 -4.75 -3.17
C ARG A 221 9.12 -6.02 -3.30
N GLU A 222 7.82 -5.90 -3.08
CA GLU A 222 6.90 -7.02 -3.20
C GLU A 222 6.65 -7.39 -4.65
N GLY A 223 6.57 -6.38 -5.53
CA GLY A 223 6.47 -6.66 -6.96
C GLY A 223 7.67 -7.44 -7.49
N LEU A 224 8.87 -7.13 -6.97
CA LEU A 224 10.07 -7.87 -7.36
C LEU A 224 10.00 -9.31 -6.90
N LEU A 225 9.48 -9.56 -5.69
CA LEU A 225 9.32 -10.93 -5.21
C LEU A 225 8.31 -11.70 -6.06
N PHE A 226 7.17 -11.07 -6.35
CA PHE A 226 6.17 -11.71 -7.19
C PHE A 226 6.77 -12.07 -8.56
N GLU A 227 7.45 -11.10 -9.17
CA GLU A 227 8.05 -11.34 -10.48
C GLU A 227 9.02 -12.51 -10.44
N ARG A 228 9.86 -12.57 -9.41
CA ARG A 228 10.85 -13.64 -9.37
C ARG A 228 10.18 -15.01 -9.16
N ARG A 229 9.14 -15.06 -8.33
CA ARG A 229 8.45 -16.34 -8.14
C ARG A 229 7.73 -16.79 -9.41
N VAL A 230 7.16 -15.85 -10.18
CA VAL A 230 6.52 -16.23 -11.45
C VAL A 230 7.56 -16.66 -12.47
N PHE A 231 8.66 -15.90 -12.58
CA PHE A 231 9.77 -16.30 -13.43
C PHE A 231 10.21 -17.73 -13.10
N GLN A 232 10.36 -18.04 -11.81
CA GLN A 232 10.79 -19.38 -11.43
C GLN A 232 9.74 -20.44 -11.77
N SER A 233 8.45 -20.09 -11.61
CA SER A 233 7.40 -21.06 -11.88
C SER A 233 7.31 -21.43 -13.35
N LEU A 234 7.80 -20.58 -14.24
CA LEU A 234 7.79 -20.92 -15.66
C LEU A 234 8.62 -22.17 -15.94
N PHE A 235 9.41 -22.63 -14.96
CA PHE A 235 10.22 -23.84 -15.13
C PHE A 235 9.40 -25.08 -14.73
N TYR B 3 -1.56 41.65 3.74
CA TYR B 3 -0.37 40.78 3.73
C TYR B 3 0.88 41.59 3.44
N GLU B 4 2.01 41.13 3.97
CA GLU B 4 3.28 41.79 3.73
C GLU B 4 4.16 41.08 2.73
N THR B 5 4.00 39.77 2.54
CA THR B 5 4.87 39.01 1.63
C THR B 5 4.17 38.48 0.40
N ILE B 6 2.84 38.61 0.30
CA ILE B 6 2.09 38.14 -0.86
C ILE B 6 1.03 39.16 -1.22
N ILE B 7 0.55 39.05 -2.46
CA ILE B 7 -0.56 39.85 -2.96
C ILE B 7 -1.67 38.89 -3.40
N VAL B 8 -2.91 39.23 -3.06
CA VAL B 8 -4.07 38.39 -3.38
C VAL B 8 -5.08 39.22 -4.16
N GLU B 9 -5.50 38.71 -5.31
CA GLU B 9 -6.51 39.35 -6.15
C GLU B 9 -7.55 38.33 -6.56
N VAL B 10 -8.83 38.64 -6.38
CA VAL B 10 -9.94 37.75 -6.75
C VAL B 10 -10.76 38.41 -7.84
N GLU B 11 -10.81 37.80 -9.02
CA GLU B 11 -11.68 38.26 -10.10
C GLU B 11 -12.17 37.06 -10.88
N ASP B 12 -13.45 37.08 -11.24
CA ASP B 12 -14.03 36.06 -12.11
C ASP B 12 -13.74 34.65 -11.59
N HIS B 13 -13.93 34.49 -10.28
CA HIS B 13 -13.87 33.21 -9.57
C HIS B 13 -12.45 32.65 -9.47
N VAL B 14 -11.42 33.46 -9.73
CA VAL B 14 -10.03 33.02 -9.63
C VAL B 14 -9.32 33.87 -8.60
N ALA B 15 -8.70 33.22 -7.62
CA ALA B 15 -7.86 33.92 -6.65
C ALA B 15 -6.42 33.82 -7.13
N LEU B 16 -5.83 34.95 -7.49
CA LEU B 16 -4.43 35.01 -7.90
C LEU B 16 -3.60 35.41 -6.70
N ILE B 17 -2.75 34.50 -6.23
CA ILE B 17 -1.83 34.76 -5.12
C ILE B 17 -0.43 34.93 -5.70
N THR B 18 0.13 36.12 -5.52
CA THR B 18 1.44 36.45 -6.07
C THR B 18 2.44 36.54 -4.92
N LEU B 19 3.48 35.71 -4.98
CA LEU B 19 4.55 35.80 -3.99
C LEU B 19 5.30 37.11 -4.21
N ASN B 20 5.55 37.86 -3.13
CA ASN B 20 6.08 39.22 -3.25
C ASN B 20 7.21 39.45 -2.23
N ARG B 21 8.31 38.71 -2.40
CA ARG B 21 9.57 38.96 -1.70
C ARG B 21 10.66 39.14 -2.76
N PRO B 22 10.60 40.22 -3.54
CA PRO B 22 11.53 40.37 -4.68
C PRO B 22 12.99 40.44 -4.27
N ASP B 23 13.30 40.93 -3.07
CA ASP B 23 14.69 41.02 -2.65
C ASP B 23 15.28 39.67 -2.29
N ALA B 24 14.43 38.69 -1.98
CA ALA B 24 14.88 37.33 -1.72
C ALA B 24 14.53 36.39 -2.88
N LEU B 25 14.13 36.93 -4.03
CA LEU B 25 13.66 36.14 -5.16
C LEU B 25 12.56 35.16 -4.73
N ASN B 26 11.67 35.65 -3.86
CA ASN B 26 10.48 34.91 -3.42
C ASN B 26 10.83 33.64 -2.65
N ALA B 27 11.97 33.64 -1.96
CA ALA B 27 12.32 32.51 -1.12
C ALA B 27 11.28 32.32 -0.02
N LEU B 28 10.94 31.05 0.24
CA LEU B 28 9.96 30.72 1.27
C LEU B 28 10.59 30.89 2.64
N ASN B 29 10.02 31.77 3.47
CA ASN B 29 10.39 31.85 4.88
C ASN B 29 9.15 31.64 5.73
N ASP B 30 9.30 31.80 7.05
CA ASP B 30 8.21 31.60 7.99
C ASP B 30 7.02 32.50 7.67
N GLN B 31 7.29 33.79 7.43
CA GLN B 31 6.19 34.72 7.23
C GLN B 31 5.45 34.42 5.93
N LEU B 32 6.19 34.19 4.85
CA LEU B 32 5.54 33.94 3.56
C LEU B 32 4.70 32.67 3.61
N LEU B 33 5.26 31.59 4.16
CA LEU B 33 4.50 30.34 4.26
C LEU B 33 3.26 30.52 5.13
N SER B 34 3.39 31.25 6.24
CA SER B 34 2.25 31.50 7.11
C SER B 34 1.16 32.28 6.38
N GLU B 35 1.55 33.34 5.66
CA GLU B 35 0.56 34.15 4.94
C GLU B 35 -0.03 33.40 3.76
N LEU B 36 0.81 32.62 3.05
CA LEU B 36 0.32 31.83 1.94
C LEU B 36 -0.77 30.86 2.39
N VAL B 37 -0.52 30.14 3.49
CA VAL B 37 -1.53 29.21 3.98
C VAL B 37 -2.81 29.95 4.36
N LYS B 38 -2.68 31.10 5.03
CA LYS B 38 -3.87 31.86 5.40
C LYS B 38 -4.66 32.30 4.16
N ALA B 39 -3.95 32.77 3.13
CA ALA B 39 -4.62 33.19 1.91
C ALA B 39 -5.32 32.01 1.23
N LEU B 40 -4.68 30.83 1.23
CA LEU B 40 -5.30 29.67 0.61
C LEU B 40 -6.55 29.26 1.37
N GLU B 41 -6.49 29.30 2.72
CA GLU B 41 -7.64 28.94 3.53
C GLU B 41 -8.79 29.93 3.34
N ASP B 42 -8.49 31.23 3.29
CA ASP B 42 -9.52 32.21 2.94
C ASP B 42 -10.13 31.90 1.58
N ALA B 43 -9.29 31.58 0.59
CA ALA B 43 -9.81 31.26 -0.73
C ALA B 43 -10.68 30.02 -0.69
N GLN B 44 -10.29 29.01 0.11
CA GLN B 44 -11.11 27.80 0.24
C GLN B 44 -12.48 28.13 0.82
N ASN B 45 -12.52 29.00 1.83
CA ASN B 45 -13.78 29.37 2.48
C ASN B 45 -14.57 30.42 1.72
N ASN B 46 -14.04 30.93 0.61
CA ASN B 46 -14.69 31.98 -0.18
C ASN B 46 -15.49 31.31 -1.28
N ASP B 47 -16.82 31.27 -1.13
CA ASP B 47 -17.67 30.58 -2.11
C ASP B 47 -17.57 31.17 -3.51
N LYS B 48 -17.06 32.38 -3.66
CA LYS B 48 -16.88 32.94 -4.99
C LYS B 48 -15.63 32.42 -5.68
N VAL B 49 -14.66 31.88 -4.94
CA VAL B 49 -13.42 31.39 -5.54
C VAL B 49 -13.63 29.95 -5.97
N ARG B 50 -13.30 29.65 -7.24
CA ARG B 50 -13.41 28.32 -7.80
C ARG B 50 -12.07 27.74 -8.23
N CYS B 51 -11.07 28.56 -8.43
CA CYS B 51 -9.74 28.09 -8.80
C CYS B 51 -8.74 29.07 -8.22
N ILE B 52 -7.61 28.56 -7.78
CA ILE B 52 -6.52 29.36 -7.23
C ILE B 52 -5.35 29.28 -8.19
N VAL B 53 -4.61 30.39 -8.31
CA VAL B 53 -3.34 30.43 -9.04
C VAL B 53 -2.30 31.02 -8.11
N ILE B 54 -1.14 30.37 -8.05
CA ILE B 54 0.03 30.91 -7.36
C ILE B 54 1.08 31.24 -8.41
N THR B 55 1.68 32.43 -8.31
CA THR B 55 2.78 32.78 -9.19
C THR B 55 3.78 33.62 -8.42
N GLY B 56 4.97 33.79 -8.99
CA GLY B 56 5.97 34.66 -8.40
C GLY B 56 6.23 35.84 -9.31
N SER B 57 7.50 36.20 -9.49
CA SER B 57 7.88 37.27 -10.39
C SER B 57 8.37 36.69 -11.71
N GLU B 58 8.68 37.58 -12.66
CA GLU B 58 9.27 37.14 -13.92
C GLU B 58 10.63 36.47 -13.69
N LYS B 59 11.40 36.94 -12.70
CA LYS B 59 12.69 36.35 -12.41
C LYS B 59 12.56 35.01 -11.67
N ALA B 60 11.62 34.91 -10.73
CA ALA B 60 11.57 33.71 -9.89
C ALA B 60 10.15 33.47 -9.38
N PHE B 61 9.64 32.27 -9.64
CA PHE B 61 8.51 31.75 -8.89
C PHE B 61 8.85 31.73 -7.40
N ALA B 62 9.93 31.03 -7.03
CA ALA B 62 10.46 31.00 -5.68
C ALA B 62 11.83 30.33 -5.70
N ALA B 63 12.89 31.03 -5.28
CA ALA B 63 14.25 30.54 -5.53
C ALA B 63 14.77 29.58 -4.46
N GLY B 64 14.02 29.32 -3.40
CA GLY B 64 14.52 28.46 -2.34
C GLY B 64 13.66 28.62 -1.10
N ALA B 65 14.13 28.01 -0.01
CA ALA B 65 13.42 28.08 1.26
C ALA B 65 14.28 28.73 2.34
N ASP B 77 14.95 20.90 18.39
CA ASP B 77 14.17 22.04 17.94
C ASP B 77 13.30 21.67 16.74
N VAL B 78 13.92 21.05 15.74
CA VAL B 78 13.22 20.80 14.48
C VAL B 78 12.22 19.67 14.63
N PHE B 79 12.46 18.72 15.55
CA PHE B 79 11.51 17.63 15.74
C PHE B 79 10.32 18.07 16.58
N ALA B 80 10.57 18.72 17.72
CA ALA B 80 9.47 19.21 18.55
C ALA B 80 8.64 20.24 17.80
N GLY B 81 9.28 21.14 17.06
CA GLY B 81 8.54 22.10 16.25
C GLY B 81 8.07 21.59 14.91
N ASP B 82 8.50 20.38 14.52
CA ASP B 82 8.12 19.76 13.25
C ASP B 82 8.31 20.71 12.08
N LEU B 83 9.53 21.23 11.96
CA LEU B 83 9.94 22.14 10.89
C LEU B 83 9.43 21.65 9.53
N PHE B 84 8.63 22.50 8.88
CA PHE B 84 8.03 22.38 7.55
C PHE B 84 6.82 21.45 7.49
N GLY B 85 6.41 20.85 8.59
CA GLY B 85 5.25 19.99 8.60
C GLY B 85 3.93 20.71 8.43
N PRO B 86 3.58 21.57 9.40
CA PRO B 86 2.25 22.23 9.34
C PRO B 86 2.05 23.09 8.11
N GLU B 87 3.11 23.70 7.58
CA GLU B 87 2.96 24.49 6.36
C GLU B 87 2.55 23.60 5.20
N ALA B 88 3.26 22.49 4.99
CA ALA B 88 2.92 21.56 3.92
C ALA B 88 1.49 21.04 4.08
N GLU B 89 1.11 20.65 5.30
CA GLU B 89 -0.23 20.11 5.50
C GLU B 89 -1.30 21.18 5.23
N GLY B 90 -0.99 22.45 5.49
CA GLY B 90 -1.95 23.51 5.18
C GLY B 90 -2.26 23.59 3.69
N ILE B 91 -1.24 23.50 2.85
CA ILE B 91 -1.43 23.53 1.41
C ILE B 91 -2.14 22.27 0.92
N MET B 92 -1.74 21.09 1.43
CA MET B 92 -2.33 19.85 0.92
C MET B 92 -3.80 19.68 1.28
N ARG B 93 -4.30 20.35 2.32
CA ARG B 93 -5.70 20.21 2.70
C ARG B 93 -6.67 21.03 1.87
N ILE B 94 -6.18 22.00 1.08
CA ILE B 94 -7.06 22.80 0.22
C ILE B 94 -7.75 21.89 -0.78
N ARG B 95 -9.08 21.96 -0.84
CA ARG B 95 -9.83 21.10 -1.76
C ARG B 95 -10.05 21.72 -3.15
N LYS B 96 -10.02 23.05 -3.27
CA LYS B 96 -10.14 23.68 -4.58
C LYS B 96 -8.81 23.56 -5.34
N PRO B 97 -8.86 23.61 -6.67
CA PRO B 97 -7.63 23.42 -7.45
C PRO B 97 -6.71 24.64 -7.42
N ILE B 98 -5.41 24.36 -7.50
CA ILE B 98 -4.34 25.37 -7.41
C ILE B 98 -3.41 25.13 -8.59
N ILE B 99 -3.28 26.12 -9.48
CA ILE B 99 -2.35 26.07 -10.60
C ILE B 99 -1.12 26.90 -10.24
N ALA B 100 0.06 26.34 -10.48
CA ALA B 100 1.30 27.10 -10.32
C ALA B 100 1.68 27.66 -11.69
N ALA B 101 1.82 28.99 -11.76
CA ALA B 101 2.31 29.68 -12.96
C ALA B 101 3.76 30.02 -12.69
N VAL B 102 4.68 29.30 -13.31
CA VAL B 102 6.09 29.31 -12.93
C VAL B 102 6.88 30.07 -13.99
N SER B 103 7.52 31.17 -13.59
CA SER B 103 8.49 31.85 -14.44
C SER B 103 9.83 31.83 -13.75
N GLY B 104 10.91 31.69 -14.53
CA GLY B 104 12.25 31.77 -13.95
C GLY B 104 12.50 30.67 -12.93
N TYR B 105 13.16 31.03 -11.83
CA TYR B 105 13.66 30.02 -10.90
C TYR B 105 12.54 29.44 -10.03
N ALA B 106 12.49 28.12 -9.94
CA ALA B 106 11.67 27.41 -8.96
C ALA B 106 12.60 26.36 -8.37
N LEU B 107 13.29 26.70 -7.29
CA LEU B 107 14.37 25.88 -6.75
C LEU B 107 14.12 25.53 -5.29
N GLY B 108 14.49 24.31 -4.92
CA GLY B 108 14.43 23.93 -3.51
C GLY B 108 12.99 23.93 -3.04
N GLY B 109 12.73 24.64 -1.95
CA GLY B 109 11.35 24.80 -1.50
C GLY B 109 10.43 25.36 -2.56
N GLY B 110 10.97 26.17 -3.48
CA GLY B 110 10.15 26.74 -4.55
C GLY B 110 9.74 25.71 -5.59
N CYS B 111 10.67 24.82 -5.96
CA CYS B 111 10.28 23.68 -6.76
C CYS B 111 9.26 22.82 -6.03
N GLU B 112 9.48 22.62 -4.72
CA GLU B 112 8.58 21.78 -3.94
C GLU B 112 7.18 22.39 -3.85
N LEU B 113 7.10 23.72 -3.73
CA LEU B 113 5.80 24.38 -3.73
C LEU B 113 5.08 24.17 -5.05
N ALA B 114 5.80 24.32 -6.17
CA ALA B 114 5.18 24.13 -7.47
C ALA B 114 4.64 22.71 -7.62
N MET B 115 5.38 21.72 -7.12
CA MET B 115 4.93 20.34 -7.21
C MET B 115 3.76 20.04 -6.27
N MET B 116 3.63 20.81 -5.18
CA MET B 116 2.45 20.68 -4.32
C MET B 116 1.18 21.25 -4.96
N CYS B 117 1.32 22.16 -5.95
CA CYS B 117 0.13 22.61 -6.65
C CYS B 117 -0.40 21.48 -7.53
N ASP B 118 -1.63 21.65 -8.02
CA ASP B 118 -2.27 20.54 -8.73
C ASP B 118 -1.68 20.35 -10.12
N PHE B 119 -1.36 21.44 -10.82
CA PHE B 119 -0.51 21.29 -12.00
C PHE B 119 0.24 22.60 -12.25
N ILE B 120 1.28 22.52 -13.09
CA ILE B 120 2.18 23.64 -13.40
C ILE B 120 2.01 24.03 -14.86
N ILE B 121 1.86 25.34 -15.09
CA ILE B 121 2.10 25.96 -16.40
C ILE B 121 3.33 26.84 -16.22
N CYS B 122 4.32 26.72 -17.11
CA CYS B 122 5.55 27.47 -16.93
C CYS B 122 5.98 28.17 -18.22
N SER B 123 6.75 29.24 -18.05
CA SER B 123 7.34 29.93 -19.19
C SER B 123 8.56 29.17 -19.68
N ASP B 124 9.00 29.51 -20.90
CA ASP B 124 10.19 28.83 -21.40
C ASP B 124 11.47 29.26 -20.69
N THR B 125 11.40 30.20 -19.73
CA THR B 125 12.56 30.59 -18.94
C THR B 125 12.65 29.85 -17.60
N ALA B 126 11.66 29.00 -17.30
CA ALA B 126 11.60 28.36 -15.99
C ALA B 126 12.79 27.44 -15.78
N LYS B 127 13.26 27.38 -14.55
CA LYS B 127 14.35 26.48 -14.18
C LYS B 127 14.01 25.84 -12.85
N PHE B 128 13.98 24.51 -12.82
CA PHE B 128 13.64 23.72 -11.64
C PHE B 128 14.89 23.04 -11.10
N GLY B 129 14.90 22.78 -9.80
CA GLY B 129 16.02 22.09 -9.19
C GLY B 129 15.77 21.84 -7.72
N GLN B 130 16.55 20.91 -7.16
CA GLN B 130 16.51 20.55 -5.75
C GLN B 130 17.93 20.59 -5.22
N PRO B 131 18.46 21.78 -4.93
CA PRO B 131 19.87 21.88 -4.52
C PRO B 131 20.09 21.76 -3.03
N GLU B 132 19.12 21.20 -2.30
CA GLU B 132 19.28 21.06 -0.85
C GLU B 132 20.57 20.33 -0.48
N ILE B 133 21.02 19.39 -1.32
CA ILE B 133 22.19 18.57 -1.00
C ILE B 133 23.42 19.45 -0.80
N ASN B 134 23.46 20.61 -1.45
CA ASN B 134 24.64 21.48 -1.37
C ASN B 134 24.84 22.04 0.03
N LEU B 135 23.82 21.98 0.90
CA LEU B 135 23.91 22.47 2.26
C LEU B 135 24.06 21.36 3.27
N GLY B 136 24.29 20.13 2.83
CA GLY B 136 24.36 19.02 3.74
C GLY B 136 23.02 18.55 4.27
N VAL B 137 21.92 18.99 3.68
CA VAL B 137 20.60 18.46 4.03
C VAL B 137 19.97 17.88 2.77
N ILE B 138 18.65 17.64 2.83
CA ILE B 138 17.90 17.05 1.73
C ILE B 138 16.59 17.81 1.61
N ALA B 139 15.90 17.58 0.50
CA ALA B 139 14.53 18.06 0.36
C ALA B 139 13.71 17.70 1.59
N GLY B 140 12.97 18.68 2.12
CA GLY B 140 12.13 18.45 3.28
C GLY B 140 10.67 18.78 3.11
N MET B 141 10.28 19.12 1.88
CA MET B 141 8.88 19.40 1.56
C MET B 141 8.44 18.65 0.31
N GLY B 142 8.94 17.43 0.11
CA GLY B 142 8.44 16.57 -0.97
C GLY B 142 9.36 16.41 -2.16
N GLY B 143 10.52 17.10 -2.18
CA GLY B 143 11.41 17.03 -3.32
C GLY B 143 11.91 15.63 -3.65
N SER B 144 12.05 14.75 -2.65
CA SER B 144 12.47 13.37 -2.89
C SER B 144 11.32 12.44 -3.22
N GLN B 145 10.08 12.90 -3.01
CA GLN B 145 8.88 12.07 -3.14
C GLN B 145 8.08 12.43 -4.39
N ARG B 146 7.64 13.70 -4.49
CA ARG B 146 6.84 14.09 -5.64
C ARG B 146 7.65 14.07 -6.92
N LEU B 147 8.89 14.57 -6.88
CA LEU B 147 9.69 14.60 -8.10
C LEU B 147 9.86 13.20 -8.68
N THR B 148 10.22 12.25 -7.83
CA THR B 148 10.40 10.85 -8.24
C THR B 148 9.12 10.26 -8.82
N ARG B 149 7.99 10.46 -8.13
N ARG B 149 8.00 10.43 -8.12
CA ARG B 149 6.74 9.85 -8.58
CA ARG B 149 6.75 9.84 -8.60
C ARG B 149 6.21 10.50 -9.85
C ARG B 149 6.32 10.46 -9.92
N PHE B 150 6.55 11.76 -10.09
CA PHE B 150 6.04 12.43 -11.28
C PHE B 150 6.91 12.24 -12.52
N ILE B 151 8.24 12.20 -12.37
CA ILE B 151 9.11 12.16 -13.54
C ILE B 151 10.01 10.93 -13.60
N GLY B 152 10.00 10.05 -12.61
CA GLY B 152 10.77 8.83 -12.69
C GLY B 152 12.06 8.87 -11.87
N LYS B 153 12.62 7.68 -11.61
CA LYS B 153 13.73 7.59 -10.67
C LYS B 153 14.99 8.30 -11.18
N SER B 154 15.39 8.04 -12.43
CA SER B 154 16.68 8.57 -12.89
C SER B 154 16.76 10.09 -12.75
N LYS B 155 15.80 10.81 -13.32
CA LYS B 155 15.91 12.27 -13.27
C LYS B 155 15.80 12.80 -11.86
N SER B 156 14.95 12.19 -11.01
CA SER B 156 14.83 12.69 -9.64
C SER B 156 16.09 12.38 -8.82
N MET B 157 16.61 11.16 -8.91
CA MET B 157 17.87 10.83 -8.23
C MET B 157 18.97 11.79 -8.64
N ASP B 158 19.11 12.02 -9.95
CA ASP B 158 20.14 12.93 -10.46
C ASP B 158 19.97 14.32 -9.87
N MET B 159 18.76 14.87 -9.97
CA MET B 159 18.51 16.23 -9.47
C MET B 159 18.78 16.32 -7.98
N ASN B 160 18.33 15.33 -7.19
CA ASN B 160 18.48 15.40 -5.74
C ASN B 160 19.93 15.17 -5.30
N LEU B 161 20.69 14.36 -6.04
CA LEU B 161 22.06 14.04 -5.65
C LEU B 161 23.07 15.05 -6.17
N THR B 162 22.89 15.56 -7.40
CA THR B 162 23.84 16.49 -7.98
C THR B 162 23.44 17.95 -7.84
N GLY B 163 22.15 18.23 -7.59
CA GLY B 163 21.68 19.60 -7.59
C GLY B 163 21.53 20.23 -8.96
N ARG B 164 21.58 19.43 -10.04
CA ARG B 164 21.50 19.98 -11.38
C ARG B 164 20.12 20.59 -11.63
N PHE B 165 20.09 21.59 -12.49
CA PHE B 165 18.84 22.24 -12.86
C PHE B 165 18.19 21.48 -14.00
N MET B 166 16.89 21.71 -14.17
CA MET B 166 16.09 21.16 -15.25
C MET B 166 15.40 22.33 -15.95
N ASP B 167 15.61 22.49 -17.26
CA ASP B 167 15.00 23.62 -17.95
C ASP B 167 13.55 23.32 -18.31
N ALA B 168 12.87 24.34 -18.84
CA ALA B 168 11.43 24.25 -19.08
C ALA B 168 11.11 23.13 -20.08
N GLU B 169 11.91 23.00 -21.13
CA GLU B 169 11.64 21.97 -22.13
C GLU B 169 11.77 20.58 -21.52
N GLU B 170 12.81 20.34 -20.72
CA GLU B 170 12.94 19.04 -20.06
C GLU B 170 11.83 18.81 -19.04
N ALA B 171 11.39 19.87 -18.35
CA ALA B 171 10.30 19.73 -17.39
C ALA B 171 9.01 19.25 -18.05
N GLU B 172 8.71 19.77 -19.24
CA GLU B 172 7.50 19.34 -19.94
C GLU B 172 7.68 17.94 -20.51
N ARG B 173 8.86 17.68 -21.07
CA ARG B 173 9.17 16.38 -21.64
C ARG B 173 9.11 15.27 -20.59
N SER B 174 9.51 15.58 -19.35
CA SER B 174 9.56 14.58 -18.29
C SER B 174 8.26 14.47 -17.49
N GLY B 175 7.30 15.37 -17.72
CA GLY B 175 6.03 15.33 -17.02
C GLY B 175 5.98 16.16 -15.74
N LEU B 176 7.04 16.91 -15.42
CA LEU B 176 7.00 17.77 -14.25
C LEU B 176 5.96 18.88 -14.41
N VAL B 177 5.84 19.43 -15.62
CA VAL B 177 4.87 20.50 -15.87
C VAL B 177 3.93 20.03 -16.98
N SER B 178 2.75 20.67 -17.03
CA SER B 178 1.78 20.30 -18.06
C SER B 178 2.00 21.07 -19.37
N ARG B 179 2.21 22.39 -19.29
CA ARG B 179 2.29 23.25 -20.46
C ARG B 179 3.49 24.18 -20.32
N VAL B 180 4.17 24.43 -21.45
CA VAL B 180 5.19 25.47 -21.55
C VAL B 180 4.76 26.47 -22.61
N VAL B 181 4.81 27.76 -22.27
CA VAL B 181 4.41 28.81 -23.19
C VAL B 181 5.47 29.91 -23.16
N PRO B 182 5.50 30.79 -24.17
CA PRO B 182 6.43 31.92 -24.11
C PRO B 182 6.18 32.78 -22.88
N ALA B 183 7.26 33.41 -22.40
CA ALA B 183 7.23 34.22 -21.20
C ALA B 183 6.06 35.20 -21.17
N LYS B 184 5.76 35.83 -22.31
CA LYS B 184 4.72 36.86 -22.34
C LYS B 184 3.31 36.29 -22.41
N LYS B 185 3.17 34.98 -22.60
CA LYS B 185 1.86 34.33 -22.63
C LYS B 185 1.56 33.57 -21.35
N LEU B 186 2.49 33.53 -20.39
CA LEU B 186 2.32 32.68 -19.21
C LEU B 186 1.03 33.00 -18.47
N MET B 187 0.81 34.27 -18.11
CA MET B 187 -0.35 34.57 -17.28
C MET B 187 -1.65 34.48 -18.08
N GLU B 188 -1.62 34.88 -19.36
CA GLU B 188 -2.77 34.68 -20.23
C GLU B 188 -3.14 33.20 -20.33
N GLU B 189 -2.15 32.36 -20.63
CA GLU B 189 -2.39 30.91 -20.70
C GLU B 189 -2.95 30.39 -19.38
N THR B 190 -2.36 30.81 -18.26
CA THR B 190 -2.75 30.27 -16.96
C THR B 190 -4.14 30.73 -16.55
N MET B 191 -4.40 32.05 -16.69
CA MET B 191 -5.71 32.57 -16.28
C MET B 191 -6.83 32.01 -17.13
N THR B 192 -6.56 31.74 -18.42
CA THR B 192 -7.58 31.12 -19.26
C THR B 192 -7.87 29.69 -18.81
N ALA B 193 -6.82 28.95 -18.41
CA ALA B 193 -7.06 27.63 -17.82
C ALA B 193 -7.87 27.76 -16.53
N ALA B 194 -7.50 28.71 -15.67
CA ALA B 194 -8.21 28.85 -14.40
C ALA B 194 -9.66 29.24 -14.64
N GLN B 195 -9.93 30.05 -15.67
CA GLN B 195 -11.30 30.46 -15.95
C GLN B 195 -12.10 29.30 -16.57
N LYS B 196 -11.47 28.46 -17.38
CA LYS B 196 -12.11 27.24 -17.83
C LYS B 196 -12.54 26.38 -16.65
N ILE B 197 -11.67 26.23 -15.64
CA ILE B 197 -12.02 25.42 -14.47
C ILE B 197 -13.18 26.07 -13.72
N ALA B 198 -13.17 27.40 -13.63
CA ALA B 198 -14.22 28.12 -12.92
C ALA B 198 -15.58 28.01 -13.60
N GLU B 199 -15.62 27.63 -14.88
CA GLU B 199 -16.89 27.38 -15.55
C GLU B 199 -17.56 26.09 -15.09
N LYS B 200 -16.82 25.20 -14.42
CA LYS B 200 -17.33 23.86 -14.14
C LYS B 200 -18.05 23.79 -12.79
N SER B 201 -18.79 22.70 -12.61
CA SER B 201 -19.37 22.38 -11.31
C SER B 201 -18.31 22.36 -10.22
N MET B 202 -18.53 23.14 -9.16
CA MET B 202 -17.55 23.20 -8.07
C MET B 202 -17.46 21.87 -7.32
N ILE B 203 -18.60 21.19 -7.13
CA ILE B 203 -18.57 19.88 -6.48
C ILE B 203 -17.75 18.91 -7.32
N ALA B 204 -17.97 18.90 -8.64
CA ALA B 204 -17.26 17.96 -9.51
C ALA B 204 -15.77 18.27 -9.59
N VAL B 205 -15.41 19.55 -9.58
CA VAL B 205 -13.99 19.94 -9.61
C VAL B 205 -13.27 19.46 -8.35
N MET B 206 -13.88 19.65 -7.17
CA MET B 206 -13.23 19.15 -5.96
C MET B 206 -13.13 17.62 -5.98
N ALA B 207 -14.14 16.95 -6.55
CA ALA B 207 -14.11 15.50 -6.65
C ALA B 207 -13.00 15.04 -7.59
N VAL B 208 -12.85 15.70 -8.74
CA VAL B 208 -11.78 15.41 -9.70
C VAL B 208 -10.44 15.45 -9.01
N LYS B 209 -10.15 16.57 -8.34
CA LYS B 209 -8.84 16.75 -7.73
C LYS B 209 -8.57 15.67 -6.69
N GLU B 210 -9.57 15.37 -5.87
CA GLU B 210 -9.38 14.38 -4.82
C GLU B 210 -9.17 12.99 -5.44
N ALA B 211 -9.94 12.67 -6.47
CA ALA B 211 -9.78 11.37 -7.11
C ALA B 211 -8.38 11.23 -7.72
N VAL B 212 -7.94 12.26 -8.46
CA VAL B 212 -6.60 12.20 -9.05
C VAL B 212 -5.53 12.00 -7.98
N ASN B 213 -5.64 12.73 -6.87
CA ASN B 213 -4.66 12.61 -5.79
C ASN B 213 -4.65 11.24 -5.12
N ARG B 214 -5.73 10.45 -5.22
CA ARG B 214 -5.66 9.06 -4.76
C ARG B 214 -4.58 8.26 -5.48
N SER B 215 -4.18 8.69 -6.69
CA SER B 215 -3.25 7.92 -7.51
C SER B 215 -1.93 7.61 -6.81
N TYR B 216 -1.51 8.44 -5.84
CA TYR B 216 -0.23 8.27 -5.15
C TYR B 216 -0.37 7.66 -3.75
N GLU B 217 -1.58 7.27 -3.35
CA GLU B 217 -1.83 6.79 -1.99
C GLU B 217 -2.39 5.37 -1.91
N VAL B 218 -3.01 4.84 -2.97
CA VAL B 218 -3.66 3.53 -2.88
C VAL B 218 -3.26 2.69 -4.08
N PRO B 219 -3.39 1.37 -3.97
CA PRO B 219 -3.25 0.52 -5.16
C PRO B 219 -4.28 0.93 -6.20
N LEU B 220 -3.94 0.72 -7.48
CA LEU B 220 -4.85 1.12 -8.57
C LEU B 220 -6.24 0.51 -8.43
N ARG B 221 -6.34 -0.79 -8.09
CA ARG B 221 -7.67 -1.39 -7.98
C ARG B 221 -8.55 -0.62 -7.00
N GLU B 222 -7.96 -0.18 -5.88
CA GLU B 222 -8.70 0.57 -4.87
C GLU B 222 -8.97 2.01 -5.32
N GLY B 223 -8.02 2.61 -6.03
CA GLY B 223 -8.28 3.95 -6.58
C GLY B 223 -9.41 3.94 -7.59
N LEU B 224 -9.52 2.86 -8.37
CA LEU B 224 -10.62 2.74 -9.31
C LEU B 224 -11.95 2.67 -8.58
N LEU B 225 -12.00 1.91 -7.48
CA LEU B 225 -13.23 1.81 -6.70
C LEU B 225 -13.59 3.16 -6.08
N PHE B 226 -12.59 3.88 -5.57
CA PHE B 226 -12.84 5.20 -5.01
C PHE B 226 -13.42 6.13 -6.07
N GLU B 227 -12.75 6.22 -7.22
CA GLU B 227 -13.22 7.05 -8.32
C GLU B 227 -14.67 6.73 -8.68
N ARG B 228 -14.98 5.43 -8.82
CA ARG B 228 -16.33 5.08 -9.26
C ARG B 228 -17.37 5.46 -8.22
N ARG B 229 -17.06 5.26 -6.93
CA ARG B 229 -18.00 5.64 -5.87
C ARG B 229 -18.20 7.14 -5.82
N VAL B 230 -17.14 7.92 -6.05
CA VAL B 230 -17.27 9.38 -6.07
C VAL B 230 -18.04 9.82 -7.31
N PHE B 231 -17.73 9.24 -8.48
CA PHE B 231 -18.52 9.48 -9.69
C PHE B 231 -20.00 9.24 -9.42
N GLN B 232 -20.34 8.11 -8.78
CA GLN B 232 -21.74 7.81 -8.50
C GLN B 232 -22.35 8.82 -7.55
N SER B 233 -21.59 9.28 -6.56
CA SER B 233 -22.14 10.22 -5.59
C SER B 233 -22.52 11.55 -6.24
N LEU B 234 -21.93 11.89 -7.39
CA LEU B 234 -22.30 13.13 -8.07
C LEU B 234 -23.70 13.07 -8.65
N PHE B 235 -24.32 11.90 -8.67
CA PHE B 235 -25.71 11.76 -9.09
C PHE B 235 -26.64 12.05 -7.92
N TYR C 3 39.79 -10.17 -10.01
CA TYR C 3 38.53 -10.42 -10.72
C TYR C 3 38.79 -10.93 -12.14
N GLU C 4 37.92 -11.82 -12.61
CA GLU C 4 38.04 -12.37 -13.95
C GLU C 4 37.04 -11.83 -14.95
N THR C 5 35.95 -11.20 -14.49
CA THR C 5 34.90 -10.70 -15.39
C THR C 5 34.67 -9.20 -15.31
N ILE C 6 35.29 -8.50 -14.35
CA ILE C 6 35.11 -7.07 -14.17
C ILE C 6 36.45 -6.43 -13.88
N ILE C 7 36.50 -5.12 -14.00
CA ILE C 7 37.65 -4.29 -13.63
C ILE C 7 37.16 -3.24 -12.66
N VAL C 8 37.97 -2.96 -11.63
CA VAL C 8 37.63 -1.99 -10.59
C VAL C 8 38.76 -0.98 -10.46
N GLU C 9 38.42 0.30 -10.57
CA GLU C 9 39.38 1.39 -10.42
C GLU C 9 38.83 2.39 -9.42
N VAL C 10 39.64 2.75 -8.42
CA VAL C 10 39.29 3.77 -7.45
C VAL C 10 40.17 4.99 -7.69
N GLU C 11 39.56 6.09 -8.14
CA GLU C 11 40.29 7.32 -8.40
C GLU C 11 39.54 8.48 -7.75
N ASP C 12 40.15 9.08 -6.75
CA ASP C 12 39.63 10.30 -6.09
C ASP C 12 38.14 10.16 -5.75
N HIS C 13 37.89 9.28 -4.79
CA HIS C 13 36.59 9.07 -4.15
C HIS C 13 35.53 8.42 -5.04
N VAL C 14 35.84 8.11 -6.30
CA VAL C 14 34.89 7.45 -7.19
C VAL C 14 35.42 6.07 -7.54
N ALA C 15 34.65 5.03 -7.23
CA ALA C 15 34.94 3.69 -7.73
C ALA C 15 34.27 3.48 -9.07
N LEU C 16 35.06 3.07 -10.07
CA LEU C 16 34.55 2.75 -11.39
C LEU C 16 34.67 1.25 -11.59
N ILE C 17 33.52 0.61 -11.83
CA ILE C 17 33.45 -0.82 -12.10
C ILE C 17 33.10 -1.00 -13.56
N THR C 18 33.99 -1.64 -14.31
CA THR C 18 33.78 -1.88 -15.73
C THR C 18 33.53 -3.36 -15.94
N LEU C 19 32.38 -3.68 -16.53
CA LEU C 19 32.14 -5.06 -16.91
C LEU C 19 33.12 -5.45 -18.02
N ASN C 20 33.63 -6.68 -17.95
CA ASN C 20 34.73 -7.09 -18.81
C ASN C 20 34.53 -8.53 -19.29
N ARG C 21 33.50 -8.74 -20.10
CA ARG C 21 33.31 -9.99 -20.84
C ARG C 21 33.12 -9.67 -22.32
N PRO C 22 34.16 -9.13 -22.97
CA PRO C 22 33.99 -8.69 -24.36
C PRO C 22 33.58 -9.80 -25.31
N ASP C 23 33.94 -11.05 -25.01
CA ASP C 23 33.56 -12.17 -25.86
C ASP C 23 32.06 -12.42 -25.84
N ALA C 24 31.34 -11.95 -24.82
CA ALA C 24 29.90 -12.16 -24.70
C ALA C 24 29.12 -10.83 -24.65
N LEU C 25 29.74 -9.74 -25.10
CA LEU C 25 29.13 -8.40 -25.05
C LEU C 25 28.64 -8.07 -23.64
N ASN C 26 29.48 -8.43 -22.65
CA ASN C 26 29.28 -8.10 -21.24
C ASN C 26 28.00 -8.69 -20.67
N ALA C 27 27.54 -9.82 -21.21
CA ALA C 27 26.38 -10.50 -20.67
C ALA C 27 26.62 -10.93 -19.23
N LEU C 28 25.60 -10.78 -18.38
CA LEU C 28 25.71 -11.21 -17.00
C LEU C 28 25.78 -12.73 -16.94
N ASN C 29 26.53 -13.23 -15.96
CA ASN C 29 26.49 -14.66 -15.63
C ASN C 29 26.78 -14.79 -14.13
N ASP C 30 26.84 -16.03 -13.65
CA ASP C 30 26.99 -16.27 -12.22
C ASP C 30 28.26 -15.63 -11.70
N GLN C 31 29.37 -15.81 -12.41
CA GLN C 31 30.65 -15.28 -11.93
C GLN C 31 30.63 -13.76 -11.92
N LEU C 32 30.19 -13.13 -13.02
CA LEU C 32 30.17 -11.67 -13.08
C LEU C 32 29.29 -11.08 -11.99
N LEU C 33 28.10 -11.65 -11.81
CA LEU C 33 27.21 -11.14 -10.77
C LEU C 33 27.82 -11.31 -9.39
N SER C 34 28.49 -12.43 -9.15
CA SER C 34 29.14 -12.64 -7.86
C SER C 34 30.26 -11.63 -7.63
N GLU C 35 31.10 -11.41 -8.65
CA GLU C 35 32.20 -10.46 -8.50
C GLU C 35 31.68 -9.03 -8.38
N LEU C 36 30.65 -8.67 -9.16
CA LEU C 36 30.07 -7.34 -9.06
C LEU C 36 29.58 -7.05 -7.65
N VAL C 37 28.83 -7.99 -7.05
CA VAL C 37 28.33 -7.76 -5.69
C VAL C 37 29.48 -7.63 -4.72
N LYS C 38 30.53 -8.44 -4.88
CA LYS C 38 31.70 -8.29 -4.03
C LYS C 38 32.36 -6.93 -4.24
N ALA C 39 32.54 -6.52 -5.49
CA ALA C 39 33.14 -5.21 -5.76
C ALA C 39 32.28 -4.08 -5.18
N LEU C 40 30.96 -4.20 -5.28
CA LEU C 40 30.08 -3.19 -4.69
C LEU C 40 30.20 -3.18 -3.17
N GLU C 41 30.25 -4.37 -2.55
CA GLU C 41 30.36 -4.42 -1.09
C GLU C 41 31.69 -3.86 -0.61
N ASP C 42 32.79 -4.17 -1.31
CA ASP C 42 34.06 -3.55 -0.95
C ASP C 42 34.00 -2.04 -1.11
N ALA C 43 33.35 -1.55 -2.17
CA ALA C 43 33.21 -0.11 -2.35
C ALA C 43 32.42 0.50 -1.20
N GLN C 44 31.34 -0.15 -0.78
CA GLN C 44 30.54 0.35 0.33
C GLN C 44 31.38 0.46 1.60
N ASN C 45 32.23 -0.52 1.86
CA ASN C 45 33.04 -0.56 3.07
C ASN C 45 34.29 0.30 2.98
N ASN C 46 34.61 0.83 1.79
CA ASN C 46 35.81 1.64 1.58
C ASN C 46 35.50 3.09 1.91
N ASP C 47 36.00 3.58 3.05
CA ASP C 47 35.69 4.92 3.51
C ASP C 47 36.09 6.00 2.52
N LYS C 48 36.99 5.70 1.58
CA LYS C 48 37.38 6.71 0.61
C LYS C 48 36.41 6.79 -0.57
N VAL C 49 35.60 5.76 -0.80
CA VAL C 49 34.69 5.77 -1.94
C VAL C 49 33.41 6.51 -1.55
N ARG C 50 33.02 7.49 -2.36
CA ARG C 50 31.82 8.27 -2.12
C ARG C 50 30.77 8.14 -3.22
N CYS C 51 31.14 7.68 -4.42
CA CYS C 51 30.20 7.43 -5.50
C CYS C 51 30.73 6.26 -6.32
N ILE C 52 29.81 5.45 -6.84
CA ILE C 52 30.16 4.29 -7.64
C ILE C 52 29.63 4.52 -9.05
N VAL C 53 30.38 4.04 -10.05
CA VAL C 53 29.93 4.05 -11.43
C VAL C 53 30.08 2.63 -11.98
N ILE C 54 29.05 2.16 -12.67
CA ILE C 54 29.11 0.88 -13.38
C ILE C 54 29.01 1.20 -14.87
N THR C 55 29.88 0.57 -15.66
CA THR C 55 29.83 0.75 -17.10
C THR C 55 30.30 -0.54 -17.76
N GLY C 56 29.97 -0.65 -19.04
CA GLY C 56 30.44 -1.75 -19.85
C GLY C 56 31.36 -1.19 -20.90
N SER C 57 31.10 -1.51 -22.17
CA SER C 57 31.92 -1.03 -23.27
C SER C 57 31.13 -0.07 -24.14
N GLU C 58 31.82 0.54 -25.10
CA GLU C 58 31.14 1.38 -26.08
C GLU C 58 30.10 0.57 -26.86
N LYS C 59 30.38 -0.72 -27.09
CA LYS C 59 29.47 -1.58 -27.84
C LYS C 59 28.28 -2.01 -27.00
N ALA C 60 28.49 -2.29 -25.71
CA ALA C 60 27.45 -2.88 -24.88
C ALA C 60 27.74 -2.60 -23.41
N PHE C 61 26.78 -1.97 -22.73
CA PHE C 61 26.75 -2.00 -21.27
C PHE C 61 26.67 -3.45 -20.79
N ALA C 62 25.67 -4.18 -21.27
CA ALA C 62 25.51 -5.61 -20.99
C ALA C 62 24.37 -6.15 -21.84
N ALA C 63 24.71 -7.09 -22.73
CA ALA C 63 23.77 -7.62 -23.71
C ALA C 63 23.26 -8.96 -23.22
N GLY C 64 22.25 -8.93 -22.37
CA GLY C 64 21.62 -10.14 -21.89
C GLY C 64 22.30 -10.74 -20.68
N ALA C 65 21.99 -12.01 -20.46
CA ALA C 65 22.49 -12.75 -19.31
C ALA C 65 22.71 -14.21 -19.67
N ASP C 77 14.70 -26.72 -7.71
CA ASP C 77 15.97 -26.15 -8.15
C ASP C 77 15.97 -24.61 -8.09
N VAL C 78 15.21 -23.98 -9.00
CA VAL C 78 15.24 -22.52 -9.06
C VAL C 78 14.57 -21.91 -7.84
N PHE C 79 13.61 -22.61 -7.23
CA PHE C 79 12.92 -22.07 -6.06
C PHE C 79 13.74 -22.28 -4.79
N ALA C 80 14.29 -23.48 -4.61
CA ALA C 80 15.13 -23.72 -3.43
C ALA C 80 16.40 -22.89 -3.49
N GLY C 81 16.99 -22.74 -4.68
CA GLY C 81 18.13 -21.86 -4.83
C GLY C 81 17.81 -20.38 -4.94
N ASP C 82 16.53 -20.04 -5.13
CA ASP C 82 16.08 -18.65 -5.32
C ASP C 82 16.91 -17.94 -6.39
N LEU C 83 16.85 -18.49 -7.60
CA LEU C 83 17.63 -17.97 -8.71
C LEU C 83 17.33 -16.49 -8.96
N PHE C 84 18.39 -15.69 -8.95
CA PHE C 84 18.46 -14.23 -9.16
C PHE C 84 18.12 -13.42 -7.91
N GLY C 85 17.78 -14.05 -6.80
CA GLY C 85 17.40 -13.34 -5.59
C GLY C 85 18.56 -12.70 -4.86
N PRO C 86 19.52 -13.50 -4.39
CA PRO C 86 20.64 -12.93 -3.62
C PRO C 86 21.41 -11.87 -4.38
N GLU C 87 21.56 -11.99 -5.70
CA GLU C 87 22.31 -10.99 -6.46
C GLU C 87 21.56 -9.65 -6.47
N ALA C 88 20.26 -9.69 -6.72
CA ALA C 88 19.46 -8.47 -6.67
C ALA C 88 19.56 -7.82 -5.30
N GLU C 89 19.42 -8.60 -4.25
CA GLU C 89 19.53 -8.09 -2.89
C GLU C 89 20.87 -7.45 -2.64
N GLY C 90 21.93 -8.07 -3.10
CA GLY C 90 23.27 -7.50 -2.90
C GLY C 90 23.40 -6.09 -3.43
N ILE C 91 22.93 -5.87 -4.65
CA ILE C 91 23.01 -4.53 -5.26
C ILE C 91 22.10 -3.55 -4.53
N MET C 92 20.84 -3.96 -4.25
CA MET C 92 19.88 -3.06 -3.61
C MET C 92 20.30 -2.65 -2.21
N ARG C 93 21.16 -3.44 -1.54
CA ARG C 93 21.58 -3.11 -0.18
C ARG C 93 22.65 -2.03 -0.12
N ILE C 94 23.31 -1.71 -1.24
CA ILE C 94 24.39 -0.72 -1.20
C ILE C 94 23.82 0.65 -0.88
N ARG C 95 24.37 1.31 0.14
CA ARG C 95 23.84 2.60 0.59
C ARG C 95 24.42 3.78 -0.18
N LYS C 96 25.62 3.64 -0.73
CA LYS C 96 26.22 4.71 -1.51
C LYS C 96 25.60 4.78 -2.91
N PRO C 97 25.67 5.93 -3.57
CA PRO C 97 25.06 6.05 -4.90
C PRO C 97 25.85 5.29 -5.96
N ILE C 98 25.11 4.79 -6.95
CA ILE C 98 25.66 4.04 -8.09
C ILE C 98 25.08 4.66 -9.35
N ILE C 99 25.94 5.21 -10.21
CA ILE C 99 25.53 5.71 -11.52
C ILE C 99 25.82 4.64 -12.57
N ALA C 100 24.85 4.36 -13.43
CA ALA C 100 25.06 3.50 -14.59
C ALA C 100 25.42 4.37 -15.79
N ALA C 101 26.58 4.10 -16.38
CA ALA C 101 27.01 4.76 -17.62
C ALA C 101 26.83 3.77 -18.76
N VAL C 102 25.83 4.01 -19.60
CA VAL C 102 25.32 3.01 -20.53
C VAL C 102 25.65 3.46 -21.95
N SER C 103 26.39 2.62 -22.67
CA SER C 103 26.59 2.80 -24.10
C SER C 103 26.15 1.52 -24.82
N GLY C 104 25.64 1.69 -26.02
CA GLY C 104 25.26 0.53 -26.81
C GLY C 104 24.20 -0.30 -26.10
N TYR C 105 24.35 -1.62 -26.18
CA TYR C 105 23.29 -2.53 -25.76
C TYR C 105 23.22 -2.66 -24.24
N ALA C 106 22.01 -2.49 -23.70
CA ALA C 106 21.70 -2.82 -22.31
C ALA C 106 20.37 -3.56 -22.39
N LEU C 107 20.45 -4.89 -22.45
CA LEU C 107 19.31 -5.74 -22.81
C LEU C 107 19.14 -6.83 -21.76
N GLY C 108 17.87 -7.18 -21.50
CA GLY C 108 17.58 -8.23 -20.54
C GLY C 108 18.12 -7.89 -19.17
N GLY C 109 18.89 -8.82 -18.59
CA GLY C 109 19.56 -8.54 -17.34
C GLY C 109 20.38 -7.26 -17.36
N GLY C 110 20.88 -6.88 -18.54
CA GLY C 110 21.67 -5.67 -18.64
C GLY C 110 20.83 -4.42 -18.45
N CYS C 111 19.66 -4.39 -19.08
CA CYS C 111 18.71 -3.31 -18.81
C CYS C 111 18.31 -3.29 -17.33
N GLU C 112 18.04 -4.46 -16.76
CA GLU C 112 17.63 -4.55 -15.36
C GLU C 112 18.72 -4.06 -14.41
N LEU C 113 19.98 -4.39 -14.72
CA LEU C 113 21.09 -3.86 -13.93
C LEU C 113 21.16 -2.33 -14.03
N ALA C 114 20.97 -1.78 -15.23
CA ALA C 114 20.98 -0.32 -15.35
C ALA C 114 19.86 0.30 -14.51
N MET C 115 18.67 -0.29 -14.52
CA MET C 115 17.57 0.28 -13.73
C MET C 115 17.75 0.07 -12.24
N MET C 116 18.51 -0.95 -11.81
CA MET C 116 18.82 -1.09 -10.39
C MET C 116 19.78 -0.03 -9.89
N CYS C 117 20.59 0.56 -10.75
CA CYS C 117 21.42 1.67 -10.32
C CYS C 117 20.53 2.88 -10.02
N ASP C 118 21.15 3.90 -9.42
CA ASP C 118 20.35 5.01 -8.91
C ASP C 118 19.90 5.96 -10.00
N PHE C 119 20.75 6.21 -11.00
CA PHE C 119 20.28 6.83 -12.24
C PHE C 119 21.22 6.44 -13.38
N ILE C 120 20.76 6.71 -14.60
CA ILE C 120 21.47 6.34 -15.83
C ILE C 120 21.86 7.61 -16.58
N ILE C 121 23.13 7.69 -16.98
CA ILE C 121 23.58 8.57 -18.05
C ILE C 121 23.99 7.67 -19.21
N CYS C 122 23.45 7.94 -20.40
CA CYS C 122 23.68 7.04 -21.52
C CYS C 122 24.18 7.81 -22.75
N SER C 123 24.79 7.07 -23.67
CA SER C 123 25.24 7.65 -24.91
C SER C 123 24.09 7.64 -25.92
N ASP C 124 24.25 8.43 -26.99
CA ASP C 124 23.20 8.42 -28.00
C ASP C 124 23.15 7.12 -28.80
N THR C 125 24.04 6.16 -28.57
CA THR C 125 23.92 4.84 -29.19
C THR C 125 23.27 3.81 -28.27
N ALA C 126 22.93 4.18 -27.04
CA ALA C 126 22.33 3.23 -26.10
C ALA C 126 21.07 2.61 -26.69
N LYS C 127 20.90 1.31 -26.45
CA LYS C 127 19.72 0.57 -26.87
C LYS C 127 19.25 -0.29 -25.69
N PHE C 128 18.02 -0.06 -25.24
CA PHE C 128 17.44 -0.77 -24.10
C PHE C 128 16.39 -1.77 -24.59
N GLY C 129 16.18 -2.82 -23.82
CA GLY C 129 15.20 -3.83 -24.21
C GLY C 129 15.08 -4.91 -23.16
N GLN C 130 13.94 -5.58 -23.18
CA GLN C 130 13.65 -6.72 -22.31
C GLN C 130 13.19 -7.88 -23.17
N PRO C 131 14.12 -8.58 -23.80
CA PRO C 131 13.71 -9.63 -24.75
C PRO C 131 13.52 -11.00 -24.12
N GLU C 132 13.37 -11.07 -22.78
CA GLU C 132 13.19 -12.36 -22.11
C GLU C 132 12.08 -13.19 -22.72
N ILE C 133 10.99 -12.54 -23.15
CA ILE C 133 9.85 -13.27 -23.70
C ILE C 133 10.26 -14.11 -24.91
N ASN C 134 11.33 -13.71 -25.61
CA ASN C 134 11.78 -14.49 -26.76
C ASN C 134 12.26 -15.89 -26.36
N LEU C 135 12.59 -16.10 -25.10
CA LEU C 135 13.09 -17.38 -24.60
C LEU C 135 12.04 -18.17 -23.82
N GLY C 136 10.79 -17.72 -23.82
CA GLY C 136 9.76 -18.41 -23.06
C GLY C 136 9.76 -18.10 -21.57
N VAL C 137 10.57 -17.16 -21.11
CA VAL C 137 10.51 -16.76 -19.70
C VAL C 137 10.15 -15.28 -19.66
N ILE C 138 10.33 -14.65 -18.50
CA ILE C 138 10.05 -13.23 -18.34
C ILE C 138 11.24 -12.58 -17.65
N ALA C 139 11.22 -11.25 -17.59
CA ALA C 139 12.12 -10.53 -16.72
C ALA C 139 12.12 -11.13 -15.32
N GLY C 140 13.32 -11.33 -14.77
CA GLY C 140 13.43 -11.94 -13.46
C GLY C 140 14.22 -11.13 -12.46
N MET C 141 14.65 -9.94 -12.87
CA MET C 141 15.41 -9.02 -12.01
C MET C 141 14.85 -7.61 -12.09
N GLY C 142 13.53 -7.49 -12.21
CA GLY C 142 12.87 -6.19 -12.12
C GLY C 142 12.43 -5.56 -13.43
N GLY C 143 12.66 -6.23 -14.57
CA GLY C 143 12.22 -5.68 -15.86
C GLY C 143 10.72 -5.46 -16.00
N SER C 144 9.90 -6.25 -15.29
CA SER C 144 8.45 -6.01 -15.33
C SER C 144 8.01 -4.95 -14.33
N GLN C 145 8.88 -4.58 -13.39
CA GLN C 145 8.54 -3.74 -12.25
C GLN C 145 9.13 -2.34 -12.36
N ARG C 146 10.44 -2.26 -12.51
CA ARG C 146 11.08 -0.95 -12.52
C ARG C 146 10.78 -0.22 -13.82
N LEU C 147 10.83 -0.93 -14.94
CA LEU C 147 10.53 -0.30 -16.23
C LEU C 147 9.14 0.33 -16.20
N THR C 148 8.13 -0.43 -15.75
CA THR C 148 6.76 0.07 -15.72
C THR C 148 6.61 1.30 -14.83
N ARG C 149 7.18 1.24 -13.64
N ARG C 149 7.16 1.24 -13.62
CA ARG C 149 7.06 2.35 -12.70
CA ARG C 149 7.06 2.38 -12.71
C ARG C 149 7.86 3.57 -13.13
C ARG C 149 7.77 3.60 -13.28
N PHE C 150 8.89 3.41 -13.97
CA PHE C 150 9.70 4.55 -14.40
C PHE C 150 9.17 5.21 -15.68
N ILE C 151 8.65 4.44 -16.65
CA ILE C 151 8.30 4.97 -17.95
C ILE C 151 6.82 4.82 -18.31
N GLY C 152 6.02 4.17 -17.48
CA GLY C 152 4.60 4.08 -17.80
C GLY C 152 4.21 2.73 -18.38
N LYS C 153 2.90 2.43 -18.32
CA LYS C 153 2.41 1.10 -18.67
C LYS C 153 2.61 0.79 -20.15
N SER C 154 2.23 1.71 -21.04
CA SER C 154 2.24 1.39 -22.47
C SER C 154 3.61 0.95 -22.93
N LYS C 155 4.64 1.74 -22.63
CA LYS C 155 5.96 1.41 -23.16
C LYS C 155 6.54 0.16 -22.49
N SER C 156 6.33 0.00 -21.18
CA SER C 156 6.82 -1.21 -20.52
C SER C 156 6.09 -2.45 -21.01
N MET C 157 4.76 -2.39 -21.11
CA MET C 157 4.02 -3.55 -21.63
C MET C 157 4.50 -3.90 -23.03
N ASP C 158 4.62 -2.89 -23.90
CA ASP C 158 5.11 -3.13 -25.26
C ASP C 158 6.49 -3.79 -25.24
N MET C 159 7.45 -3.18 -24.53
CA MET C 159 8.80 -3.75 -24.50
C MET C 159 8.80 -5.17 -23.93
N ASN C 160 8.07 -5.41 -22.84
CA ASN C 160 8.12 -6.74 -22.24
C ASN C 160 7.38 -7.79 -23.08
N LEU C 161 6.35 -7.38 -23.81
CA LEU C 161 5.59 -8.37 -24.60
C LEU C 161 6.19 -8.60 -25.99
N THR C 162 6.69 -7.56 -26.66
CA THR C 162 7.17 -7.72 -28.02
C THR C 162 8.68 -7.87 -28.10
N GLY C 163 9.41 -7.54 -27.04
CA GLY C 163 10.85 -7.51 -27.08
C GLY C 163 11.45 -6.36 -27.85
N ARG C 164 10.66 -5.35 -28.24
CA ARG C 164 11.21 -4.28 -29.05
C ARG C 164 12.24 -3.48 -28.28
N PHE C 165 13.18 -2.88 -29.01
CA PHE C 165 14.20 -2.06 -28.37
C PHE C 165 13.70 -0.62 -28.20
N MET C 166 14.39 0.09 -27.30
CA MET C 166 14.15 1.51 -27.06
C MET C 166 15.47 2.25 -27.22
N ASP C 167 15.50 3.27 -28.08
CA ASP C 167 16.75 3.99 -28.31
C ASP C 167 16.94 5.08 -27.25
N ALA C 168 18.11 5.72 -27.30
CA ALA C 168 18.51 6.64 -26.24
C ALA C 168 17.55 7.82 -26.15
N GLU C 169 17.13 8.35 -27.30
CA GLU C 169 16.23 9.49 -27.31
C GLU C 169 14.88 9.15 -26.67
N GLU C 170 14.31 8.00 -27.04
CA GLU C 170 13.08 7.55 -26.40
C GLU C 170 13.30 7.25 -24.93
N ALA C 171 14.47 6.70 -24.58
CA ALA C 171 14.77 6.42 -23.17
C ALA C 171 14.78 7.71 -22.34
N GLU C 172 15.33 8.79 -22.88
CA GLU C 172 15.34 10.05 -22.14
C GLU C 172 13.95 10.67 -22.12
N ARG C 173 13.24 10.56 -23.23
CA ARG C 173 11.91 11.14 -23.37
C ARG C 173 10.91 10.50 -22.43
N SER C 174 11.09 9.20 -22.16
CA SER C 174 10.16 8.43 -21.33
C SER C 174 10.57 8.39 -19.86
N GLY C 175 11.77 8.87 -19.52
CA GLY C 175 12.21 8.90 -18.15
C GLY C 175 13.03 7.71 -17.69
N LEU C 176 13.40 6.81 -18.61
CA LEU C 176 14.28 5.69 -18.26
C LEU C 176 15.67 6.17 -17.87
N VAL C 177 16.18 7.21 -18.55
CA VAL C 177 17.51 7.74 -18.27
C VAL C 177 17.39 9.22 -17.94
N SER C 178 18.41 9.74 -17.27
CA SER C 178 18.43 11.14 -16.90
C SER C 178 19.05 12.01 -17.98
N ARG C 179 20.19 11.59 -18.54
CA ARG C 179 20.93 12.41 -19.49
C ARG C 179 21.40 11.55 -20.66
N VAL C 180 21.36 12.12 -21.86
CA VAL C 180 21.95 11.52 -23.07
C VAL C 180 23.04 12.45 -23.56
N VAL C 181 24.21 11.88 -23.87
CA VAL C 181 25.35 12.63 -24.40
C VAL C 181 25.99 11.84 -25.53
N PRO C 182 26.81 12.50 -26.36
CA PRO C 182 27.54 11.74 -27.40
C PRO C 182 28.43 10.67 -26.79
N ALA C 183 28.62 9.59 -27.55
CA ALA C 183 29.38 8.44 -27.06
C ALA C 183 30.76 8.84 -26.56
N LYS C 184 31.42 9.77 -27.24
CA LYS C 184 32.76 10.16 -26.82
C LYS C 184 32.76 10.97 -25.52
N LYS C 185 31.60 11.48 -25.10
CA LYS C 185 31.51 12.26 -23.88
C LYS C 185 30.85 11.52 -22.72
N LEU C 186 30.46 10.26 -22.91
CA LEU C 186 29.76 9.53 -21.85
C LEU C 186 30.59 9.48 -20.56
N MET C 187 31.84 9.01 -20.65
CA MET C 187 32.61 8.85 -19.42
C MET C 187 32.94 10.20 -18.78
N GLU C 188 33.15 11.23 -19.61
CA GLU C 188 33.39 12.57 -19.08
C GLU C 188 32.17 13.09 -18.32
N GLU C 189 30.98 12.97 -18.94
CA GLU C 189 29.76 13.40 -18.27
C GLU C 189 29.55 12.65 -16.96
N THR C 190 29.73 11.33 -16.99
CA THR C 190 29.42 10.52 -15.81
C THR C 190 30.40 10.78 -14.67
N MET C 191 31.72 10.80 -14.97
CA MET C 191 32.68 11.01 -13.90
C MET C 191 32.59 12.42 -13.33
N THR C 192 32.21 13.40 -14.14
CA THR C 192 31.97 14.74 -13.60
C THR C 192 30.81 14.73 -12.60
N ALA C 193 29.72 14.03 -12.95
CA ALA C 193 28.59 13.91 -12.02
C ALA C 193 29.00 13.15 -10.76
N ALA C 194 29.75 12.07 -10.91
CA ALA C 194 30.17 11.30 -9.75
C ALA C 194 31.08 12.12 -8.86
N GLN C 195 31.99 12.90 -9.47
CA GLN C 195 32.84 13.80 -8.71
C GLN C 195 32.01 14.80 -7.91
N LYS C 196 31.04 15.43 -8.57
CA LYS C 196 30.17 16.38 -7.90
C LYS C 196 29.45 15.73 -6.72
N ILE C 197 28.96 14.50 -6.89
CA ILE C 197 28.34 13.79 -5.77
C ILE C 197 29.36 13.54 -4.66
N ALA C 198 30.58 13.18 -5.04
CA ALA C 198 31.64 12.93 -4.08
C ALA C 198 32.04 14.18 -3.30
N GLU C 199 31.62 15.35 -3.75
CA GLU C 199 31.87 16.60 -3.02
C GLU C 199 30.90 16.81 -1.87
N LYS C 200 29.78 16.08 -1.84
CA LYS C 200 28.71 16.36 -0.89
C LYS C 200 28.91 15.60 0.41
N SER C 201 28.18 16.03 1.43
CA SER C 201 28.10 15.29 2.69
C SER C 201 27.70 13.83 2.43
N MET C 202 28.52 12.90 2.94
CA MET C 202 28.25 11.48 2.73
C MET C 202 26.97 11.04 3.43
N ILE C 203 26.71 11.55 4.62
CA ILE C 203 25.46 11.21 5.31
C ILE C 203 24.26 11.73 4.54
N ALA C 204 24.31 12.97 4.08
CA ALA C 204 23.18 13.53 3.33
C ALA C 204 23.00 12.78 2.02
N VAL C 205 24.09 12.36 1.39
CA VAL C 205 24.00 11.63 0.14
C VAL C 205 23.29 10.30 0.34
N MET C 206 23.65 9.57 1.40
CA MET C 206 22.96 8.30 1.69
C MET C 206 21.49 8.54 2.00
N ALA C 207 21.20 9.62 2.74
CA ALA C 207 19.82 9.94 3.08
C ALA C 207 18.98 10.24 1.85
N VAL C 208 19.53 11.07 0.93
CA VAL C 208 18.84 11.39 -0.33
C VAL C 208 18.45 10.12 -1.07
N LYS C 209 19.42 9.21 -1.27
CA LYS C 209 19.16 7.97 -2.00
C LYS C 209 18.05 7.17 -1.34
N GLU C 210 18.14 7.01 -0.02
CA GLU C 210 17.12 6.24 0.70
C GLU C 210 15.75 6.89 0.60
N ALA C 211 15.70 8.21 0.74
CA ALA C 211 14.41 8.91 0.68
C ALA C 211 13.79 8.79 -0.71
N VAL C 212 14.58 9.04 -1.78
CA VAL C 212 14.06 8.86 -3.14
C VAL C 212 13.50 7.45 -3.33
N ASN C 213 14.21 6.43 -2.84
CA ASN C 213 13.79 5.05 -3.05
C ASN C 213 12.51 4.71 -2.28
N ARG C 214 12.17 5.46 -1.21
CA ARG C 214 10.86 5.30 -0.57
C ARG C 214 9.69 5.54 -1.53
N SER C 215 9.94 6.27 -2.63
CA SER C 215 8.86 6.66 -3.53
C SER C 215 8.11 5.46 -4.11
N TYR C 216 8.76 4.30 -4.23
CA TYR C 216 8.13 3.14 -4.85
C TYR C 216 7.65 2.12 -3.82
N GLU C 217 7.74 2.43 -2.51
CA GLU C 217 7.38 1.48 -1.46
C GLU C 217 6.24 1.91 -0.55
N VAL C 218 5.94 3.21 -0.45
CA VAL C 218 4.95 3.69 0.52
C VAL C 218 4.00 4.67 -0.18
N PRO C 219 2.81 4.87 0.39
CA PRO C 219 1.96 5.99 -0.05
C PRO C 219 2.70 7.31 0.07
N LEU C 220 2.39 8.23 -0.84
CA LEU C 220 3.05 9.53 -0.84
C LEU C 220 2.97 10.20 0.53
N ARG C 221 1.80 10.18 1.17
CA ARG C 221 1.66 10.85 2.47
C ARG C 221 2.68 10.31 3.47
N GLU C 222 2.92 9.00 3.44
CA GLU C 222 3.90 8.37 4.34
C GLU C 222 5.33 8.68 3.90
N GLY C 223 5.57 8.72 2.58
CA GLY C 223 6.90 9.09 2.10
C GLY C 223 7.29 10.51 2.47
N LEU C 224 6.32 11.43 2.46
CA LEU C 224 6.57 12.78 2.95
C LEU C 224 6.95 12.78 4.43
N LEU C 225 6.25 11.98 5.25
CA LEU C 225 6.59 11.93 6.67
C LEU C 225 8.01 11.40 6.87
N PHE C 226 8.36 10.32 6.15
CA PHE C 226 9.70 9.74 6.26
C PHE C 226 10.75 10.76 5.85
N GLU C 227 10.57 11.41 4.71
CA GLU C 227 11.49 12.44 4.23
C GLU C 227 11.68 13.54 5.28
N ARG C 228 10.58 14.01 5.86
CA ARG C 228 10.72 15.13 6.80
C ARG C 228 11.47 14.71 8.06
N ARG C 229 11.24 13.48 8.54
CA ARG C 229 11.95 13.02 9.74
C ARG C 229 13.44 12.83 9.45
N VAL C 230 13.78 12.36 8.24
CA VAL C 230 15.19 12.22 7.90
C VAL C 230 15.84 13.59 7.73
N PHE C 231 15.14 14.51 7.06
CA PHE C 231 15.61 15.90 6.97
C PHE C 231 15.91 16.46 8.35
N GLN C 232 14.98 16.31 9.29
CA GLN C 232 15.15 16.86 10.63
C GLN C 232 16.33 16.21 11.35
N SER C 233 16.55 14.91 11.14
CA SER C 233 17.66 14.25 11.81
C SER C 233 19.02 14.70 11.29
N LEU C 234 19.10 15.17 10.05
CA LEU C 234 20.37 15.68 9.53
C LEU C 234 20.84 16.96 10.24
N PHE C 235 20.10 17.34 11.29
CA PHE C 235 20.49 18.44 12.17
C PHE C 235 21.17 17.90 13.42
N TYR D 3 30.90 -21.39 19.53
CA TYR D 3 30.28 -20.14 19.97
C TYR D 3 30.46 -19.91 21.46
N GLU D 4 30.49 -18.64 21.85
CA GLU D 4 30.69 -18.26 23.24
C GLU D 4 29.40 -17.86 23.96
N THR D 5 28.41 -17.33 23.26
CA THR D 5 27.20 -16.83 23.89
C THR D 5 25.96 -17.65 23.55
N ILE D 6 26.06 -18.59 22.61
CA ILE D 6 24.95 -19.45 22.23
C ILE D 6 25.44 -20.89 22.13
N ILE D 7 24.50 -21.81 22.24
CA ILE D 7 24.72 -23.25 22.06
C ILE D 7 23.82 -23.71 20.92
N VAL D 8 24.39 -24.48 19.99
CA VAL D 8 23.65 -24.95 18.82
C VAL D 8 23.73 -26.46 18.77
N GLU D 9 22.57 -27.11 18.63
CA GLU D 9 22.53 -28.57 18.52
C GLU D 9 21.52 -28.98 17.47
N VAL D 10 21.97 -29.70 16.44
CA VAL D 10 21.11 -30.28 15.41
C VAL D 10 20.86 -31.74 15.77
N GLU D 11 19.58 -32.12 15.82
CA GLU D 11 19.18 -33.52 15.96
C GLU D 11 17.91 -33.70 15.15
N ASP D 12 17.88 -34.75 14.31
CA ASP D 12 16.64 -35.15 13.65
C ASP D 12 15.98 -33.98 12.92
N HIS D 13 16.78 -33.24 12.15
CA HIS D 13 16.35 -32.20 11.23
C HIS D 13 15.88 -30.93 11.93
N VAL D 14 16.14 -30.80 13.23
CA VAL D 14 15.79 -29.59 13.98
C VAL D 14 17.06 -29.01 14.59
N ALA D 15 17.30 -27.72 14.34
CA ALA D 15 18.40 -26.98 14.96
C ALA D 15 17.88 -26.22 16.17
N LEU D 16 18.33 -26.61 17.35
CA LEU D 16 18.00 -25.90 18.59
C LEU D 16 19.12 -24.93 18.91
N ILE D 17 18.77 -23.65 18.99
CA ILE D 17 19.71 -22.58 19.33
C ILE D 17 19.33 -22.07 20.71
N THR D 18 20.21 -22.26 21.69
CA THR D 18 19.97 -21.85 23.07
C THR D 18 20.82 -20.63 23.38
N LEU D 19 20.17 -19.54 23.76
CA LEU D 19 20.92 -18.37 24.22
C LEU D 19 21.57 -18.69 25.56
N ASN D 20 22.85 -18.31 25.69
CA ASN D 20 23.67 -18.78 26.81
C ASN D 20 24.51 -17.62 27.37
N ARG D 21 23.83 -16.61 27.89
CA ARG D 21 24.43 -15.57 28.74
C ARG D 21 23.63 -15.51 30.03
N PRO D 22 23.67 -16.57 30.83
CA PRO D 22 22.77 -16.64 32.00
C PRO D 22 23.03 -15.58 33.06
N ASP D 23 24.28 -15.17 33.27
CA ASP D 23 24.54 -14.10 34.23
C ASP D 23 23.91 -12.79 33.80
N ALA D 24 23.65 -12.62 32.51
CA ALA D 24 23.01 -11.42 31.99
C ALA D 24 21.54 -11.65 31.64
N LEU D 25 20.97 -12.76 32.12
CA LEU D 25 19.59 -13.14 31.78
C LEU D 25 19.37 -13.14 30.26
N ASN D 26 20.42 -13.52 29.53
CA ASN D 26 20.35 -13.68 28.08
C ASN D 26 20.07 -12.36 27.36
N ALA D 27 20.52 -11.26 27.94
CA ALA D 27 20.44 -9.98 27.26
C ALA D 27 21.19 -10.04 25.94
N LEU D 28 20.61 -9.43 24.90
CA LEU D 28 21.27 -9.42 23.60
C LEU D 28 22.42 -8.41 23.62
N ASN D 29 23.59 -8.84 23.18
CA ASN D 29 24.68 -7.90 22.96
C ASN D 29 25.21 -8.12 21.55
N ASP D 30 26.26 -7.38 21.20
CA ASP D 30 26.79 -7.46 19.85
C ASP D 30 27.30 -8.87 19.54
N GLN D 31 27.99 -9.49 20.50
CA GLN D 31 28.53 -10.82 20.23
C GLN D 31 27.41 -11.83 20.01
N LEU D 32 26.41 -11.82 20.89
CA LEU D 32 25.32 -12.81 20.77
C LEU D 32 24.57 -12.65 19.45
N LEU D 33 24.19 -11.40 19.10
CA LEU D 33 23.48 -11.19 17.85
C LEU D 33 24.33 -11.60 16.66
N SER D 34 25.63 -11.34 16.71
CA SER D 34 26.51 -11.77 15.64
C SER D 34 26.56 -13.30 15.55
N GLU D 35 26.66 -13.99 16.69
CA GLU D 35 26.70 -15.45 16.68
C GLU D 35 25.35 -16.05 16.33
N LEU D 36 24.26 -15.44 16.82
CA LEU D 36 22.92 -15.93 16.48
C LEU D 36 22.70 -15.88 14.97
N VAL D 37 23.06 -14.76 14.33
CA VAL D 37 22.83 -14.66 12.88
C VAL D 37 23.67 -15.70 12.14
N LYS D 38 24.93 -15.87 12.56
CA LYS D 38 25.78 -16.88 11.95
C LYS D 38 25.16 -18.27 12.10
N ALA D 39 24.66 -18.60 13.29
CA ALA D 39 24.05 -19.91 13.50
C ALA D 39 22.81 -20.10 12.63
N LEU D 40 22.02 -19.03 12.45
CA LEU D 40 20.83 -19.12 11.60
C LEU D 40 21.22 -19.34 10.14
N GLU D 41 22.22 -18.59 9.65
CA GLU D 41 22.65 -18.74 8.27
C GLU D 41 23.22 -20.13 8.02
N ASP D 42 23.98 -20.67 8.99
CA ASP D 42 24.44 -22.05 8.89
C ASP D 42 23.28 -23.03 8.86
N ALA D 43 22.26 -22.80 9.70
CA ALA D 43 21.11 -23.69 9.69
C ALA D 43 20.39 -23.63 8.36
N GLN D 44 20.25 -22.42 7.78
CA GLN D 44 19.65 -22.27 6.46
C GLN D 44 20.44 -23.04 5.40
N ASN D 45 21.76 -22.95 5.43
CA ASN D 45 22.56 -23.64 4.42
C ASN D 45 22.73 -25.14 4.70
N ASN D 46 22.27 -25.62 5.85
CA ASN D 46 22.44 -27.02 6.24
C ASN D 46 21.26 -27.82 5.73
N ASP D 47 21.46 -28.60 4.67
CA ASP D 47 20.37 -29.36 4.06
C ASP D 47 19.72 -30.36 5.00
N LYS D 48 20.37 -30.69 6.13
CA LYS D 48 19.72 -31.58 7.08
C LYS D 48 18.74 -30.85 7.99
N VAL D 49 18.83 -29.52 8.08
CA VAL D 49 17.98 -28.75 8.99
C VAL D 49 16.68 -28.40 8.26
N ARG D 50 15.55 -28.73 8.87
CA ARG D 50 14.25 -28.39 8.32
C ARG D 50 13.45 -27.43 9.18
N CYS D 51 13.80 -27.28 10.46
CA CYS D 51 13.11 -26.33 11.33
C CYS D 51 14.11 -25.89 12.40
N ILE D 52 13.98 -24.63 12.81
CA ILE D 52 14.86 -24.02 13.81
C ILE D 52 14.03 -23.68 15.04
N VAL D 53 14.63 -23.83 16.21
CA VAL D 53 14.03 -23.42 17.48
C VAL D 53 15.04 -22.53 18.21
N ILE D 54 14.57 -21.39 18.70
CA ILE D 54 15.38 -20.51 19.54
C ILE D 54 14.78 -20.53 20.94
N THR D 55 15.64 -20.66 21.95
CA THR D 55 15.16 -20.62 23.33
C THR D 55 16.26 -20.02 24.19
N GLY D 56 15.90 -19.67 25.42
CA GLY D 56 16.87 -19.17 26.38
C GLY D 56 16.96 -20.09 27.58
N SER D 57 16.94 -19.53 28.78
CA SER D 57 16.93 -20.32 30.00
C SER D 57 15.52 -20.34 30.56
N GLU D 58 15.33 -21.17 31.60
CA GLU D 58 14.04 -21.18 32.28
C GLU D 58 13.73 -19.82 32.88
N LYS D 59 14.75 -19.07 33.31
CA LYS D 59 14.52 -17.76 33.92
C LYS D 59 14.21 -16.69 32.88
N ALA D 60 14.88 -16.72 31.72
CA ALA D 60 14.67 -15.69 30.72
C ALA D 60 15.01 -16.21 29.33
N PHE D 61 14.07 -16.01 28.40
CA PHE D 61 14.37 -16.14 26.98
C PHE D 61 15.45 -15.13 26.58
N ALA D 62 15.19 -13.85 26.84
CA ALA D 62 16.16 -12.77 26.63
C ALA D 62 15.64 -11.51 27.30
N ALA D 63 16.30 -11.09 28.39
CA ALA D 63 15.81 -9.98 29.20
C ALA D 63 16.54 -8.71 28.78
N GLY D 64 16.13 -8.16 27.65
CA GLY D 64 16.67 -6.88 27.21
C GLY D 64 17.84 -7.01 26.27
N ALA D 65 18.51 -5.88 26.08
CA ALA D 65 19.71 -5.79 25.26
C ALA D 65 20.80 -5.03 26.01
N ASP D 77 27.12 7.99 14.25
CA ASP D 77 27.59 6.62 14.38
C ASP D 77 26.45 5.62 14.14
N VAL D 78 25.27 5.89 14.71
CA VAL D 78 24.18 4.92 14.60
C VAL D 78 23.59 4.93 13.19
N PHE D 79 23.61 6.08 12.51
CA PHE D 79 23.04 6.13 11.18
C PHE D 79 24.02 5.56 10.15
N ALA D 80 25.28 5.98 10.21
CA ALA D 80 26.27 5.51 9.24
C ALA D 80 26.53 4.01 9.41
N GLY D 81 26.56 3.52 10.64
CA GLY D 81 26.64 2.09 10.89
C GLY D 81 25.33 1.35 10.84
N ASP D 82 24.21 2.06 10.71
CA ASP D 82 22.85 1.51 10.70
C ASP D 82 22.62 0.55 11.86
N LEU D 83 22.71 1.10 13.06
CA LEU D 83 22.56 0.33 14.30
C LEU D 83 21.29 -0.51 14.26
N PHE D 84 21.46 -1.83 14.45
CA PHE D 84 20.45 -2.87 14.55
C PHE D 84 19.83 -3.27 13.20
N GLY D 85 20.23 -2.66 12.09
CA GLY D 85 19.72 -3.03 10.80
C GLY D 85 20.20 -4.36 10.25
N PRO D 86 21.53 -4.55 10.17
CA PRO D 86 22.04 -5.82 9.62
C PRO D 86 21.59 -7.04 10.40
N GLU D 87 21.52 -6.94 11.73
CA GLU D 87 21.10 -8.07 12.55
C GLU D 87 19.65 -8.45 12.28
N ALA D 88 18.74 -7.47 12.35
CA ALA D 88 17.35 -7.73 12.00
C ALA D 88 17.23 -8.34 10.61
N GLU D 89 17.97 -7.80 9.64
CA GLU D 89 17.84 -8.30 8.28
C GLU D 89 18.37 -9.73 8.14
N GLY D 90 19.42 -10.08 8.89
CA GLY D 90 19.91 -11.45 8.85
C GLY D 90 18.87 -12.45 9.33
N ILE D 91 18.13 -12.10 10.37
CA ILE D 91 17.10 -13.01 10.88
C ILE D 91 15.93 -13.09 9.90
N MET D 92 15.53 -11.95 9.33
CA MET D 92 14.35 -11.91 8.47
C MET D 92 14.57 -12.65 7.15
N ARG D 93 15.82 -12.74 6.68
CA ARG D 93 16.07 -13.39 5.39
C ARG D 93 16.08 -14.92 5.47
N ILE D 94 16.08 -15.50 6.67
CA ILE D 94 16.07 -16.95 6.81
C ILE D 94 14.76 -17.50 6.24
N ARG D 95 14.86 -18.48 5.34
CA ARG D 95 13.67 -19.00 4.66
C ARG D 95 13.05 -20.20 5.37
N LYS D 96 13.82 -20.94 6.16
CA LYS D 96 13.28 -22.02 6.97
C LYS D 96 12.55 -21.46 8.18
N PRO D 97 11.61 -22.21 8.75
CA PRO D 97 10.84 -21.69 9.89
C PRO D 97 11.65 -21.71 11.17
N ILE D 98 11.32 -20.75 12.04
CA ILE D 98 11.94 -20.54 13.34
C ILE D 98 10.84 -20.44 14.39
N ILE D 99 10.85 -21.35 15.37
CA ILE D 99 9.94 -21.28 16.51
C ILE D 99 10.69 -20.70 17.70
N ALA D 100 10.07 -19.75 18.38
CA ALA D 100 10.58 -19.22 19.63
C ALA D 100 9.94 -19.97 20.78
N ALA D 101 10.77 -20.61 21.62
CA ALA D 101 10.30 -21.24 22.86
C ALA D 101 10.66 -20.31 24.01
N VAL D 102 9.66 -19.61 24.54
CA VAL D 102 9.87 -18.51 25.47
C VAL D 102 9.48 -18.95 26.87
N SER D 103 10.45 -18.91 27.78
CA SER D 103 10.19 -19.07 29.20
C SER D 103 10.67 -17.81 29.92
N GLY D 104 9.95 -17.42 30.97
CA GLY D 104 10.41 -16.28 31.74
C GLY D 104 10.42 -15.01 30.91
N TYR D 105 11.42 -14.16 31.17
CA TYR D 105 11.43 -12.82 30.61
C TYR D 105 11.77 -12.82 29.12
N ALA D 106 10.97 -12.09 28.34
CA ALA D 106 11.26 -11.76 26.94
C ALA D 106 10.96 -10.27 26.82
N LEU D 107 11.98 -9.44 27.02
CA LEU D 107 11.79 -8.00 27.21
C LEU D 107 12.68 -7.23 26.25
N GLY D 108 12.13 -6.13 25.72
CA GLY D 108 12.94 -5.26 24.89
C GLY D 108 13.35 -5.98 23.63
N GLY D 109 14.65 -5.94 23.32
CA GLY D 109 15.16 -6.70 22.19
C GLY D 109 14.78 -8.18 22.23
N GLY D 110 14.60 -8.74 23.43
CA GLY D 110 14.22 -10.14 23.52
C GLY D 110 12.76 -10.39 23.12
N CYS D 111 11.87 -9.50 23.51
CA CYS D 111 10.50 -9.55 22.98
C CYS D 111 10.53 -9.40 21.47
N GLU D 112 11.33 -8.46 20.96
CA GLU D 112 11.41 -8.23 19.52
C GLU D 112 11.97 -9.44 18.80
N LEU D 113 12.93 -10.14 19.42
CA LEU D 113 13.46 -11.35 18.80
C LEU D 113 12.38 -12.43 18.73
N ALA D 114 11.61 -12.60 19.80
CA ALA D 114 10.53 -13.58 19.78
C ALA D 114 9.53 -13.25 18.68
N MET D 115 9.25 -11.96 18.47
CA MET D 115 8.29 -11.57 17.43
C MET D 115 8.85 -11.75 16.02
N MET D 116 10.18 -11.69 15.85
CA MET D 116 10.76 -11.94 14.53
C MET D 116 10.70 -13.42 14.16
N CYS D 117 10.64 -14.32 15.15
CA CYS D 117 10.45 -15.73 14.83
C CYS D 117 9.07 -15.93 14.22
N ASP D 118 8.88 -17.11 13.62
CA ASP D 118 7.65 -17.34 12.87
C ASP D 118 6.45 -17.54 13.77
N PHE D 119 6.62 -18.24 14.91
CA PHE D 119 5.59 -18.20 15.95
C PHE D 119 6.23 -18.51 17.30
N ILE D 120 5.49 -18.21 18.36
CA ILE D 120 5.95 -18.39 19.73
C ILE D 120 5.12 -19.47 20.39
N ILE D 121 5.79 -20.39 21.09
CA ILE D 121 5.20 -21.21 22.15
C ILE D 121 5.85 -20.76 23.45
N CYS D 122 5.05 -20.50 24.49
CA CYS D 122 5.64 -19.99 25.72
C CYS D 122 5.15 -20.79 26.92
N SER D 123 5.93 -20.69 28.00
CA SER D 123 5.51 -21.30 29.26
C SER D 123 4.58 -20.35 30.01
N ASP D 124 3.87 -20.89 31.01
CA ASP D 124 2.96 -20.01 31.76
C ASP D 124 3.71 -18.99 32.63
N THR D 125 5.03 -19.05 32.71
CA THR D 125 5.82 -18.05 33.40
C THR D 125 6.31 -16.93 32.50
N ALA D 126 5.98 -16.97 31.21
CA ALA D 126 6.51 -15.99 30.26
C ALA D 126 6.04 -14.58 30.60
N LYS D 127 6.94 -13.61 30.44
CA LYS D 127 6.58 -12.20 30.60
C LYS D 127 7.20 -11.43 29.44
N PHE D 128 6.34 -10.72 28.67
CA PHE D 128 6.76 -9.91 27.53
C PHE D 128 6.66 -8.42 27.88
N GLY D 129 7.46 -7.61 27.19
CA GLY D 129 7.40 -6.17 27.40
C GLY D 129 8.38 -5.43 26.51
N GLN D 130 8.12 -4.12 26.36
CA GLN D 130 8.97 -3.22 25.59
C GLN D 130 9.34 -2.02 26.46
N PRO D 131 10.30 -2.18 27.38
CA PRO D 131 10.61 -1.09 28.31
C PRO D 131 11.60 -0.06 27.78
N GLU D 132 11.84 -0.05 26.45
CA GLU D 132 12.77 0.92 25.88
C GLU D 132 12.46 2.36 26.28
N ILE D 133 11.17 2.70 26.42
CA ILE D 133 10.81 4.08 26.74
C ILE D 133 11.46 4.53 28.06
N ASN D 134 11.71 3.58 28.98
CA ASN D 134 12.35 3.92 30.24
C ASN D 134 13.77 4.43 30.08
N LEU D 135 14.38 4.26 28.89
CA LEU D 135 15.74 4.68 28.63
C LEU D 135 15.82 5.93 27.77
N GLY D 136 14.68 6.53 27.45
CA GLY D 136 14.67 7.66 26.53
C GLY D 136 14.79 7.28 25.07
N VAL D 137 14.68 6.00 24.74
CA VAL D 137 14.68 5.57 23.35
C VAL D 137 13.39 4.82 23.10
N ILE D 138 13.30 4.14 21.95
CA ILE D 138 12.12 3.39 21.57
C ILE D 138 12.59 2.03 21.07
N ALA D 139 11.62 1.13 20.88
CA ALA D 139 11.87 -0.09 20.13
C ALA D 139 12.60 0.22 18.84
N GLY D 140 13.69 -0.50 18.58
CA GLY D 140 14.44 -0.31 17.35
C GLY D 140 14.58 -1.58 16.55
N MET D 141 13.88 -2.64 16.95
CA MET D 141 13.93 -3.88 16.21
C MET D 141 12.53 -4.45 16.01
N GLY D 142 11.54 -3.58 15.79
CA GLY D 142 10.21 -4.03 15.41
C GLY D 142 9.16 -3.97 16.50
N GLY D 143 9.52 -3.54 17.71
CA GLY D 143 8.55 -3.54 18.80
C GLY D 143 7.37 -2.60 18.57
N SER D 144 7.58 -1.51 17.82
CA SER D 144 6.49 -0.60 17.50
C SER D 144 5.65 -1.09 16.32
N GLN D 145 6.16 -2.06 15.55
CA GLN D 145 5.56 -2.52 14.29
C GLN D 145 4.90 -3.88 14.43
N ARG D 146 5.64 -4.88 14.89
CA ARG D 146 5.09 -6.24 14.95
C ARG D 146 4.08 -6.37 16.08
N LEU D 147 4.38 -5.80 17.24
CA LEU D 147 3.43 -5.86 18.35
C LEU D 147 2.09 -5.30 17.94
N THR D 148 2.10 -4.11 17.32
CA THR D 148 0.86 -3.45 16.91
C THR D 148 0.08 -4.28 15.90
N ARG D 149 0.77 -4.77 14.88
N ARG D 149 0.77 -4.76 14.86
CA ARG D 149 0.11 -5.51 13.81
CA ARG D 149 0.09 -5.52 13.82
C ARG D 149 -0.39 -6.87 14.30
C ARG D 149 -0.46 -6.83 14.39
N PHE D 150 0.26 -7.44 15.33
CA PHE D 150 -0.14 -8.77 15.80
C PHE D 150 -1.24 -8.74 16.86
N ILE D 151 -1.26 -7.73 17.74
CA ILE D 151 -2.18 -7.76 18.87
C ILE D 151 -3.08 -6.54 18.95
N GLY D 152 -2.96 -5.57 18.05
CA GLY D 152 -3.87 -4.44 18.05
C GLY D 152 -3.24 -3.19 18.64
N LYS D 153 -3.87 -2.04 18.36
CA LYS D 153 -3.26 -0.77 18.70
C LYS D 153 -3.24 -0.52 20.21
N SER D 154 -4.36 -0.76 20.92
CA SER D 154 -4.41 -0.40 22.35
C SER D 154 -3.30 -1.09 23.13
N LYS D 155 -3.20 -2.40 23.02
CA LYS D 155 -2.22 -3.10 23.84
C LYS D 155 -0.78 -2.75 23.44
N SER D 156 -0.53 -2.57 22.13
CA SER D 156 0.82 -2.20 21.71
C SER D 156 1.17 -0.78 22.14
N MET D 157 0.27 0.19 21.92
CA MET D 157 0.52 1.54 22.39
C MET D 157 0.78 1.56 23.90
N ASP D 158 -0.04 0.82 24.64
CA ASP D 158 0.10 0.77 26.08
C ASP D 158 1.47 0.22 26.46
N MET D 159 1.82 -0.95 25.93
CA MET D 159 3.11 -1.56 26.25
C MET D 159 4.26 -0.65 25.86
N ASN D 160 4.20 -0.02 24.69
CA ASN D 160 5.34 0.77 24.23
C ASN D 160 5.44 2.10 24.98
N LEU D 161 4.31 2.69 25.39
CA LEU D 161 4.35 3.98 26.08
C LEU D 161 4.62 3.82 27.57
N THR D 162 4.08 2.78 28.21
CA THR D 162 4.21 2.61 29.65
C THR D 162 5.27 1.60 30.05
N GLY D 163 5.73 0.74 29.13
CA GLY D 163 6.63 -0.34 29.48
C GLY D 163 6.02 -1.45 30.32
N ARG D 164 4.70 -1.52 30.45
CA ARG D 164 4.08 -2.55 31.27
C ARG D 164 4.35 -3.94 30.70
N PHE D 165 4.39 -4.93 31.61
CA PHE D 165 4.55 -6.30 31.15
C PHE D 165 3.21 -6.88 30.69
N MET D 166 3.30 -7.94 29.90
CA MET D 166 2.17 -8.75 29.45
C MET D 166 2.47 -10.20 29.84
N ASP D 167 1.57 -10.81 30.63
CA ASP D 167 1.84 -12.17 31.08
C ASP D 167 1.42 -13.19 30.02
N ALA D 168 1.78 -14.46 30.28
CA ALA D 168 1.59 -15.51 29.29
C ALA D 168 0.13 -15.63 28.88
N GLU D 169 -0.79 -15.55 29.84
CA GLU D 169 -2.21 -15.69 29.51
C GLU D 169 -2.65 -14.54 28.61
N GLU D 170 -2.25 -13.31 28.94
CA GLU D 170 -2.62 -12.19 28.08
C GLU D 170 -1.97 -12.29 26.72
N ALA D 171 -0.72 -12.82 26.66
CA ALA D 171 -0.05 -12.97 25.39
C ALA D 171 -0.82 -13.91 24.46
N GLU D 172 -1.34 -15.03 24.99
CA GLU D 172 -2.09 -15.95 24.14
C GLU D 172 -3.44 -15.36 23.76
N ARG D 173 -4.10 -14.72 24.72
CA ARG D 173 -5.42 -14.13 24.50
C ARG D 173 -5.38 -13.03 23.45
N SER D 174 -4.26 -12.30 23.37
CA SER D 174 -4.14 -11.17 22.45
C SER D 174 -3.54 -11.55 21.10
N GLY D 175 -3.01 -12.77 20.96
CA GLY D 175 -2.45 -13.24 19.70
C GLY D 175 -0.96 -13.07 19.58
N LEU D 176 -0.27 -12.64 20.63
CA LEU D 176 1.18 -12.50 20.56
C LEU D 176 1.86 -13.87 20.47
N VAL D 177 1.31 -14.88 21.15
CA VAL D 177 1.85 -16.24 21.10
C VAL D 177 0.76 -17.19 20.63
N SER D 178 1.20 -18.32 20.09
CA SER D 178 0.27 -19.33 19.61
C SER D 178 -0.21 -20.26 20.72
N ARG D 179 0.72 -20.72 21.57
CA ARG D 179 0.41 -21.73 22.59
C ARG D 179 1.09 -21.38 23.90
N VAL D 180 0.40 -21.67 25.01
CA VAL D 180 0.97 -21.58 26.36
C VAL D 180 0.90 -22.96 26.99
N VAL D 181 2.00 -23.40 27.59
CA VAL D 181 2.06 -24.72 28.26
C VAL D 181 2.78 -24.57 29.58
N PRO D 182 2.60 -25.53 30.50
CA PRO D 182 3.37 -25.49 31.75
C PRO D 182 4.87 -25.51 31.47
N ALA D 183 5.63 -24.90 32.39
CA ALA D 183 7.07 -24.78 32.22
C ALA D 183 7.73 -26.12 31.92
N LYS D 184 7.30 -27.18 32.61
CA LYS D 184 7.93 -28.48 32.41
C LYS D 184 7.63 -29.07 31.05
N LYS D 185 6.64 -28.54 30.32
CA LYS D 185 6.29 -29.08 29.03
C LYS D 185 6.72 -28.19 27.86
N LEU D 186 7.35 -27.04 28.14
CA LEU D 186 7.67 -26.09 27.07
C LEU D 186 8.50 -26.73 25.98
N MET D 187 9.63 -27.32 26.35
CA MET D 187 10.52 -27.87 25.34
C MET D 187 9.92 -29.08 24.65
N GLU D 188 9.21 -29.93 25.39
CA GLU D 188 8.54 -31.07 24.74
C GLU D 188 7.50 -30.60 23.73
N GLU D 189 6.67 -29.60 24.10
CA GLU D 189 5.68 -29.09 23.17
C GLU D 189 6.33 -28.52 21.92
N THR D 190 7.41 -27.75 22.11
CA THR D 190 8.06 -27.07 20.99
C THR D 190 8.76 -28.06 20.06
N MET D 191 9.50 -29.02 20.62
CA MET D 191 10.21 -29.95 19.75
C MET D 191 9.25 -30.83 18.98
N THR D 192 8.11 -31.18 19.57
CA THR D 192 7.11 -31.94 18.84
C THR D 192 6.53 -31.14 17.68
N ALA D 193 6.24 -29.85 17.91
CA ALA D 193 5.83 -28.99 16.79
C ALA D 193 6.91 -28.93 15.72
N ALA D 194 8.17 -28.77 16.14
CA ALA D 194 9.25 -28.69 15.16
C ALA D 194 9.40 -30.00 14.39
N GLN D 195 9.20 -31.14 15.07
CA GLN D 195 9.26 -32.43 14.35
C GLN D 195 8.14 -32.55 13.35
N LYS D 196 6.92 -32.12 13.71
CA LYS D 196 5.82 -32.10 12.76
C LYS D 196 6.20 -31.34 11.50
N ILE D 197 6.79 -30.15 11.67
CA ILE D 197 7.21 -29.34 10.52
C ILE D 197 8.30 -30.07 9.74
N ALA D 198 9.19 -30.76 10.44
CA ALA D 198 10.27 -31.47 9.75
C ALA D 198 9.77 -32.63 8.90
N GLU D 199 8.56 -33.13 9.17
CA GLU D 199 7.97 -34.21 8.36
C GLU D 199 7.44 -33.72 7.03
N LYS D 200 7.28 -32.42 6.83
CA LYS D 200 6.62 -31.89 5.65
C LYS D 200 7.61 -31.63 4.51
N SER D 201 7.06 -31.46 3.31
CA SER D 201 7.86 -31.00 2.17
C SER D 201 8.60 -29.72 2.51
N MET D 202 9.91 -29.70 2.24
CA MET D 202 10.72 -28.53 2.55
C MET D 202 10.34 -27.35 1.66
N ILE D 203 10.04 -27.61 0.38
CA ILE D 203 9.67 -26.51 -0.51
C ILE D 203 8.32 -25.92 -0.10
N ALA D 204 7.38 -26.75 0.34
CA ALA D 204 6.08 -26.24 0.76
C ALA D 204 6.17 -25.50 2.10
N VAL D 205 7.06 -25.95 2.99
CA VAL D 205 7.25 -25.23 4.25
C VAL D 205 7.78 -23.82 3.98
N MET D 206 8.79 -23.71 3.10
CA MET D 206 9.30 -22.38 2.78
C MET D 206 8.22 -21.53 2.12
N ALA D 207 7.42 -22.12 1.23
CA ALA D 207 6.34 -21.38 0.58
C ALA D 207 5.30 -20.92 1.59
N VAL D 208 4.92 -21.77 2.55
CA VAL D 208 3.94 -21.38 3.58
C VAL D 208 4.41 -20.15 4.32
N LYS D 209 5.64 -20.20 4.82
CA LYS D 209 6.16 -19.08 5.62
C LYS D 209 6.23 -17.80 4.80
N GLU D 210 6.67 -17.91 3.55
CA GLU D 210 6.72 -16.75 2.68
C GLU D 210 5.34 -16.19 2.39
N ALA D 211 4.39 -17.07 2.09
CA ALA D 211 3.03 -16.60 1.81
C ALA D 211 2.41 -15.94 3.03
N VAL D 212 2.54 -16.57 4.20
CA VAL D 212 1.99 -15.97 5.43
C VAL D 212 2.58 -14.57 5.63
N ASN D 213 3.88 -14.42 5.44
CA ASN D 213 4.52 -13.13 5.71
C ASN D 213 4.13 -12.04 4.71
N ARG D 214 3.61 -12.39 3.52
CA ARG D 214 3.04 -11.39 2.62
C ARG D 214 1.89 -10.62 3.29
N SER D 215 1.26 -11.20 4.29
CA SER D 215 0.07 -10.60 4.92
C SER D 215 0.33 -9.21 5.46
N TYR D 216 1.58 -8.88 5.79
CA TYR D 216 1.93 -7.60 6.38
C TYR D 216 2.57 -6.63 5.38
N GLU D 217 2.68 -7.02 4.11
CA GLU D 217 3.35 -6.22 3.11
C GLU D 217 2.48 -5.82 1.91
N VAL D 218 1.39 -6.53 1.61
CA VAL D 218 0.61 -6.21 0.42
C VAL D 218 -0.87 -6.12 0.76
N PRO D 219 -1.64 -5.41 -0.07
CA PRO D 219 -3.11 -5.48 0.03
C PRO D 219 -3.58 -6.93 -0.02
N LEU D 220 -4.67 -7.22 0.68
CA LEU D 220 -5.19 -8.60 0.72
C LEU D 220 -5.42 -9.15 -0.69
N ARG D 221 -6.03 -8.36 -1.59
CA ARG D 221 -6.31 -8.87 -2.94
C ARG D 221 -5.03 -9.32 -3.63
N GLU D 222 -3.94 -8.58 -3.43
CA GLU D 222 -2.65 -8.95 -4.02
C GLU D 222 -2.03 -10.15 -3.32
N GLY D 223 -2.21 -10.24 -1.99
CA GLY D 223 -1.69 -11.40 -1.28
C GLY D 223 -2.38 -12.68 -1.69
N LEU D 224 -3.68 -12.59 -2.02
CA LEU D 224 -4.39 -13.76 -2.53
C LEU D 224 -3.83 -14.20 -3.88
N LEU D 225 -3.52 -13.23 -4.75
CA LEU D 225 -2.92 -13.55 -6.05
C LEU D 225 -1.57 -14.24 -5.89
N PHE D 226 -0.71 -13.67 -5.04
CA PHE D 226 0.60 -14.27 -4.76
C PHE D 226 0.43 -15.69 -4.22
N GLU D 227 -0.48 -15.86 -3.25
CA GLU D 227 -0.69 -17.18 -2.66
C GLU D 227 -1.13 -18.19 -3.72
N ARG D 228 -2.07 -17.80 -4.58
CA ARG D 228 -2.57 -18.73 -5.58
C ARG D 228 -1.47 -19.13 -6.56
N ARG D 229 -0.62 -18.18 -6.97
CA ARG D 229 0.45 -18.49 -7.92
C ARG D 229 1.50 -19.40 -7.30
N VAL D 230 1.80 -19.21 -6.01
CA VAL D 230 2.73 -20.09 -5.32
C VAL D 230 2.11 -21.48 -5.16
N PHE D 231 0.83 -21.54 -4.78
CA PHE D 231 0.13 -22.81 -4.71
C PHE D 231 0.19 -23.57 -6.03
N GLN D 232 -0.04 -22.86 -7.14
CA GLN D 232 -0.03 -23.53 -8.45
C GLN D 232 1.34 -24.08 -8.78
N SER D 233 2.41 -23.33 -8.49
CA SER D 233 3.76 -23.78 -8.79
C SER D 233 4.18 -24.98 -7.95
N LEU D 234 3.57 -25.18 -6.77
CA LEU D 234 3.86 -26.38 -5.99
C LEU D 234 3.33 -27.65 -6.66
N PHE D 235 2.98 -27.56 -7.95
CA PHE D 235 2.53 -28.71 -8.73
C PHE D 235 3.62 -29.18 -9.69
N TYR E 3 -15.00 26.56 28.49
CA TYR E 3 -15.80 25.71 27.62
C TYR E 3 -17.16 25.39 28.22
N GLU E 4 -18.17 25.33 27.36
CA GLU E 4 -19.51 24.98 27.81
C GLU E 4 -19.70 23.48 28.01
N THR E 5 -19.04 22.64 27.20
CA THR E 5 -19.35 21.23 27.17
C THR E 5 -18.20 20.31 27.58
N ILE E 6 -17.05 20.86 27.98
CA ILE E 6 -15.95 20.03 28.47
C ILE E 6 -15.23 20.75 29.60
N ILE E 7 -14.57 19.96 30.43
CA ILE E 7 -13.75 20.44 31.53
C ILE E 7 -12.31 20.03 31.30
N VAL E 8 -11.37 20.95 31.56
CA VAL E 8 -9.94 20.67 31.39
C VAL E 8 -9.22 20.92 32.71
N GLU E 9 -8.46 19.93 33.17
CA GLU E 9 -7.66 20.01 34.38
C GLU E 9 -6.26 19.48 34.10
N VAL E 10 -5.24 20.26 34.45
CA VAL E 10 -3.84 19.90 34.22
C VAL E 10 -3.15 19.71 35.57
N GLU E 11 -2.67 18.50 35.84
CA GLU E 11 -1.91 18.17 37.04
C GLU E 11 -0.82 17.18 36.70
N ASP E 12 0.37 17.40 37.27
CA ASP E 12 1.50 16.46 37.08
C ASP E 12 1.76 16.19 35.60
N HIS E 13 1.65 17.24 34.79
CA HIS E 13 1.92 17.21 33.35
C HIS E 13 0.95 16.32 32.58
N VAL E 14 -0.23 16.06 33.14
CA VAL E 14 -1.31 15.34 32.47
C VAL E 14 -2.50 16.28 32.35
N ALA E 15 -3.05 16.38 31.14
CA ALA E 15 -4.30 17.10 30.93
C ALA E 15 -5.45 16.10 30.91
N LEU E 16 -6.34 16.21 31.90
CA LEU E 16 -7.57 15.43 31.92
C LEU E 16 -8.68 16.25 31.29
N ILE E 17 -9.23 15.73 30.19
CA ILE E 17 -10.31 16.40 29.47
C ILE E 17 -11.58 15.58 29.70
N THR E 18 -12.55 16.17 30.37
CA THR E 18 -13.79 15.48 30.72
C THR E 18 -14.91 16.01 29.83
N LEU E 19 -15.54 15.11 29.09
CA LEU E 19 -16.73 15.49 28.35
C LEU E 19 -17.84 15.80 29.36
N ASN E 20 -18.53 16.93 29.16
CA ASN E 20 -19.43 17.49 30.16
C ASN E 20 -20.82 17.73 29.57
N ARG E 21 -21.38 16.71 28.92
CA ARG E 21 -22.81 16.70 28.60
C ARG E 21 -23.48 15.49 29.25
N PRO E 22 -23.32 15.30 30.57
CA PRO E 22 -23.75 14.03 31.17
C PRO E 22 -25.25 13.76 31.03
N ASP E 23 -26.09 14.80 30.94
CA ASP E 23 -27.51 14.56 30.79
C ASP E 23 -27.87 14.08 29.39
N ALA E 24 -26.96 14.21 28.43
CA ALA E 24 -27.13 13.60 27.11
C ALA E 24 -26.28 12.34 26.95
N LEU E 25 -25.78 11.79 28.07
CA LEU E 25 -24.86 10.65 28.03
C LEU E 25 -23.65 10.96 27.16
N ASN E 26 -23.28 12.25 27.14
CA ASN E 26 -22.08 12.74 26.47
C ASN E 26 -22.11 12.46 24.97
N ALA E 27 -23.30 12.48 24.39
CA ALA E 27 -23.43 12.43 22.94
C ALA E 27 -22.62 13.56 22.30
N LEU E 28 -21.92 13.23 21.23
CA LEU E 28 -21.09 14.20 20.52
C LEU E 28 -21.98 15.06 19.64
N ASN E 29 -22.17 16.32 20.00
CA ASN E 29 -22.81 17.27 19.10
C ASN E 29 -21.75 18.22 18.53
N ASP E 30 -22.20 19.17 17.72
CA ASP E 30 -21.28 20.09 17.06
C ASP E 30 -20.46 20.88 18.07
N GLN E 31 -21.08 21.29 19.18
CA GLN E 31 -20.38 22.11 20.15
C GLN E 31 -19.35 21.29 20.91
N LEU E 32 -19.73 20.12 21.42
CA LEU E 32 -18.76 19.27 22.12
C LEU E 32 -17.58 18.94 21.23
N LEU E 33 -17.83 18.53 19.98
CA LEU E 33 -16.74 18.13 19.11
C LEU E 33 -15.82 19.30 18.83
N SER E 34 -16.39 20.48 18.58
CA SER E 34 -15.57 21.67 18.36
C SER E 34 -14.74 22.01 19.59
N GLU E 35 -15.37 21.98 20.77
CA GLU E 35 -14.63 22.33 21.98
C GLU E 35 -13.60 21.26 22.32
N LEU E 36 -13.91 19.98 22.03
CA LEU E 36 -12.92 18.93 22.27
C LEU E 36 -11.66 19.16 21.44
N VAL E 37 -11.82 19.43 20.14
CA VAL E 37 -10.66 19.65 19.29
C VAL E 37 -9.87 20.87 19.75
N LYS E 38 -10.58 21.93 20.14
CA LYS E 38 -9.91 23.13 20.64
C LYS E 38 -9.08 22.83 21.89
N ALA E 39 -9.67 22.11 22.86
CA ALA E 39 -8.94 21.77 24.08
C ALA E 39 -7.78 20.85 23.79
N LEU E 40 -7.93 19.92 22.85
CA LEU E 40 -6.80 19.09 22.46
C LEU E 40 -5.69 19.94 21.84
N GLU E 41 -6.06 20.91 21.00
CA GLU E 41 -5.04 21.75 20.39
C GLU E 41 -4.34 22.62 21.43
N ASP E 42 -5.09 23.12 22.43
CA ASP E 42 -4.46 23.84 23.54
C ASP E 42 -3.49 22.95 24.31
N ALA E 43 -3.89 21.70 24.59
CA ALA E 43 -3.00 20.77 25.29
C ALA E 43 -1.73 20.51 24.49
N GLN E 44 -1.87 20.36 23.17
CA GLN E 44 -0.70 20.15 22.32
C GLN E 44 0.24 21.35 22.36
N ASN E 45 -0.30 22.56 22.36
CA ASN E 45 0.53 23.76 22.40
C ASN E 45 0.97 24.15 23.81
N ASN E 46 0.55 23.41 24.83
CA ASN E 46 0.85 23.72 26.22
C ASN E 46 2.07 22.90 26.65
N ASP E 47 3.22 23.58 26.79
CA ASP E 47 4.47 22.89 27.09
C ASP E 47 4.43 22.15 28.44
N LYS E 48 3.48 22.47 29.32
CA LYS E 48 3.36 21.71 30.57
C LYS E 48 2.66 20.38 30.41
N VAL E 49 1.87 20.18 29.35
CA VAL E 49 1.16 18.93 29.14
C VAL E 49 2.05 17.96 28.40
N ARG E 50 2.22 16.75 28.96
CA ARG E 50 2.97 15.68 28.31
C ARG E 50 2.13 14.45 28.01
N CYS E 51 0.96 14.31 28.60
CA CYS E 51 0.04 13.22 28.29
C CYS E 51 -1.37 13.73 28.49
N ILE E 52 -2.29 13.20 27.69
CA ILE E 52 -3.68 13.62 27.69
C ILE E 52 -4.54 12.41 28.04
N VAL E 53 -5.62 12.66 28.80
CA VAL E 53 -6.65 11.66 29.07
C VAL E 53 -8.01 12.26 28.71
N ILE E 54 -8.85 11.49 28.03
CA ILE E 54 -10.22 11.87 27.73
C ILE E 54 -11.15 10.91 28.46
N THR E 55 -12.17 11.46 29.13
CA THR E 55 -13.15 10.61 29.79
C THR E 55 -14.50 11.30 29.76
N GLY E 56 -15.54 10.54 30.05
CA GLY E 56 -16.87 11.11 30.16
C GLY E 56 -17.37 10.99 31.59
N SER E 57 -18.57 10.43 31.77
CA SER E 57 -19.17 10.17 33.07
C SER E 57 -19.10 8.69 33.38
N GLU E 58 -19.46 8.32 34.61
CA GLU E 58 -19.49 6.91 34.98
C GLU E 58 -20.50 6.14 34.14
N LYS E 59 -21.59 6.82 33.75
CA LYS E 59 -22.63 6.16 32.95
C LYS E 59 -22.26 6.12 31.47
N ALA E 60 -21.51 7.10 30.96
CA ALA E 60 -21.24 7.15 29.52
C ALA E 60 -19.97 7.95 29.24
N PHE E 61 -18.98 7.27 28.65
CA PHE E 61 -17.89 7.97 27.96
C PHE E 61 -18.46 8.90 26.89
N ALA E 62 -19.26 8.35 25.98
CA ALA E 62 -19.96 9.09 24.94
C ALA E 62 -20.92 8.14 24.24
N ALA E 63 -22.22 8.37 24.40
CA ALA E 63 -23.24 7.46 23.88
C ALA E 63 -23.83 8.08 22.63
N GLY E 64 -23.12 7.93 21.53
CA GLY E 64 -23.61 8.38 20.25
C GLY E 64 -23.19 9.79 19.88
N ALA E 65 -23.85 10.30 18.85
CA ALA E 65 -23.57 11.62 18.30
C ALA E 65 -24.85 12.33 17.89
N ALA E 80 -19.55 19.30 0.42
CA ALA E 80 -18.97 20.64 0.42
C ALA E 80 -18.46 21.02 1.82
N GLY E 81 -19.26 20.74 2.86
CA GLY E 81 -18.81 20.97 4.22
C GLY E 81 -17.94 19.87 4.80
N ASP E 82 -17.81 18.75 4.09
CA ASP E 82 -17.00 17.61 4.53
C ASP E 82 -17.33 17.20 5.96
N LEU E 83 -18.61 16.88 6.17
CA LEU E 83 -19.15 16.54 7.48
C LEU E 83 -18.32 15.47 8.16
N PHE E 84 -17.80 15.79 9.34
CA PHE E 84 -17.02 14.96 10.26
C PHE E 84 -15.56 14.85 9.86
N GLY E 85 -15.12 15.49 8.77
CA GLY E 85 -13.74 15.44 8.35
C GLY E 85 -12.80 16.25 9.22
N PRO E 86 -13.03 17.57 9.31
CA PRO E 86 -12.12 18.41 10.11
C PRO E 86 -11.98 17.97 11.56
N GLU E 87 -13.05 17.46 12.17
CA GLU E 87 -12.97 17.07 13.58
C GLU E 87 -12.04 15.88 13.76
N ALA E 88 -12.21 14.85 12.93
CA ALA E 88 -11.34 13.68 13.02
C ALA E 88 -9.90 14.05 12.74
N GLU E 89 -9.67 14.91 11.74
CA GLU E 89 -8.29 15.31 11.42
C GLU E 89 -7.67 16.06 12.58
N GLY E 90 -8.46 16.86 13.30
CA GLY E 90 -7.94 17.61 14.42
C GLY E 90 -7.48 16.71 15.57
N ILE E 91 -8.23 15.64 15.83
CA ILE E 91 -7.80 14.67 16.84
C ILE E 91 -6.56 13.93 16.35
N MET E 92 -6.55 13.51 15.08
CA MET E 92 -5.45 12.70 14.55
C MET E 92 -4.14 13.45 14.47
N ARG E 93 -4.16 14.78 14.41
CA ARG E 93 -2.90 15.52 14.28
C ARG E 93 -2.22 15.77 15.62
N ILE E 94 -2.85 15.46 16.74
CA ILE E 94 -2.23 15.65 18.06
C ILE E 94 -1.05 14.69 18.22
N ARG E 95 0.12 15.23 18.51
CA ARG E 95 1.32 14.40 18.61
C ARG E 95 1.56 13.83 20.01
N LYS E 96 1.03 14.46 21.05
CA LYS E 96 1.14 13.91 22.39
C LYS E 96 0.20 12.73 22.56
N PRO E 97 0.50 11.82 23.48
CA PRO E 97 -0.38 10.64 23.64
C PRO E 97 -1.67 11.02 24.35
N ILE E 98 -2.72 10.29 23.97
CA ILE E 98 -4.08 10.47 24.48
C ILE E 98 -4.57 9.10 24.92
N ILE E 99 -4.91 8.95 26.21
CA ILE E 99 -5.56 7.74 26.73
C ILE E 99 -7.05 8.01 26.89
N ALA E 100 -7.87 7.05 26.46
CA ALA E 100 -9.31 7.08 26.70
C ALA E 100 -9.62 6.26 27.94
N ALA E 101 -10.27 6.89 28.92
CA ALA E 101 -10.74 6.20 30.13
C ALA E 101 -12.23 6.01 29.95
N VAL E 102 -12.64 4.80 29.59
CA VAL E 102 -14.00 4.53 29.11
C VAL E 102 -14.80 3.89 30.23
N SER E 103 -15.87 4.54 30.65
CA SER E 103 -16.84 3.93 31.55
C SER E 103 -18.20 3.93 30.87
N GLY E 104 -18.96 2.86 31.08
CA GLY E 104 -20.34 2.86 30.58
C GLY E 104 -20.36 2.85 29.06
N TYR E 105 -21.30 3.61 28.49
CA TYR E 105 -21.56 3.53 27.06
C TYR E 105 -20.49 4.25 26.26
N ALA E 106 -19.95 3.57 25.25
CA ALA E 106 -19.12 4.20 24.22
C ALA E 106 -19.68 3.69 22.89
N LEU E 107 -20.63 4.43 22.32
CA LEU E 107 -21.42 3.98 21.19
C LEU E 107 -21.34 4.96 20.02
N GLY E 108 -21.30 4.41 18.80
CA GLY E 108 -21.35 5.26 17.62
C GLY E 108 -20.11 6.14 17.55
N GLY E 109 -20.32 7.45 17.35
CA GLY E 109 -19.24 8.40 17.42
C GLY E 109 -18.41 8.29 18.69
N GLY E 110 -19.04 7.86 19.78
CA GLY E 110 -18.31 7.72 21.03
C GLY E 110 -17.34 6.54 21.02
N CYS E 111 -17.77 5.40 20.45
CA CYS E 111 -16.83 4.30 20.23
C CYS E 111 -15.70 4.73 19.30
N GLU E 112 -16.04 5.49 18.25
CA GLU E 112 -15.05 5.95 17.29
C GLU E 112 -14.06 6.90 17.93
N LEU E 113 -14.53 7.78 18.83
CA LEU E 113 -13.61 8.64 19.56
C LEU E 113 -12.66 7.83 20.44
N ALA E 114 -13.19 6.82 21.13
CA ALA E 114 -12.33 5.97 21.93
C ALA E 114 -11.25 5.31 21.07
N MET E 115 -11.62 4.85 19.88
CA MET E 115 -10.64 4.17 19.02
C MET E 115 -9.62 5.15 18.43
N MET E 116 -9.99 6.43 18.28
CA MET E 116 -9.05 7.44 17.81
C MET E 116 -7.98 7.75 18.85
N CYS E 117 -8.29 7.54 20.13
CA CYS E 117 -7.27 7.70 21.16
C CYS E 117 -6.21 6.60 21.00
N ASP E 118 -5.06 6.81 21.64
CA ASP E 118 -3.92 5.93 21.41
C ASP E 118 -4.10 4.58 22.09
N PHE E 119 -4.69 4.55 23.28
CA PHE E 119 -5.19 3.28 23.81
C PHE E 119 -6.31 3.55 24.80
N ILE E 120 -7.04 2.48 25.11
CA ILE E 120 -8.22 2.55 25.98
C ILE E 120 -7.96 1.75 27.25
N ILE E 121 -8.25 2.35 28.39
CA ILE E 121 -8.48 1.63 29.64
C ILE E 121 -9.97 1.77 29.95
N CYS E 122 -10.64 0.66 30.23
CA CYS E 122 -12.08 0.75 30.43
C CYS E 122 -12.49 0.08 31.74
N SER E 123 -13.65 0.48 32.26
CA SER E 123 -14.16 -0.21 33.42
C SER E 123 -14.94 -1.45 33.00
N ASP E 124 -15.18 -2.34 33.97
CA ASP E 124 -15.94 -3.54 33.64
C ASP E 124 -17.39 -3.25 33.27
N THR E 125 -17.84 -2.00 33.35
CA THR E 125 -19.19 -1.66 32.92
C THR E 125 -19.24 -1.14 31.49
N ALA E 126 -18.09 -1.03 30.82
CA ALA E 126 -18.04 -0.40 29.51
C ALA E 126 -18.80 -1.22 28.46
N LYS E 127 -19.50 -0.53 27.56
CA LYS E 127 -20.21 -1.16 26.46
C LYS E 127 -19.91 -0.42 25.18
N PHE E 128 -19.39 -1.13 24.18
CA PHE E 128 -19.02 -0.56 22.90
C PHE E 128 -20.00 -1.01 21.82
N GLY E 129 -20.13 -0.20 20.78
CA GLY E 129 -20.99 -0.57 19.66
C GLY E 129 -20.97 0.50 18.59
N GLN E 130 -21.39 0.09 17.38
CA GLN E 130 -21.52 0.98 16.23
C GLN E 130 -22.92 0.78 15.65
N PRO E 131 -23.92 1.46 16.20
CA PRO E 131 -25.29 1.23 15.73
C PRO E 131 -25.75 2.17 14.63
N GLU E 132 -24.81 2.84 13.94
CA GLU E 132 -25.15 3.77 12.87
C GLU E 132 -26.06 3.14 11.81
N ILE E 133 -25.91 1.83 11.56
CA ILE E 133 -26.74 1.15 10.56
C ILE E 133 -28.22 1.25 10.90
N ASN E 134 -28.56 1.39 12.18
CA ASN E 134 -29.97 1.51 12.58
C ASN E 134 -30.61 2.79 12.04
N LEU E 135 -29.82 3.76 11.59
CA LEU E 135 -30.32 5.03 11.11
C LEU E 135 -30.25 5.14 9.60
N GLY E 136 -29.90 4.06 8.91
CA GLY E 136 -29.73 4.10 7.48
C GLY E 136 -28.41 4.68 7.02
N VAL E 137 -27.48 4.97 7.95
CA VAL E 137 -26.15 5.41 7.54
C VAL E 137 -25.12 4.39 8.00
N ILE E 138 -23.85 4.78 8.02
CA ILE E 138 -22.75 3.92 8.43
C ILE E 138 -21.82 4.75 9.31
N ALA E 139 -20.89 4.07 9.99
CA ALA E 139 -19.81 4.77 10.68
C ALA E 139 -19.19 5.80 9.76
N GLY E 140 -18.96 6.99 10.28
CA GLY E 140 -18.34 8.04 9.49
C GLY E 140 -17.11 8.67 10.12
N MET E 141 -16.67 8.13 11.26
CA MET E 141 -15.42 8.57 11.89
C MET E 141 -14.54 7.39 12.26
N GLY E 142 -14.48 6.37 11.41
CA GLY E 142 -13.51 5.30 11.57
C GLY E 142 -14.06 3.98 12.08
N GLY E 143 -15.37 3.92 12.36
CA GLY E 143 -15.95 2.69 12.89
C GLY E 143 -15.82 1.48 11.97
N SER E 144 -15.81 1.70 10.64
CA SER E 144 -15.63 0.60 9.70
C SER E 144 -14.16 0.25 9.48
N GLN E 145 -13.25 1.15 9.87
CA GLN E 145 -11.81 1.04 9.60
C GLN E 145 -11.01 0.61 10.82
N ARG E 146 -11.09 1.39 11.90
CA ARG E 146 -10.28 1.09 13.08
C ARG E 146 -10.77 -0.18 13.76
N LEU E 147 -12.09 -0.34 13.91
CA LEU E 147 -12.60 -1.53 14.57
C LEU E 147 -12.10 -2.80 13.87
N THR E 148 -12.21 -2.83 12.54
CA THR E 148 -11.79 -3.98 11.76
C THR E 148 -10.29 -4.27 11.93
N ARG E 149 -9.46 -3.22 11.84
N ARG E 149 -9.46 -3.23 11.81
CA ARG E 149 -8.03 -3.43 11.90
CA ARG E 149 -8.02 -3.45 11.91
C ARG E 149 -7.57 -3.81 13.31
C ARG E 149 -7.62 -3.88 13.31
N PHE E 150 -8.33 -3.40 14.33
CA PHE E 150 -7.93 -3.69 15.71
C PHE E 150 -8.41 -5.05 16.21
N ILE E 151 -9.62 -5.48 15.86
CA ILE E 151 -10.20 -6.69 16.44
C ILE E 151 -10.53 -7.78 15.42
N GLY E 152 -10.33 -7.54 14.13
CA GLY E 152 -10.55 -8.60 13.16
C GLY E 152 -11.88 -8.44 12.41
N LYS E 153 -11.95 -9.11 11.26
CA LYS E 153 -13.09 -8.91 10.36
C LYS E 153 -14.40 -9.40 10.96
N SER E 154 -14.42 -10.62 11.53
CA SER E 154 -15.71 -11.17 12.00
C SER E 154 -16.41 -10.26 12.98
N LYS E 155 -15.71 -9.86 14.05
CA LYS E 155 -16.40 -9.07 15.06
C LYS E 155 -16.73 -7.68 14.54
N SER E 156 -15.90 -7.08 13.69
CA SER E 156 -16.22 -5.76 13.19
C SER E 156 -17.40 -5.79 12.22
N MET E 157 -17.42 -6.75 11.29
CA MET E 157 -18.56 -6.91 10.41
C MET E 157 -19.84 -7.12 11.20
N ASP E 158 -19.79 -8.01 12.18
CA ASP E 158 -20.96 -8.28 13.00
C ASP E 158 -21.43 -7.00 13.70
N MET E 159 -20.51 -6.28 14.35
CA MET E 159 -20.91 -5.07 15.06
C MET E 159 -21.47 -4.01 14.11
N ASN E 160 -20.84 -3.82 12.94
CA ASN E 160 -21.28 -2.76 12.04
C ASN E 160 -22.57 -3.11 11.30
N LEU E 161 -22.82 -4.40 11.04
CA LEU E 161 -24.02 -4.82 10.31
C LEU E 161 -25.24 -4.99 11.23
N THR E 162 -25.07 -5.56 12.42
CA THR E 162 -26.19 -5.84 13.31
C THR E 162 -26.39 -4.79 14.39
N GLY E 163 -25.40 -3.94 14.65
CA GLY E 163 -25.46 -3.00 15.74
C GLY E 163 -25.26 -3.58 17.12
N ARG E 164 -24.77 -4.81 17.21
CA ARG E 164 -24.71 -5.48 18.51
C ARG E 164 -23.66 -4.84 19.41
N PHE E 165 -23.90 -4.92 20.71
CA PHE E 165 -22.94 -4.34 21.63
C PHE E 165 -21.82 -5.32 21.93
N MET E 166 -20.69 -4.78 22.38
CA MET E 166 -19.56 -5.58 22.84
C MET E 166 -19.25 -5.16 24.27
N ASP E 167 -19.25 -6.12 25.20
CA ASP E 167 -19.04 -5.76 26.60
C ASP E 167 -17.54 -5.68 26.90
N ALA E 168 -17.22 -5.26 28.14
CA ALA E 168 -15.85 -4.93 28.48
C ALA E 168 -14.93 -6.14 28.35
N GLU E 169 -15.38 -7.32 28.81
CA GLU E 169 -14.51 -8.48 28.76
C GLU E 169 -14.28 -8.92 27.31
N GLU E 170 -15.30 -8.84 26.46
CA GLU E 170 -15.07 -9.15 25.05
C GLU E 170 -14.15 -8.09 24.41
N ALA E 171 -14.28 -6.82 24.81
CA ALA E 171 -13.42 -5.77 24.26
C ALA E 171 -11.94 -6.02 24.56
N GLU E 172 -11.62 -6.48 25.78
CA GLU E 172 -10.23 -6.77 26.12
C GLU E 172 -9.76 -8.04 25.43
N ARG E 173 -10.63 -9.05 25.36
CA ARG E 173 -10.28 -10.33 24.77
C ARG E 173 -10.04 -10.18 23.27
N SER E 174 -10.71 -9.23 22.62
CA SER E 174 -10.56 -9.03 21.19
C SER E 174 -9.50 -7.98 20.83
N GLY E 175 -8.95 -7.27 21.80
CA GLY E 175 -7.92 -6.28 21.56
C GLY E 175 -8.40 -4.87 21.35
N LEU E 176 -9.71 -4.61 21.51
CA LEU E 176 -10.22 -3.25 21.36
C LEU E 176 -9.71 -2.35 22.48
N VAL E 177 -9.60 -2.87 23.71
CA VAL E 177 -9.07 -2.10 24.83
C VAL E 177 -7.82 -2.80 25.37
N SER E 178 -6.97 -2.04 26.06
CA SER E 178 -5.78 -2.63 26.65
C SER E 178 -6.03 -3.22 28.04
N ARG E 179 -6.78 -2.51 28.89
CA ARG E 179 -6.96 -2.92 30.28
C ARG E 179 -8.42 -2.76 30.68
N VAL E 180 -8.89 -3.69 31.52
CA VAL E 180 -10.21 -3.63 32.15
C VAL E 180 -10.02 -3.60 33.66
N VAL E 181 -10.63 -2.64 34.33
CA VAL E 181 -10.52 -2.50 35.79
C VAL E 181 -11.89 -2.22 36.38
N PRO E 182 -12.07 -2.47 37.67
CA PRO E 182 -13.35 -2.13 38.32
C PRO E 182 -13.66 -0.65 38.16
N ALA E 183 -14.96 -0.35 38.05
CA ALA E 183 -15.41 1.01 37.80
C ALA E 183 -14.82 2.01 38.80
N LYS E 184 -14.61 1.58 40.05
CA LYS E 184 -14.07 2.50 41.05
C LYS E 184 -12.56 2.65 40.98
N LYS E 185 -11.87 1.84 40.19
CA LYS E 185 -10.44 1.99 39.98
C LYS E 185 -10.08 2.61 38.63
N LEU E 186 -11.08 2.94 37.80
CA LEU E 186 -10.79 3.39 36.44
C LEU E 186 -9.90 4.63 36.42
N MET E 187 -10.29 5.68 37.12
CA MET E 187 -9.51 6.91 37.01
C MET E 187 -8.15 6.76 37.69
N GLU E 188 -8.07 5.99 38.78
CA GLU E 188 -6.78 5.76 39.42
C GLU E 188 -5.83 5.01 38.50
N GLU E 189 -6.30 3.92 37.89
CA GLU E 189 -5.47 3.18 36.94
C GLU E 189 -5.01 4.07 35.79
N THR E 190 -5.92 4.88 35.23
CA THR E 190 -5.61 5.63 34.01
C THR E 190 -4.70 6.81 34.32
N MET E 191 -5.00 7.57 35.38
CA MET E 191 -4.14 8.70 35.72
C MET E 191 -2.76 8.22 36.14
N THR E 192 -2.65 7.04 36.76
CA THR E 192 -1.34 6.52 37.10
C THR E 192 -0.54 6.17 35.85
N ALA E 193 -1.16 5.50 34.87
CA ALA E 193 -0.50 5.28 33.59
C ALA E 193 -0.10 6.60 32.94
N ALA E 194 -1.03 7.56 32.91
CA ALA E 194 -0.75 8.82 32.24
C ALA E 194 0.36 9.60 32.94
N GLN E 195 0.34 9.62 34.27
CA GLN E 195 1.39 10.33 34.99
C GLN E 195 2.76 9.70 34.72
N LYS E 196 2.80 8.37 34.62
CA LYS E 196 4.05 7.69 34.31
C LYS E 196 4.56 8.03 32.91
N ILE E 197 3.66 8.02 31.90
CA ILE E 197 4.05 8.44 30.57
C ILE E 197 4.64 9.85 30.61
N ALA E 198 4.02 10.74 31.40
CA ALA E 198 4.44 12.13 31.48
C ALA E 198 5.80 12.32 32.15
N GLU E 199 6.32 11.29 32.81
CA GLU E 199 7.66 11.34 33.34
C GLU E 199 8.72 11.03 32.29
N LYS E 200 8.34 10.45 31.16
CA LYS E 200 9.31 10.01 30.17
C LYS E 200 9.75 11.17 29.28
N SER E 201 10.81 10.93 28.51
CA SER E 201 11.28 11.88 27.51
C SER E 201 10.16 12.25 26.55
N MET E 202 9.84 13.54 26.47
CA MET E 202 8.76 13.99 25.59
C MET E 202 9.03 13.64 24.14
N ILE E 203 10.28 13.80 23.68
CA ILE E 203 10.61 13.46 22.30
C ILE E 203 10.39 11.97 22.04
N ALA E 204 10.86 11.11 22.96
CA ALA E 204 10.71 9.67 22.77
C ALA E 204 9.24 9.26 22.79
N VAL E 205 8.44 9.87 23.66
CA VAL E 205 7.03 9.52 23.74
C VAL E 205 6.31 9.87 22.44
N MET E 206 6.52 11.07 21.91
CA MET E 206 5.93 11.42 20.62
C MET E 206 6.45 10.51 19.51
N ALA E 207 7.72 10.10 19.59
CA ALA E 207 8.27 9.20 18.60
C ALA E 207 7.64 7.82 18.68
N VAL E 208 7.44 7.31 19.91
CA VAL E 208 6.76 6.02 20.11
C VAL E 208 5.39 6.03 19.45
N LYS E 209 4.59 7.06 19.76
CA LYS E 209 3.24 7.13 19.23
C LYS E 209 3.23 7.17 17.71
N GLU E 210 4.11 7.99 17.13
CA GLU E 210 4.17 8.10 15.67
C GLU E 210 4.60 6.78 15.03
N ALA E 211 5.62 6.11 15.60
CA ALA E 211 6.05 4.84 15.03
C ALA E 211 4.95 3.79 15.11
N VAL E 212 4.28 3.68 16.26
CA VAL E 212 3.21 2.70 16.40
C VAL E 212 2.12 2.97 15.35
N ASN E 213 1.78 4.23 15.12
CA ASN E 213 0.73 4.54 14.16
C ASN E 213 1.13 4.26 12.71
N ARG E 214 2.42 4.20 12.38
CA ARG E 214 2.81 3.73 11.05
C ARG E 214 2.29 2.34 10.74
N SER E 215 2.01 1.54 11.76
CA SER E 215 1.62 0.13 11.57
C SER E 215 0.41 -0.02 10.65
N TYR E 216 -0.45 1.00 10.56
CA TYR E 216 -1.66 0.91 9.76
C TYR E 216 -1.56 1.66 8.43
N GLU E 217 -0.38 2.21 8.09
CA GLU E 217 -0.23 3.02 6.89
C GLU E 217 0.78 2.50 5.87
N VAL E 218 1.74 1.67 6.29
CA VAL E 218 2.83 1.24 5.41
C VAL E 218 3.02 -0.27 5.53
N PRO E 219 3.63 -0.88 4.51
CA PRO E 219 4.06 -2.27 4.64
C PRO E 219 5.03 -2.43 5.81
N LEU E 220 5.02 -3.62 6.42
CA LEU E 220 5.85 -3.84 7.61
C LEU E 220 7.33 -3.56 7.32
N ARG E 221 7.85 -3.98 6.20
CA ARG E 221 9.24 -3.73 5.90
C ARG E 221 9.56 -2.24 5.98
N GLU E 222 8.67 -1.40 5.48
CA GLU E 222 8.87 0.05 5.50
C GLU E 222 8.66 0.62 6.89
N GLY E 223 7.71 0.06 7.64
CA GLY E 223 7.53 0.50 9.01
C GLY E 223 8.75 0.21 9.86
N LEU E 224 9.40 -0.92 9.60
CA LEU E 224 10.63 -1.25 10.31
C LEU E 224 11.72 -0.22 10.01
N LEU E 225 11.86 0.16 8.75
CA LEU E 225 12.86 1.16 8.39
C LEU E 225 12.57 2.50 9.06
N PHE E 226 11.29 2.93 9.05
CA PHE E 226 10.92 4.17 9.72
C PHE E 226 11.28 4.13 11.19
N GLU E 227 10.84 3.06 11.87
CA GLU E 227 11.11 2.89 13.29
C GLU E 227 12.60 2.96 13.59
N ARG E 228 13.41 2.28 12.78
CA ARG E 228 14.84 2.26 13.05
C ARG E 228 15.47 3.63 12.84
N ARG E 229 15.03 4.36 11.81
CA ARG E 229 15.55 5.72 11.59
C ARG E 229 15.15 6.67 12.70
N VAL E 230 13.91 6.56 13.20
CA VAL E 230 13.49 7.38 14.33
C VAL E 230 14.26 7.01 15.58
N PHE E 231 14.39 5.70 15.86
CA PHE E 231 15.20 5.24 16.99
C PHE E 231 16.61 5.85 16.93
N GLN E 232 17.22 5.83 15.74
CA GLN E 232 18.58 6.35 15.62
C GLN E 232 18.62 7.86 15.86
N SER E 233 17.63 8.60 15.37
CA SER E 233 17.61 10.04 15.55
C SER E 233 17.48 10.44 17.01
N LEU E 234 16.94 9.56 17.86
CA LEU E 234 16.94 9.87 19.29
C LEU E 234 18.35 9.86 19.88
N PHE E 235 19.39 9.83 19.07
CA PHE E 235 20.77 9.86 19.57
C PHE E 235 21.42 11.21 19.33
N TYR F 3 -29.98 -27.97 -7.85
CA TYR F 3 -28.58 -28.20 -7.53
C TYR F 3 -28.35 -29.61 -7.00
N GLU F 4 -27.17 -30.18 -7.28
CA GLU F 4 -26.84 -31.53 -6.83
C GLU F 4 -25.99 -31.57 -5.57
N THR F 5 -25.26 -30.50 -5.27
CA THR F 5 -24.35 -30.49 -4.14
C THR F 5 -24.73 -29.51 -3.04
N ILE F 6 -25.74 -28.66 -3.27
CA ILE F 6 -26.16 -27.68 -2.27
C ILE F 6 -27.68 -27.65 -2.22
N ILE F 7 -28.19 -27.06 -1.14
CA ILE F 7 -29.61 -26.79 -0.95
C ILE F 7 -29.80 -25.29 -0.72
N VAL F 8 -30.77 -24.70 -1.39
CA VAL F 8 -31.07 -23.28 -1.26
C VAL F 8 -32.52 -23.11 -0.80
N GLU F 9 -32.71 -22.38 0.30
CA GLU F 9 -34.03 -22.02 0.81
C GLU F 9 -34.07 -20.52 1.03
N VAL F 10 -35.11 -19.86 0.53
CA VAL F 10 -35.32 -18.44 0.75
C VAL F 10 -36.56 -18.28 1.62
N GLU F 11 -36.42 -17.53 2.72
CA GLU F 11 -37.55 -17.30 3.61
C GLU F 11 -37.34 -16.00 4.37
N ASP F 12 -38.31 -15.10 4.28
CA ASP F 12 -38.31 -13.86 5.07
C ASP F 12 -37.03 -13.04 4.84
N HIS F 13 -36.68 -12.88 3.56
CA HIS F 13 -35.58 -12.05 3.08
C HIS F 13 -34.20 -12.64 3.36
N VAL F 14 -34.12 -13.89 3.82
CA VAL F 14 -32.85 -14.54 4.09
C VAL F 14 -32.73 -15.76 3.18
N ALA F 15 -31.63 -15.85 2.45
CA ALA F 15 -31.32 -17.02 1.65
C ALA F 15 -30.37 -17.91 2.44
N LEU F 16 -30.78 -19.14 2.71
CA LEU F 16 -29.95 -20.12 3.41
C LEU F 16 -29.41 -21.12 2.41
N ILE F 17 -28.09 -21.19 2.29
CA ILE F 17 -27.42 -22.11 1.38
C ILE F 17 -26.75 -23.18 2.23
N THR F 18 -27.18 -24.43 2.08
CA THR F 18 -26.63 -25.54 2.84
C THR F 18 -25.75 -26.40 1.93
N LEU F 19 -24.47 -26.53 2.27
CA LEU F 19 -23.62 -27.45 1.54
C LEU F 19 -24.09 -28.87 1.80
N ASN F 20 -24.12 -29.70 0.76
CA ASN F 20 -24.77 -31.01 0.83
C ASN F 20 -23.97 -32.07 0.06
N ARG F 21 -22.76 -32.36 0.54
CA ARG F 21 -21.99 -33.51 0.07
C ARG F 21 -21.70 -34.38 1.28
N PRO F 22 -22.73 -35.08 1.79
CA PRO F 22 -22.56 -35.86 3.03
C PRO F 22 -21.39 -36.84 2.99
N ASP F 23 -21.19 -37.54 1.86
CA ASP F 23 -20.14 -38.56 1.80
C ASP F 23 -18.74 -37.98 1.71
N ALA F 24 -18.61 -36.67 1.53
CA ALA F 24 -17.31 -36.01 1.50
C ALA F 24 -17.18 -34.99 2.63
N LEU F 25 -18.08 -35.01 3.60
CA LEU F 25 -18.14 -34.02 4.68
C LEU F 25 -18.06 -32.60 4.12
N ASN F 26 -18.85 -32.38 3.07
CA ASN F 26 -19.06 -31.06 2.46
C ASN F 26 -17.76 -30.47 1.89
N ALA F 27 -16.83 -31.32 1.47
CA ALA F 27 -15.60 -30.85 0.85
C ALA F 27 -15.89 -30.08 -0.43
N LEU F 28 -15.11 -29.04 -0.68
CA LEU F 28 -15.30 -28.23 -1.86
C LEU F 28 -14.72 -28.93 -3.09
N ASN F 29 -15.47 -28.95 -4.18
CA ASN F 29 -14.94 -29.41 -5.45
C ASN F 29 -15.46 -28.49 -6.54
N ASP F 30 -15.12 -28.81 -7.79
CA ASP F 30 -15.54 -28.02 -8.94
C ASP F 30 -17.04 -27.76 -8.91
N GLN F 31 -17.83 -28.84 -8.79
CA GLN F 31 -19.27 -28.73 -8.91
C GLN F 31 -19.87 -27.93 -7.75
N LEU F 32 -19.44 -28.20 -6.53
CA LEU F 32 -19.99 -27.49 -5.38
C LEU F 32 -19.69 -25.99 -5.47
N LEU F 33 -18.44 -25.63 -5.80
CA LEU F 33 -18.08 -24.22 -5.92
C LEU F 33 -18.83 -23.56 -7.07
N SER F 34 -19.00 -24.29 -8.18
CA SER F 34 -19.77 -23.77 -9.29
C SER F 34 -21.22 -23.49 -8.87
N GLU F 35 -21.84 -24.45 -8.17
CA GLU F 35 -23.23 -24.25 -7.76
C GLU F 35 -23.33 -23.18 -6.68
N LEU F 36 -22.37 -23.14 -5.76
CA LEU F 36 -22.40 -22.13 -4.70
C LEU F 36 -22.37 -20.72 -5.28
N VAL F 37 -21.44 -20.48 -6.22
CA VAL F 37 -21.35 -19.17 -6.85
C VAL F 37 -22.64 -18.84 -7.58
N LYS F 38 -23.20 -19.82 -8.29
CA LYS F 38 -24.45 -19.60 -9.00
C LYS F 38 -25.57 -19.21 -8.03
N ALA F 39 -25.67 -19.93 -6.91
CA ALA F 39 -26.70 -19.62 -5.92
C ALA F 39 -26.46 -18.24 -5.29
N LEU F 40 -25.20 -17.90 -5.04
CA LEU F 40 -24.90 -16.57 -4.49
C LEU F 40 -25.27 -15.48 -5.47
N GLU F 41 -24.96 -15.68 -6.75
CA GLU F 41 -25.29 -14.68 -7.76
C GLU F 41 -26.80 -14.54 -7.93
N ASP F 42 -27.54 -15.65 -7.88
CA ASP F 42 -28.99 -15.56 -7.90
C ASP F 42 -29.51 -14.80 -6.68
N ALA F 43 -28.94 -15.06 -5.50
CA ALA F 43 -29.38 -14.36 -4.31
C ALA F 43 -29.03 -12.88 -4.38
N GLN F 44 -27.87 -12.54 -4.95
CA GLN F 44 -27.53 -11.14 -5.20
C GLN F 44 -28.57 -10.47 -6.09
N ASN F 45 -29.04 -11.18 -7.12
CA ASN F 45 -29.99 -10.61 -8.05
C ASN F 45 -31.44 -10.69 -7.58
N ASN F 46 -31.71 -11.37 -6.47
CA ASN F 46 -33.06 -11.53 -5.96
C ASN F 46 -33.38 -10.37 -5.03
N ASP F 47 -34.21 -9.43 -5.51
CA ASP F 47 -34.58 -8.26 -4.71
C ASP F 47 -35.22 -8.64 -3.39
N LYS F 48 -35.67 -9.87 -3.23
CA LYS F 48 -36.25 -10.29 -1.96
C LYS F 48 -35.19 -10.63 -0.92
N VAL F 49 -34.00 -11.02 -1.35
CA VAL F 49 -32.95 -11.45 -0.43
C VAL F 49 -32.17 -10.23 0.04
N ARG F 50 -32.06 -10.07 1.36
CA ARG F 50 -31.26 -9.03 1.99
C ARG F 50 -30.08 -9.54 2.80
N CYS F 51 -30.05 -10.84 3.14
CA CYS F 51 -28.91 -11.42 3.85
C CYS F 51 -28.81 -12.88 3.43
N ILE F 52 -27.56 -13.34 3.30
CA ILE F 52 -27.26 -14.72 2.92
C ILE F 52 -26.62 -15.43 4.11
N VAL F 53 -26.92 -16.72 4.26
CA VAL F 53 -26.31 -17.57 5.27
C VAL F 53 -25.79 -18.81 4.58
N ILE F 54 -24.56 -19.20 4.87
CA ILE F 54 -23.98 -20.45 4.39
C ILE F 54 -23.74 -21.37 5.59
N THR F 55 -24.13 -22.63 5.44
CA THR F 55 -23.89 -23.59 6.51
C THR F 55 -23.68 -24.97 5.89
N GLY F 56 -23.20 -25.90 6.71
CA GLY F 56 -23.05 -27.27 6.27
C GLY F 56 -23.90 -28.19 7.10
N SER F 57 -23.33 -29.31 7.52
CA SER F 57 -24.00 -30.26 8.41
C SER F 57 -23.55 -30.04 9.85
N GLU F 58 -24.23 -30.73 10.77
CA GLU F 58 -23.79 -30.71 12.15
C GLU F 58 -22.37 -31.28 12.29
N LYS F 59 -22.03 -32.24 11.44
CA LYS F 59 -20.72 -32.87 11.48
C LYS F 59 -19.64 -31.98 10.85
N ALA F 60 -19.94 -31.29 9.75
CA ALA F 60 -18.94 -30.48 9.09
C ALA F 60 -19.58 -29.33 8.34
N PHE F 61 -19.09 -28.11 8.60
CA PHE F 61 -19.29 -27.02 7.66
C PHE F 61 -18.74 -27.39 6.28
N ALA F 62 -17.48 -27.81 6.24
CA ALA F 62 -16.79 -28.27 5.04
C ALA F 62 -15.40 -28.73 5.44
N ALA F 63 -15.09 -30.01 5.23
CA ALA F 63 -13.88 -30.59 5.79
C ALA F 63 -12.68 -30.56 4.85
N GLY F 64 -12.76 -29.86 3.73
CA GLY F 64 -11.56 -29.78 2.90
C GLY F 64 -11.92 -29.39 1.47
N ALA F 65 -11.14 -29.92 0.53
CA ALA F 65 -11.31 -29.61 -0.87
C ALA F 65 -10.82 -30.75 -1.76
N ALA F 80 -2.62 -21.85 -16.49
CA ALA F 80 -3.45 -21.78 -17.69
C ALA F 80 -4.93 -21.74 -17.30
N GLY F 81 -5.35 -22.68 -16.46
CA GLY F 81 -6.72 -22.74 -15.98
C GLY F 81 -7.02 -21.94 -14.73
N ASP F 82 -5.99 -21.34 -14.13
CA ASP F 82 -6.11 -20.54 -12.92
C ASP F 82 -6.95 -21.24 -11.84
N LEU F 83 -6.48 -22.42 -11.46
CA LEU F 83 -7.16 -23.26 -10.46
C LEU F 83 -7.49 -22.48 -9.19
N PHE F 84 -8.78 -22.43 -8.86
CA PHE F 84 -9.38 -21.84 -7.65
C PHE F 84 -9.52 -20.31 -7.70
N GLY F 85 -9.22 -19.67 -8.83
CA GLY F 85 -9.32 -18.22 -8.95
C GLY F 85 -10.71 -17.67 -9.22
N PRO F 86 -11.34 -18.13 -10.31
CA PRO F 86 -12.65 -17.56 -10.67
C PRO F 86 -13.76 -17.78 -9.64
N GLU F 87 -13.71 -18.89 -8.90
CA GLU F 87 -14.75 -19.12 -7.89
C GLU F 87 -14.58 -18.18 -6.70
N ALA F 88 -13.35 -18.03 -6.21
CA ALA F 88 -13.08 -17.06 -5.16
C ALA F 88 -13.53 -15.67 -5.57
N GLU F 89 -13.22 -15.26 -6.81
CA GLU F 89 -13.66 -13.94 -7.27
C GLU F 89 -15.17 -13.83 -7.27
N GLY F 90 -15.87 -14.93 -7.60
CA GLY F 90 -17.32 -14.88 -7.64
C GLY F 90 -17.93 -14.65 -6.26
N ILE F 91 -17.37 -15.31 -5.24
CA ILE F 91 -17.84 -15.11 -3.87
C ILE F 91 -17.53 -13.69 -3.40
N MET F 92 -16.31 -13.20 -3.67
CA MET F 92 -15.89 -11.89 -3.21
C MET F 92 -16.67 -10.75 -3.85
N ARG F 93 -17.25 -10.97 -5.02
CA ARG F 93 -18.02 -9.96 -5.73
C ARG F 93 -19.42 -9.76 -5.15
N ILE F 94 -19.93 -10.68 -4.34
CA ILE F 94 -21.29 -10.54 -3.81
C ILE F 94 -21.35 -9.32 -2.90
N ARG F 95 -22.28 -8.42 -3.20
CA ARG F 95 -22.38 -7.18 -2.42
C ARG F 95 -23.24 -7.31 -1.17
N LYS F 96 -24.22 -8.22 -1.16
CA LYS F 96 -25.02 -8.44 0.03
C LYS F 96 -24.22 -9.22 1.07
N PRO F 97 -24.59 -9.14 2.34
CA PRO F 97 -23.80 -9.82 3.38
C PRO F 97 -24.04 -11.33 3.42
N ILE F 98 -23.00 -12.04 3.85
CA ILE F 98 -22.98 -13.50 3.92
C ILE F 98 -22.46 -13.87 5.30
N ILE F 99 -23.28 -14.56 6.10
CA ILE F 99 -22.86 -15.12 7.38
C ILE F 99 -22.54 -16.59 7.21
N ALA F 100 -21.40 -17.02 7.76
CA ALA F 100 -21.05 -18.44 7.83
C ALA F 100 -21.52 -18.98 9.18
N ALA F 101 -22.38 -20.01 9.16
CA ALA F 101 -22.81 -20.70 10.39
C ALA F 101 -22.05 -22.03 10.43
N VAL F 102 -21.04 -22.12 11.29
CA VAL F 102 -20.05 -23.20 11.25
C VAL F 102 -20.31 -24.17 12.39
N SER F 103 -20.62 -25.42 12.06
CA SER F 103 -20.63 -26.50 13.03
C SER F 103 -19.57 -27.51 12.67
N GLY F 104 -18.97 -28.13 13.68
CA GLY F 104 -18.04 -29.22 13.38
C GLY F 104 -16.84 -28.74 12.58
N TYR F 105 -16.38 -29.58 11.64
CA TYR F 105 -15.14 -29.32 10.93
C TYR F 105 -15.30 -28.20 9.90
N ALA F 106 -14.36 -27.25 9.91
CA ALA F 106 -14.18 -26.26 8.85
C ALA F 106 -12.68 -26.25 8.58
N LEU F 107 -12.24 -27.08 7.64
CA LEU F 107 -10.84 -27.38 7.41
C LEU F 107 -10.45 -27.08 5.98
N GLY F 108 -9.23 -26.55 5.81
CA GLY F 108 -8.69 -26.35 4.48
C GLY F 108 -9.57 -25.40 3.70
N GLY F 109 -10.00 -25.84 2.52
CA GLY F 109 -10.98 -25.08 1.75
C GLY F 109 -12.18 -24.65 2.57
N GLY F 110 -12.58 -25.47 3.54
CA GLY F 110 -13.74 -25.12 4.35
C GLY F 110 -13.45 -23.99 5.32
N CYS F 111 -12.26 -23.98 5.91
CA CYS F 111 -11.85 -22.83 6.73
C CYS F 111 -11.76 -21.58 5.87
N GLU F 112 -11.23 -21.71 4.66
CA GLU F 112 -11.08 -20.57 3.76
C GLU F 112 -12.42 -20.01 3.31
N LEU F 113 -13.39 -20.88 3.00
CA LEU F 113 -14.73 -20.42 2.68
C LEU F 113 -15.35 -19.65 3.85
N ALA F 114 -15.22 -20.19 5.06
CA ALA F 114 -15.78 -19.49 6.23
C ALA F 114 -15.17 -18.11 6.40
N MET F 115 -13.86 -17.99 6.17
CA MET F 115 -13.19 -16.69 6.28
C MET F 115 -13.55 -15.74 5.14
N MET F 116 -13.89 -16.28 3.94
CA MET F 116 -14.39 -15.44 2.86
C MET F 116 -15.78 -14.86 3.14
N CYS F 117 -16.57 -15.48 4.02
CA CYS F 117 -17.84 -14.89 4.42
C CYS F 117 -17.60 -13.64 5.27
N ASP F 118 -18.66 -12.86 5.48
CA ASP F 118 -18.45 -11.56 6.12
C ASP F 118 -18.24 -11.70 7.63
N PHE F 119 -18.93 -12.62 8.30
CA PHE F 119 -18.50 -13.02 9.64
C PHE F 119 -18.99 -14.43 9.92
N ILE F 120 -18.46 -15.01 11.00
CA ILE F 120 -18.72 -16.40 11.38
C ILE F 120 -19.43 -16.42 12.73
N ILE F 121 -20.48 -17.22 12.81
CA ILE F 121 -21.07 -17.66 14.07
C ILE F 121 -20.89 -19.17 14.09
N CYS F 122 -20.32 -19.70 15.17
CA CYS F 122 -19.98 -21.12 15.16
C CYS F 122 -20.49 -21.79 16.44
N SER F 123 -20.70 -23.10 16.34
CA SER F 123 -21.07 -23.89 17.51
C SER F 123 -19.82 -24.21 18.33
N ASP F 124 -20.04 -24.58 19.59
CA ASP F 124 -18.92 -24.94 20.44
C ASP F 124 -18.24 -26.25 20.03
N THR F 125 -18.76 -26.96 19.02
CA THR F 125 -18.06 -28.10 18.44
C THR F 125 -17.20 -27.74 17.23
N ALA F 126 -17.18 -26.47 16.80
CA ALA F 126 -16.46 -26.11 15.60
C ALA F 126 -14.97 -26.37 15.74
N LYS F 127 -14.34 -26.81 14.65
CA LYS F 127 -12.91 -27.08 14.62
C LYS F 127 -12.36 -26.51 13.32
N PHE F 128 -11.43 -25.56 13.42
CA PHE F 128 -10.85 -24.90 12.26
C PHE F 128 -9.42 -25.39 12.06
N GLY F 129 -8.98 -25.39 10.81
CA GLY F 129 -7.59 -25.70 10.52
C GLY F 129 -7.29 -25.52 9.05
N GLN F 130 -5.98 -25.50 8.75
CA GLN F 130 -5.47 -25.40 7.40
C GLN F 130 -4.43 -26.50 7.20
N PRO F 131 -4.87 -27.72 6.93
CA PRO F 131 -3.92 -28.84 6.83
C PRO F 131 -3.30 -29.06 5.46
N GLU F 132 -3.39 -28.06 4.56
CA GLU F 132 -2.87 -28.23 3.21
C GLU F 132 -1.41 -28.69 3.18
N ILE F 133 -0.60 -28.25 4.15
CA ILE F 133 0.83 -28.59 4.15
C ILE F 133 1.02 -30.10 4.18
N ASN F 134 0.05 -30.82 4.73
CA ASN F 134 0.14 -32.29 4.82
C ASN F 134 0.20 -32.94 3.44
N LEU F 135 -0.33 -32.28 2.41
CA LEU F 135 -0.34 -32.81 1.06
C LEU F 135 0.78 -32.24 0.20
N GLY F 136 1.73 -31.52 0.79
CA GLY F 136 2.79 -30.94 -0.01
C GLY F 136 2.40 -29.68 -0.76
N VAL F 137 1.24 -29.11 -0.47
CA VAL F 137 0.91 -27.81 -1.05
C VAL F 137 0.67 -26.83 0.09
N ILE F 138 0.00 -25.72 -0.22
CA ILE F 138 -0.31 -24.70 0.76
C ILE F 138 -1.76 -24.29 0.56
N ALA F 139 -2.27 -23.51 1.50
CA ALA F 139 -3.55 -22.84 1.31
C ALA F 139 -3.60 -22.13 -0.05
N GLY F 140 -4.71 -22.28 -0.77
CA GLY F 140 -4.81 -21.69 -2.09
C GLY F 140 -6.02 -20.79 -2.28
N MET F 141 -6.79 -20.59 -1.22
CA MET F 141 -7.98 -19.73 -1.25
C MET F 141 -8.00 -18.81 -0.05
N GLY F 142 -6.84 -18.29 0.33
CA GLY F 142 -6.74 -17.26 1.35
C GLY F 142 -6.35 -17.70 2.75
N GLY F 143 -6.14 -19.00 2.97
CA GLY F 143 -5.73 -19.48 4.29
C GLY F 143 -4.42 -18.92 4.82
N SER F 144 -3.48 -18.55 3.93
CA SER F 144 -2.25 -17.91 4.39
C SER F 144 -2.41 -16.41 4.59
N GLN F 145 -3.50 -15.83 4.06
CA GLN F 145 -3.72 -14.39 4.02
C GLN F 145 -4.79 -13.93 5.02
N ARG F 146 -6.02 -14.45 4.91
CA ARG F 146 -7.07 -14.01 5.81
C ARG F 146 -6.81 -14.46 7.25
N LEU F 147 -6.37 -15.71 7.43
CA LEU F 147 -6.12 -16.18 8.79
C LEU F 147 -5.10 -15.29 9.49
N THR F 148 -4.00 -15.00 8.82
CA THR F 148 -2.95 -14.16 9.38
C THR F 148 -3.46 -12.77 9.73
N ARG F 149 -4.18 -12.15 8.80
N ARG F 149 -4.17 -12.14 8.79
CA ARG F 149 -4.66 -10.79 9.03
CA ARG F 149 -4.67 -10.79 9.04
C ARG F 149 -5.74 -10.75 10.11
C ARG F 149 -5.71 -10.76 10.15
N PHE F 150 -6.50 -11.84 10.29
CA PHE F 150 -7.59 -11.81 11.28
C PHE F 150 -7.13 -12.19 12.68
N ILE F 151 -6.19 -13.14 12.84
CA ILE F 151 -5.88 -13.67 14.16
C ILE F 151 -4.42 -13.45 14.57
N GLY F 152 -3.57 -12.92 13.70
CA GLY F 152 -2.20 -12.65 14.10
C GLY F 152 -1.21 -13.66 13.52
N LYS F 153 0.07 -13.27 13.52
CA LYS F 153 1.08 -14.09 12.86
C LYS F 153 1.27 -15.43 13.55
N SER F 154 1.40 -15.42 14.88
CA SER F 154 1.79 -16.65 15.60
C SER F 154 0.83 -17.79 15.33
N LYS F 155 -0.47 -17.56 15.54
CA LYS F 155 -1.42 -18.66 15.39
C LYS F 155 -1.62 -19.05 13.93
N SER F 156 -1.57 -18.08 13.00
CA SER F 156 -1.67 -18.44 11.60
C SER F 156 -0.45 -19.22 11.13
N MET F 157 0.76 -18.77 11.50
CA MET F 157 1.95 -19.51 11.12
C MET F 157 1.92 -20.93 11.69
N ASP F 158 1.58 -21.04 12.98
CA ASP F 158 1.48 -22.36 13.59
C ASP F 158 0.49 -23.23 12.82
N MET F 159 -0.73 -22.72 12.60
CA MET F 159 -1.76 -23.53 11.95
C MET F 159 -1.34 -23.94 10.54
N ASN F 160 -0.76 -23.01 9.77
CA ASN F 160 -0.41 -23.33 8.38
C ASN F 160 0.82 -24.23 8.29
N LEU F 161 1.74 -24.15 9.25
CA LEU F 161 2.96 -24.96 9.22
C LEU F 161 2.79 -26.34 9.85
N THR F 162 2.04 -26.44 10.94
CA THR F 162 1.88 -27.73 11.61
C THR F 162 0.58 -28.43 11.26
N GLY F 163 -0.38 -27.74 10.66
CA GLY F 163 -1.70 -28.29 10.46
C GLY F 163 -2.54 -28.45 11.71
N ARG F 164 -2.15 -27.85 12.83
CA ARG F 164 -2.92 -28.06 14.05
C ARG F 164 -4.31 -27.45 13.93
N PHE F 165 -5.23 -28.02 14.70
CA PHE F 165 -6.60 -27.53 14.75
C PHE F 165 -6.74 -26.42 15.77
N MET F 166 -7.81 -25.64 15.60
CA MET F 166 -8.16 -24.58 16.53
C MET F 166 -9.63 -24.77 16.90
N ASP F 167 -9.91 -24.89 18.20
CA ASP F 167 -11.28 -25.15 18.63
C ASP F 167 -12.07 -23.85 18.71
N ALA F 168 -13.37 -23.97 19.01
CA ALA F 168 -14.27 -22.84 18.91
C ALA F 168 -13.92 -21.75 19.91
N GLU F 169 -13.54 -22.15 21.12
CA GLU F 169 -13.14 -21.19 22.13
C GLU F 169 -11.91 -20.40 21.68
N GLU F 170 -10.91 -21.11 21.15
CA GLU F 170 -9.74 -20.39 20.64
C GLU F 170 -10.09 -19.54 19.43
N ALA F 171 -11.02 -20.01 18.60
CA ALA F 171 -11.43 -19.23 17.42
C ALA F 171 -12.03 -17.89 17.84
N GLU F 172 -12.86 -17.87 18.89
CA GLU F 172 -13.47 -16.63 19.33
C GLU F 172 -12.45 -15.75 20.03
N ARG F 173 -11.61 -16.36 20.85
CA ARG F 173 -10.59 -15.64 21.60
C ARG F 173 -9.59 -14.96 20.66
N SER F 174 -9.32 -15.56 19.50
CA SER F 174 -8.32 -15.01 18.59
C SER F 174 -8.91 -14.10 17.53
N GLY F 175 -10.25 -14.00 17.46
CA GLY F 175 -10.90 -13.12 16.52
C GLY F 175 -11.30 -13.77 15.21
N LEU F 176 -11.09 -15.08 15.06
CA LEU F 176 -11.49 -15.75 13.82
C LEU F 176 -13.00 -15.77 13.64
N VAL F 177 -13.76 -15.85 14.74
CA VAL F 177 -15.21 -15.88 14.68
C VAL F 177 -15.74 -14.79 15.59
N SER F 178 -16.99 -14.40 15.33
CA SER F 178 -17.59 -13.35 16.14
C SER F 178 -18.28 -13.89 17.38
N ARG F 179 -19.03 -14.99 17.24
CA ARG F 179 -19.86 -15.53 18.30
C ARG F 179 -19.71 -17.05 18.33
N VAL F 180 -19.72 -17.62 19.55
CA VAL F 180 -19.79 -19.06 19.77
C VAL F 180 -21.04 -19.35 20.60
N VAL F 181 -21.83 -20.31 20.15
CA VAL F 181 -23.06 -20.69 20.86
C VAL F 181 -23.14 -22.21 20.94
N PRO F 182 -23.99 -22.75 21.82
CA PRO F 182 -24.20 -24.20 21.84
C PRO F 182 -24.72 -24.70 20.50
N ALA F 183 -24.40 -25.96 20.20
CA ALA F 183 -24.76 -26.56 18.91
C ALA F 183 -26.24 -26.39 18.61
N LYS F 184 -27.10 -26.61 19.60
CA LYS F 184 -28.54 -26.56 19.38
C LYS F 184 -29.05 -25.15 19.12
N LYS F 185 -28.24 -24.13 19.40
CA LYS F 185 -28.63 -22.74 19.19
C LYS F 185 -28.02 -22.11 17.95
N LEU F 186 -27.15 -22.84 17.24
CA LEU F 186 -26.41 -22.24 16.13
C LEU F 186 -27.34 -21.64 15.08
N MET F 187 -28.32 -22.41 14.61
CA MET F 187 -29.14 -21.90 13.52
C MET F 187 -30.07 -20.79 14.01
N GLU F 188 -30.58 -20.90 15.24
CA GLU F 188 -31.40 -19.83 15.79
C GLU F 188 -30.61 -18.54 15.95
N GLU F 189 -29.40 -18.64 16.50
CA GLU F 189 -28.58 -17.44 16.67
C GLU F 189 -28.26 -16.81 15.32
N THR F 190 -27.90 -17.63 14.34
CA THR F 190 -27.53 -17.11 13.02
C THR F 190 -28.71 -16.50 12.30
N MET F 191 -29.85 -17.21 12.27
CA MET F 191 -31.01 -16.68 11.56
C MET F 191 -31.57 -15.43 12.22
N THR F 192 -31.43 -15.32 13.55
CA THR F 192 -31.79 -14.08 14.22
C THR F 192 -30.91 -12.93 13.75
N ALA F 193 -29.60 -13.17 13.64
CA ALA F 193 -28.70 -12.11 13.16
C ALA F 193 -29.01 -11.75 11.72
N ALA F 194 -29.25 -12.75 10.87
CA ALA F 194 -29.59 -12.49 9.48
C ALA F 194 -30.88 -11.70 9.37
N GLN F 195 -31.88 -11.99 10.22
CA GLN F 195 -33.12 -11.24 10.19
C GLN F 195 -32.91 -9.79 10.62
N LYS F 196 -32.09 -9.57 11.65
CA LYS F 196 -31.78 -8.20 12.07
C LYS F 196 -31.13 -7.41 10.94
N ILE F 197 -30.21 -8.03 10.20
CA ILE F 197 -29.58 -7.36 9.07
C ILE F 197 -30.62 -7.04 7.99
N ALA F 198 -31.54 -7.98 7.75
CA ALA F 198 -32.57 -7.78 6.73
C ALA F 198 -33.52 -6.65 7.09
N GLU F 199 -33.59 -6.24 8.36
CA GLU F 199 -34.40 -5.08 8.73
C GLU F 199 -33.79 -3.76 8.30
N LYS F 200 -32.51 -3.74 7.91
CA LYS F 200 -31.83 -2.47 7.68
C LYS F 200 -31.94 -2.04 6.23
N SER F 201 -31.63 -0.77 5.99
CA SER F 201 -31.50 -0.25 4.64
C SER F 201 -30.52 -1.09 3.84
N MET F 202 -30.99 -1.60 2.69
CA MET F 202 -30.13 -2.44 1.86
C MET F 202 -28.95 -1.66 1.29
N ILE F 203 -29.14 -0.38 0.98
CA ILE F 203 -28.04 0.44 0.48
C ILE F 203 -26.97 0.61 1.55
N ALA F 204 -27.40 0.89 2.78
CA ALA F 204 -26.44 1.07 3.88
C ALA F 204 -25.72 -0.23 4.21
N VAL F 205 -26.42 -1.36 4.13
CA VAL F 205 -25.79 -2.65 4.42
C VAL F 205 -24.70 -2.97 3.39
N MET F 206 -24.97 -2.75 2.11
CA MET F 206 -23.94 -2.95 1.09
C MET F 206 -22.76 -2.01 1.31
N ALA F 207 -23.05 -0.75 1.63
CA ALA F 207 -22.00 0.23 1.90
C ALA F 207 -21.13 -0.18 3.09
N VAL F 208 -21.77 -0.61 4.18
CA VAL F 208 -21.06 -1.05 5.40
C VAL F 208 -20.08 -2.17 5.07
N LYS F 209 -20.57 -3.22 4.41
CA LYS F 209 -19.72 -4.34 4.07
C LYS F 209 -18.53 -3.92 3.22
N GLU F 210 -18.76 -3.07 2.22
CA GLU F 210 -17.68 -2.62 1.35
C GLU F 210 -16.69 -1.75 2.12
N ALA F 211 -17.18 -0.86 2.99
CA ALA F 211 -16.28 -0.06 3.80
C ALA F 211 -15.42 -0.93 4.71
N VAL F 212 -16.04 -1.87 5.43
CA VAL F 212 -15.26 -2.77 6.29
C VAL F 212 -14.17 -3.48 5.49
N ASN F 213 -14.51 -3.97 4.29
CA ASN F 213 -13.54 -4.74 3.51
C ASN F 213 -12.39 -3.86 3.00
N ARG F 214 -12.56 -2.53 2.93
CA ARG F 214 -11.42 -1.66 2.60
C ARG F 214 -10.28 -1.83 3.61
N SER F 215 -10.57 -2.30 4.83
CA SER F 215 -9.58 -2.33 5.90
C SER F 215 -8.35 -3.16 5.57
N TYR F 216 -8.46 -4.10 4.64
CA TYR F 216 -7.36 -4.99 4.28
C TYR F 216 -6.71 -4.60 2.96
N GLU F 217 -7.13 -3.50 2.33
CA GLU F 217 -6.64 -3.13 1.01
C GLU F 217 -5.95 -1.78 0.93
N VAL F 218 -6.21 -0.86 1.87
CA VAL F 218 -5.67 0.50 1.76
C VAL F 218 -5.07 0.90 3.11
N PRO F 219 -4.17 1.88 3.11
CA PRO F 219 -3.73 2.51 4.36
C PRO F 219 -4.94 3.05 5.14
N LEU F 220 -4.82 3.04 6.47
CA LEU F 220 -5.92 3.54 7.31
C LEU F 220 -6.38 4.94 6.90
N ARG F 221 -5.42 5.86 6.66
CA ARG F 221 -5.82 7.23 6.34
C ARG F 221 -6.73 7.27 5.10
N GLU F 222 -6.44 6.42 4.12
CA GLU F 222 -7.24 6.36 2.91
C GLU F 222 -8.57 5.63 3.13
N GLY F 223 -8.55 4.55 3.93
CA GLY F 223 -9.79 3.90 4.33
C GLY F 223 -10.73 4.87 5.04
N LEU F 224 -10.18 5.77 5.85
CA LEU F 224 -11.04 6.76 6.51
C LEU F 224 -11.66 7.71 5.49
N LEU F 225 -10.89 8.14 4.49
CA LEU F 225 -11.45 9.00 3.45
C LEU F 225 -12.55 8.28 2.68
N PHE F 226 -12.32 7.02 2.29
CA PHE F 226 -13.33 6.24 1.58
C PHE F 226 -14.61 6.14 2.41
N GLU F 227 -14.48 5.75 3.68
CA GLU F 227 -15.63 5.63 4.57
C GLU F 227 -16.40 6.95 4.67
N ARG F 228 -15.69 8.07 4.84
CA ARG F 228 -16.37 9.35 5.00
C ARG F 228 -17.15 9.71 3.74
N ARG F 229 -16.56 9.48 2.56
CA ARG F 229 -17.24 9.81 1.31
C ARG F 229 -18.47 8.94 1.09
N VAL F 230 -18.40 7.65 1.44
CA VAL F 230 -19.57 6.79 1.29
C VAL F 230 -20.64 7.17 2.30
N PHE F 231 -20.25 7.41 3.54
CA PHE F 231 -21.16 7.93 4.56
C PHE F 231 -21.90 9.17 4.06
N GLN F 232 -21.18 10.12 3.47
CA GLN F 232 -21.82 11.35 2.99
C GLN F 232 -22.77 11.07 1.83
N SER F 233 -22.44 10.11 0.96
CA SER F 233 -23.33 9.82 -0.15
C SER F 233 -24.63 9.17 0.31
N LEU F 234 -24.63 8.49 1.45
CA LEU F 234 -25.84 7.87 1.97
C LEU F 234 -26.91 8.88 2.36
N PHE F 235 -26.70 10.17 2.14
CA PHE F 235 -27.71 11.15 2.48
C PHE F 235 -28.64 11.42 1.30
#